data_8YF5
#
_entry.id   8YF5
#
_cell.length_a   1.00
_cell.length_b   1.00
_cell.length_c   1.00
_cell.angle_alpha   90.00
_cell.angle_beta   90.00
_cell.angle_gamma   90.00
#
_symmetry.space_group_name_H-M   'P 1'
#
loop_
_entity.id
_entity.type
_entity.pdbx_description
1 polymer "5'-3' exoribonuclease"
2 polymer 'Decapping nuclease'
3 polymer 'Exonuclease Rat1p and Rai1p interacting protein'
#
loop_
_entity_poly.entity_id
_entity_poly.type
_entity_poly.pdbx_seq_one_letter_code
_entity_poly.pdbx_strand_id
1 'polypeptide(L)'
;MGVPALFRWLSRKYPKIISPVIQDEDVDIDGESRPTRYEDPNPNGELDNLYLDMNGIVHPCSHPEHKPVPETEDEMMLDV
FAYTENVIMMARPRKVIYIAVDGVAPRAKMNQQRSRRFRSAQDAKDANEKKAAELKEMEKKGEIIDDAIKNKKTWDSNAI
TPGTPFMHRLADSLRYWAAYKLTTDPGWSGIEVIISDASVPGEGEHKIMSYVRSLRSSPKHDPNTTHCIYGLAAALIFLG
LATHEPHFKILREDVFAQDKKSYSLQDQLRMTDIERQELKDKKTPFLWLHLNILREYLQIELNVPGLSFPFDLEKSIDDW
VFICFFCGNDFLPHLPSLDVRDNSITTLVTIWKQILPTMKGYLTTDGYLNLPAVERLLAELAKKEDYIFRKRYEDEKRSL
ENQKRRKLAQEQSSARSQNAPNISTGKDKAPLTPNQNIPLYTTSGESVGIKMTDSEMVNNSALITKANEANKSIAELLKQ
NLQNEINKKRKISNEEQEVVKESVEEVVEEEDDVLVTSDPEDSSTEILIPKNEEIRLWEPGYRKRYYETKFHTKDPQKVK
KIARNMVQKYIEGVSWVLLYYYQGCPSWNWYYPYHYAPFAADFVNLSELKIEFVEGTPFRPYEQLMSVLPAASSHNLPDV
FRSLMSDANSEIIDFYPEEFPLDMNGKKVIWQAIPLLPFIDENRLLKAVQSKYDQLTEDEKFRNTNRSEILVLGRSHSHY
PTLVKELYEEGKDSYEFQVDSSGVSGVAIKLQSFDRSGVLRLPVKQLEGYRHYPDISNRDFLMVEFKQLPKSHAKSMILS
GLIPHLRRLTQEDKDSILYGGTNFYGRNRFSPEENADFKQYIGPHGKSQYLPRQGGYKAFIQIHSDEAKGHRHGIYHGGS
HTETEFRRGGGYHQHGNRGGRGGYQGNQGYQANSGGYQNSYQGSYQGGYRGGYQGGSQGRYQAGYQSGYQGGYQGEYKNG
YQGGYQGNQGNQGYNRQTYNASKSGTLPMKRRHNSGPSSGLEVLFQ
;
A,C
2 'polypeptide(L)'
;GPGMSKEKILPLAARSKKAMLRQPKQVAYFSRDLNYKTHPDRSNLSYYYLPDGDIDNSIDLSVGSKHFLLGDSVELSKLD
PILLALKEIEKESGAKTKDRIITWRGIMRKLLTLPYDSEEDFVLDVVSFDGQLFIQFNVPYLKSKDVQKQGDTEFHKKLQ
FSGYKFEKMATLPKPWPECTRKEIDSRAKSKCNNIEQYGAIVRTGISRIKILIGGAVACTADYYDENDPLSRYIELKTTR
TINQYKDMIAFEKKLFRTWAQCFLLGIPKIIYGFRDDNCILRTVEEFSTNDIPLMVKNNPLNEQPKKENCYMSSINFYGA
VVEWLNESVKDDQVWKLSYAKRNRQYLVLKEVTDENEKQQIVDSAIPAWFKEWRSELRNSEGNI
;
B,D
3 'polypeptide(L)'
;MSYSKDIVLEKLASLEETQISIQSIGQWCLFHHRHAPETVAIWSEFVGSTQTKKLAGLYLANEIIQQSRAKRKTTFLDEF
AKVLPSTLEQIYPSMISTHQAKLKRIIDVWSQRKIFDSNLIHRLYQSIQDQKAYNGLSSSSSNSPPINSGDLAPEISSLS
TLFNKISTLKSSTSLVVNQINEQYSSLFDSETLPGTDIYLKQLGDLSTLITSARSKSQETQELRESIINELKKLIQVQES
WITKDAESSGSLDEKLATVQQKESELKEFINDVEEEDGVPQYAASSDEEGDENVSKKRKMESPPTETVDSGEQPTNPVHP
QLSSILESLSRTTGLTPEPASTSDESATATQKQDETPVSSSINPALASLLSKLNGLEVLFQ
;
E
#
# COMPACT_ATOMS: atom_id res chain seq x y z
N ALA A 5 -15.94 -18.35 -24.02
CA ALA A 5 -16.13 -16.92 -23.77
C ALA A 5 -14.88 -16.32 -23.13
N LEU A 6 -14.30 -17.05 -22.18
CA LEU A 6 -13.08 -16.59 -21.53
C LEU A 6 -11.94 -16.47 -22.52
N PHE A 7 -11.85 -17.42 -23.46
CA PHE A 7 -10.75 -17.43 -24.41
C PHE A 7 -10.70 -16.15 -25.22
N ARG A 8 -11.86 -15.54 -25.49
CA ARG A 8 -11.86 -14.26 -26.17
C ARG A 8 -11.15 -13.20 -25.33
N TRP A 9 -11.43 -13.17 -24.02
CA TRP A 9 -10.76 -12.22 -23.15
C TRP A 9 -9.26 -12.50 -23.09
N LEU A 10 -8.87 -13.77 -23.02
CA LEU A 10 -7.46 -14.10 -23.00
C LEU A 10 -6.78 -13.63 -24.28
N SER A 11 -7.44 -13.81 -25.43
CA SER A 11 -6.86 -13.39 -26.70
C SER A 11 -6.70 -11.88 -26.74
N ARG A 12 -7.72 -11.13 -26.32
CA ARG A 12 -7.67 -9.69 -26.47
C ARG A 12 -6.78 -9.03 -25.43
N LYS A 13 -6.69 -9.59 -24.22
CA LYS A 13 -5.88 -8.99 -23.17
C LYS A 13 -4.41 -9.38 -23.28
N TYR A 14 -4.13 -10.66 -23.53
CA TYR A 14 -2.76 -11.13 -23.70
C TYR A 14 -2.55 -11.51 -25.16
N PRO A 15 -1.87 -10.69 -25.94
CA PRO A 15 -1.81 -10.92 -27.39
C PRO A 15 -0.88 -12.06 -27.78
N LYS A 16 0.28 -12.16 -27.14
CA LYS A 16 1.34 -13.03 -27.62
C LYS A 16 1.22 -14.46 -27.12
N ILE A 17 0.15 -14.80 -26.40
CA ILE A 17 -0.04 -16.18 -25.97
C ILE A 17 -0.26 -17.08 -27.18
N ILE A 18 -1.11 -16.66 -28.09
CA ILE A 18 -1.52 -17.52 -29.20
C ILE A 18 -0.47 -17.49 -30.30
N SER A 19 -0.25 -18.65 -30.92
CA SER A 19 0.62 -18.75 -32.07
C SER A 19 0.11 -19.88 -32.95
N PRO A 20 0.04 -19.69 -34.26
CA PRO A 20 -0.53 -20.73 -35.12
C PRO A 20 0.35 -21.98 -35.14
N VAL A 21 -0.31 -23.13 -35.28
CA VAL A 21 0.39 -24.40 -35.40
C VAL A 21 0.91 -24.54 -36.81
N ILE A 22 2.21 -24.81 -36.95
CA ILE A 22 2.80 -24.98 -38.28
C ILE A 22 2.37 -26.34 -38.82
N GLN A 23 1.34 -26.32 -39.66
CA GLN A 23 0.80 -27.55 -40.26
C GLN A 23 1.58 -27.83 -41.54
N ASP A 24 2.69 -28.53 -41.40
CA ASP A 24 3.56 -28.84 -42.52
C ASP A 24 3.26 -30.24 -43.03
N GLU A 25 3.06 -30.35 -44.34
CA GLU A 25 2.79 -31.63 -44.99
C GLU A 25 3.70 -31.76 -46.21
N ASP A 26 4.28 -32.94 -46.37
CA ASP A 26 5.19 -33.24 -47.48
C ASP A 26 6.32 -32.21 -47.55
N VAL A 27 7.12 -32.19 -46.48
CA VAL A 27 8.23 -31.26 -46.39
C VAL A 27 9.26 -31.59 -47.46
N ASP A 28 9.83 -30.55 -48.06
CA ASP A 28 10.83 -30.71 -49.12
C ASP A 28 12.21 -30.89 -48.48
N ILE A 29 12.41 -32.07 -47.90
CA ILE A 29 13.67 -32.42 -47.26
C ILE A 29 14.67 -32.80 -48.34
N ASP A 30 15.82 -32.11 -48.36
CA ASP A 30 16.87 -32.35 -49.35
C ASP A 30 16.33 -32.24 -50.77
N GLY A 31 15.40 -31.31 -50.97
CA GLY A 31 14.78 -31.11 -52.27
C GLY A 31 13.69 -32.11 -52.60
N GLU A 32 13.35 -33.02 -51.69
CA GLU A 32 12.34 -34.04 -51.92
C GLU A 32 11.15 -33.76 -51.01
N SER A 33 10.00 -33.49 -51.62
CA SER A 33 8.79 -33.22 -50.86
C SER A 33 8.10 -34.51 -50.45
N ARG A 34 8.86 -35.44 -49.86
CA ARG A 34 8.32 -36.70 -49.40
C ARG A 34 7.58 -36.51 -48.07
N PRO A 35 6.68 -37.42 -47.73
CA PRO A 35 5.95 -37.29 -46.46
C PRO A 35 6.90 -37.25 -45.27
N THR A 36 6.54 -36.44 -44.29
CA THR A 36 7.41 -36.23 -43.14
C THR A 36 7.44 -37.48 -42.26
N ARG A 37 8.66 -37.95 -41.96
CA ARG A 37 8.80 -39.07 -41.05
C ARG A 37 8.48 -38.64 -39.63
N TYR A 38 7.94 -39.58 -38.85
CA TYR A 38 7.63 -39.28 -37.46
C TYR A 38 8.87 -38.91 -36.65
N GLU A 39 10.03 -39.36 -37.07
CA GLU A 39 11.28 -39.07 -36.38
C GLU A 39 11.92 -37.76 -36.84
N ASP A 40 11.32 -37.08 -37.82
CA ASP A 40 11.88 -35.82 -38.29
C ASP A 40 11.74 -34.74 -37.22
N PRO A 41 12.68 -33.80 -37.17
CA PRO A 41 12.61 -32.74 -36.16
C PRO A 41 11.33 -31.95 -36.28
N ASN A 42 10.76 -31.60 -35.12
CA ASN A 42 9.49 -30.90 -35.10
C ASN A 42 9.71 -29.39 -35.25
N PRO A 43 9.07 -28.75 -36.23
CA PRO A 43 9.19 -27.28 -36.33
C PRO A 43 8.51 -26.54 -35.19
N ASN A 44 7.69 -27.21 -34.39
CA ASN A 44 7.01 -26.60 -33.26
C ASN A 44 7.75 -26.83 -31.95
N GLY A 45 9.02 -27.21 -32.00
CA GLY A 45 9.77 -27.50 -30.79
C GLY A 45 9.47 -28.88 -30.26
N GLU A 46 10.48 -29.57 -29.76
CA GLU A 46 10.31 -30.94 -29.32
C GLU A 46 9.43 -31.00 -28.07
N LEU A 47 8.61 -32.03 -27.99
CA LEU A 47 7.66 -32.20 -26.91
C LEU A 47 7.78 -33.61 -26.34
N ASP A 48 7.60 -33.73 -25.02
CA ASP A 48 7.80 -35.00 -24.34
C ASP A 48 6.50 -35.75 -24.10
N ASN A 49 5.55 -35.14 -23.40
CA ASN A 49 4.30 -35.80 -23.06
C ASN A 49 3.17 -35.27 -23.92
N LEU A 50 2.03 -35.96 -23.85
CA LEU A 50 0.83 -35.52 -24.56
C LEU A 50 -0.36 -36.19 -23.92
N TYR A 51 -1.31 -35.40 -23.44
CA TYR A 51 -2.50 -35.90 -22.78
C TYR A 51 -3.71 -35.57 -23.65
N LEU A 52 -4.51 -36.58 -23.96
CA LEU A 52 -5.64 -36.43 -24.86
C LEU A 52 -6.94 -36.63 -24.11
N ASP A 53 -7.85 -35.68 -24.25
CA ASP A 53 -9.20 -35.79 -23.71
C ASP A 53 -10.12 -36.25 -24.84
N MET A 54 -10.69 -37.44 -24.70
CA MET A 54 -11.52 -38.00 -25.75
C MET A 54 -12.82 -37.23 -25.95
N ASN A 55 -13.19 -36.36 -25.02
CA ASN A 55 -14.40 -35.56 -25.21
C ASN A 55 -14.26 -34.60 -26.37
N GLY A 56 -13.08 -34.00 -26.53
CA GLY A 56 -12.85 -33.06 -27.60
C GLY A 56 -12.80 -33.67 -28.98
N ILE A 57 -12.95 -34.98 -29.09
CA ILE A 57 -12.95 -35.68 -30.36
C ILE A 57 -14.26 -36.43 -30.59
N VAL A 58 -14.70 -37.20 -29.60
CA VAL A 58 -15.91 -38.02 -29.75
C VAL A 58 -17.08 -37.14 -29.34
N HIS A 59 -17.48 -36.26 -30.25
CA HIS A 59 -18.69 -35.47 -30.10
C HIS A 59 -19.15 -34.90 -31.43
N PRO A 60 -19.90 -35.66 -32.24
CA PRO A 60 -20.45 -35.08 -33.47
C PRO A 60 -21.39 -33.91 -33.22
N CYS A 61 -22.12 -33.93 -32.10
CA CYS A 61 -23.05 -32.84 -31.79
C CYS A 61 -22.32 -31.56 -31.46
N SER A 62 -21.09 -31.65 -30.94
CA SER A 62 -20.33 -30.44 -30.59
C SER A 62 -19.99 -29.61 -31.82
N HIS A 63 -19.88 -30.26 -32.98
CA HIS A 63 -19.56 -29.58 -34.23
C HIS A 63 -20.59 -29.99 -35.28
N PRO A 64 -21.80 -29.45 -35.22
CA PRO A 64 -22.85 -29.80 -36.19
C PRO A 64 -22.89 -28.94 -37.44
N GLU A 65 -21.87 -28.09 -37.67
CA GLU A 65 -21.89 -27.22 -38.85
C GLU A 65 -21.83 -28.04 -40.13
N HIS A 66 -21.03 -29.10 -40.14
CA HIS A 66 -20.92 -29.97 -41.31
C HIS A 66 -21.94 -31.11 -41.19
N LYS A 67 -21.78 -32.14 -42.01
CA LYS A 67 -22.76 -33.22 -42.08
C LYS A 67 -22.17 -34.59 -41.76
N PRO A 68 -21.51 -34.77 -40.61
CA PRO A 68 -20.91 -36.07 -40.31
C PRO A 68 -21.95 -37.17 -40.21
N VAL A 69 -22.88 -37.02 -39.26
CA VAL A 69 -24.02 -37.90 -39.02
C VAL A 69 -23.63 -39.35 -39.31
N PRO A 70 -22.71 -39.94 -38.57
CA PRO A 70 -22.28 -41.31 -38.88
C PRO A 70 -23.33 -42.34 -38.48
N GLU A 71 -23.91 -42.99 -39.47
CA GLU A 71 -24.99 -43.95 -39.20
C GLU A 71 -24.49 -45.14 -38.40
N THR A 72 -23.33 -45.67 -38.75
CA THR A 72 -22.77 -46.83 -38.06
C THR A 72 -21.65 -46.41 -37.13
N GLU A 73 -21.50 -47.16 -36.03
CA GLU A 73 -20.45 -46.87 -35.07
C GLU A 73 -19.07 -46.99 -35.71
N ASP A 74 -18.95 -47.85 -36.74
CA ASP A 74 -17.65 -48.05 -37.38
C ASP A 74 -17.14 -46.77 -38.02
N GLU A 75 -18.05 -46.00 -38.62
CA GLU A 75 -17.66 -44.70 -39.17
C GLU A 75 -17.06 -43.80 -38.10
N MET A 76 -17.72 -43.73 -36.94
CA MET A 76 -17.21 -42.91 -35.85
C MET A 76 -15.85 -43.41 -35.38
N MET A 77 -15.71 -44.73 -35.24
CA MET A 77 -14.44 -45.29 -34.76
C MET A 77 -13.30 -44.91 -35.70
N LEU A 78 -13.52 -45.08 -37.00
CA LEU A 78 -12.44 -44.82 -37.94
C LEU A 78 -12.16 -43.34 -38.11
N ASP A 79 -13.18 -42.49 -38.05
CA ASP A 79 -12.95 -41.04 -38.08
C ASP A 79 -12.17 -40.60 -36.85
N VAL A 80 -12.50 -41.16 -35.69
CA VAL A 80 -11.75 -40.87 -34.48
C VAL A 80 -10.29 -41.29 -34.64
N PHE A 81 -10.07 -42.47 -35.20
CA PHE A 81 -8.71 -42.94 -35.41
C PHE A 81 -7.93 -41.97 -36.30
N ALA A 82 -8.55 -41.55 -37.41
CA ALA A 82 -7.87 -40.64 -38.32
C ALA A 82 -7.56 -39.30 -37.64
N TYR A 83 -8.54 -38.75 -36.92
CA TYR A 83 -8.33 -37.47 -36.26
C TYR A 83 -7.24 -37.55 -35.21
N THR A 84 -7.24 -38.61 -34.40
CA THR A 84 -6.22 -38.78 -33.38
C THR A 84 -4.85 -38.94 -34.01
N GLU A 85 -4.76 -39.70 -35.10
CA GLU A 85 -3.49 -39.85 -35.79
C GLU A 85 -2.98 -38.51 -36.28
N ASN A 86 -3.87 -37.70 -36.86
CA ASN A 86 -3.46 -36.39 -37.35
C ASN A 86 -2.98 -35.50 -36.20
N VAL A 87 -3.71 -35.50 -35.08
CA VAL A 87 -3.36 -34.60 -33.99
C VAL A 87 -2.04 -35.03 -33.35
N ILE A 88 -1.82 -36.32 -33.23
CA ILE A 88 -0.54 -36.79 -32.70
C ILE A 88 0.58 -36.46 -33.67
N MET A 89 0.32 -36.60 -34.97
CA MET A 89 1.34 -36.31 -35.97
C MET A 89 1.77 -34.85 -35.88
N MET A 90 0.81 -33.94 -35.74
CA MET A 90 1.19 -32.54 -35.62
C MET A 90 1.71 -32.20 -34.22
N ALA A 91 1.46 -33.05 -33.23
CA ALA A 91 2.00 -32.82 -31.90
C ALA A 91 3.40 -33.41 -31.72
N ARG A 92 3.61 -34.64 -32.22
CA ARG A 92 4.88 -35.35 -32.14
C ARG A 92 5.41 -35.44 -30.71
N PRO A 93 4.80 -36.25 -29.85
CA PRO A 93 5.40 -36.51 -28.55
C PRO A 93 6.61 -37.42 -28.69
N ARG A 94 7.31 -37.61 -27.57
CA ARG A 94 8.48 -38.47 -27.55
C ARG A 94 8.51 -39.45 -26.39
N LYS A 95 7.79 -39.20 -25.30
CA LYS A 95 7.88 -40.07 -24.13
C LYS A 95 6.57 -40.78 -23.82
N VAL A 96 5.48 -40.07 -23.62
CA VAL A 96 4.26 -40.66 -23.08
C VAL A 96 3.05 -40.06 -23.80
N ILE A 97 2.08 -40.91 -24.10
CA ILE A 97 0.77 -40.48 -24.60
C ILE A 97 -0.27 -40.96 -23.61
N TYR A 98 -1.05 -40.02 -23.09
CA TYR A 98 -2.11 -40.31 -22.13
C TYR A 98 -3.46 -40.17 -22.83
N ILE A 99 -4.29 -41.19 -22.70
CA ILE A 99 -5.63 -41.20 -23.30
C ILE A 99 -6.64 -41.28 -22.17
N ALA A 100 -7.53 -40.30 -22.10
CA ALA A 100 -8.45 -40.16 -20.99
C ALA A 100 -9.89 -40.16 -21.48
N VAL A 101 -10.74 -40.89 -20.76
CA VAL A 101 -12.18 -40.95 -21.03
C VAL A 101 -12.90 -40.66 -19.73
N ASP A 102 -13.99 -39.88 -19.82
CA ASP A 102 -14.75 -39.54 -18.63
C ASP A 102 -15.24 -40.79 -17.92
N GLY A 103 -15.18 -40.76 -16.59
CA GLY A 103 -15.73 -41.79 -15.76
C GLY A 103 -16.98 -41.34 -15.04
N VAL A 104 -17.26 -42.01 -13.92
CA VAL A 104 -18.38 -41.60 -13.09
C VAL A 104 -18.00 -40.28 -12.42
N ALA A 105 -18.63 -39.19 -12.86
CA ALA A 105 -18.30 -37.88 -12.35
C ALA A 105 -18.71 -37.75 -10.89
N PRO A 106 -18.10 -36.83 -10.15
CA PRO A 106 -18.49 -36.62 -8.75
C PRO A 106 -19.91 -36.09 -8.65
N ARG A 107 -20.51 -36.33 -7.47
CA ARG A 107 -21.90 -35.95 -7.24
C ARG A 107 -22.13 -34.47 -7.51
N ALA A 108 -21.13 -33.63 -7.26
CA ALA A 108 -21.30 -32.20 -7.47
C ALA A 108 -21.33 -31.81 -8.95
N LYS A 109 -21.03 -32.74 -9.86
CA LYS A 109 -20.92 -32.35 -11.26
C LYS A 109 -22.15 -32.70 -12.09
N MET A 110 -22.60 -33.95 -12.05
CA MET A 110 -23.66 -34.34 -12.98
C MET A 110 -24.94 -33.56 -12.76
N ASN A 111 -25.14 -33.01 -11.57
CA ASN A 111 -26.29 -32.14 -11.35
C ASN A 111 -26.28 -30.95 -12.30
N GLN A 112 -25.10 -30.55 -12.76
CA GLN A 112 -25.02 -29.49 -13.77
C GLN A 112 -25.51 -30.00 -15.11
N GLN A 113 -24.84 -31.02 -15.66
CA GLN A 113 -25.21 -31.49 -17.00
C GLN A 113 -26.53 -32.25 -17.01
N ARG A 114 -27.04 -32.67 -15.86
CA ARG A 114 -28.39 -33.21 -15.81
C ARG A 114 -29.39 -32.17 -16.28
N SER A 115 -29.19 -30.91 -15.88
CA SER A 115 -29.95 -29.81 -16.46
C SER A 115 -29.65 -29.68 -17.95
N ARG A 116 -28.37 -29.84 -18.34
CA ARG A 116 -28.01 -29.78 -19.74
C ARG A 116 -28.61 -30.95 -20.51
N ARG A 117 -28.63 -32.14 -19.91
CA ARG A 117 -29.22 -33.30 -20.58
C ARG A 117 -30.71 -33.10 -20.83
N PHE A 118 -31.43 -32.56 -19.85
CA PHE A 118 -32.87 -32.37 -20.01
C PHE A 118 -33.18 -31.32 -21.07
N ARG A 119 -32.27 -30.38 -21.29
CA ARG A 119 -32.50 -29.36 -22.31
C ARG A 119 -32.60 -29.99 -23.69
N SER A 120 -31.75 -30.97 -23.98
CA SER A 120 -31.87 -31.70 -25.25
C SER A 120 -33.19 -32.44 -25.32
N ALA A 121 -33.59 -33.09 -24.22
CA ALA A 121 -34.88 -33.78 -24.19
C ALA A 121 -36.03 -32.78 -24.31
N GLN A 122 -35.92 -31.63 -23.63
CA GLN A 122 -36.96 -30.61 -23.73
C GLN A 122 -37.07 -30.07 -25.14
N ASP A 123 -35.94 -29.82 -25.79
CA ASP A 123 -35.96 -29.31 -27.15
C ASP A 123 -36.43 -30.38 -28.14
N ALA A 124 -36.07 -31.64 -27.89
CA ALA A 124 -36.47 -32.71 -28.80
C ALA A 124 -37.99 -32.85 -28.86
N LYS A 125 -38.66 -32.75 -27.71
CA LYS A 125 -40.12 -32.84 -27.68
C LYS A 125 -40.74 -31.70 -28.49
N ASP A 126 -40.25 -30.48 -28.29
CA ASP A 126 -40.81 -29.34 -29.01
C ASP A 126 -40.48 -29.40 -30.50
N ALA A 127 -39.27 -29.83 -30.84
CA ALA A 127 -38.88 -29.92 -32.24
C ALA A 127 -39.69 -30.98 -32.98
N ASN A 128 -39.94 -32.12 -32.32
CA ASN A 128 -40.67 -33.21 -32.97
C ASN A 128 -42.10 -32.81 -33.31
N GLU A 129 -42.78 -32.12 -32.39
CA GLU A 129 -44.16 -31.71 -32.62
C GLU A 129 -44.23 -30.52 -33.57
N THR A 154 -29.84 -39.66 -37.53
CA THR A 154 -28.87 -39.02 -36.65
C THR A 154 -28.60 -39.88 -35.41
N TRP A 155 -27.35 -39.90 -34.98
CA TRP A 155 -26.98 -40.71 -33.83
C TRP A 155 -27.48 -40.07 -32.54
N ASP A 156 -27.58 -40.90 -31.50
CA ASP A 156 -28.04 -40.45 -30.19
C ASP A 156 -26.90 -39.71 -29.50
N SER A 157 -27.08 -38.41 -29.27
CA SER A 157 -26.06 -37.61 -28.62
C SER A 157 -25.82 -38.05 -27.19
N ASN A 158 -26.89 -38.41 -26.46
CA ASN A 158 -26.76 -38.83 -25.08
C ASN A 158 -26.02 -40.16 -24.93
N ALA A 159 -25.81 -40.89 -26.03
CA ALA A 159 -25.11 -42.17 -25.95
C ALA A 159 -23.65 -42.02 -25.55
N ILE A 160 -23.10 -40.81 -25.58
CA ILE A 160 -21.72 -40.58 -25.14
C ILE A 160 -21.79 -40.35 -23.63
N THR A 161 -21.82 -41.45 -22.88
CA THR A 161 -21.92 -41.43 -21.44
C THR A 161 -21.34 -42.73 -20.91
N PRO A 162 -20.57 -42.71 -19.83
CA PRO A 162 -20.05 -43.97 -19.28
C PRO A 162 -21.17 -44.92 -18.90
N GLY A 163 -20.95 -46.21 -19.16
CA GLY A 163 -21.92 -47.24 -18.88
C GLY A 163 -22.67 -47.77 -20.08
N THR A 164 -22.63 -47.05 -21.20
CA THR A 164 -23.28 -47.54 -22.40
C THR A 164 -22.44 -48.66 -23.04
N PRO A 165 -23.07 -49.58 -23.77
CA PRO A 165 -22.29 -50.57 -24.52
C PRO A 165 -21.42 -49.94 -25.58
N PHE A 166 -21.68 -48.69 -25.97
CA PHE A 166 -20.88 -48.05 -27.00
C PHE A 166 -19.42 -47.89 -26.55
N MET A 167 -19.21 -47.45 -25.31
CA MET A 167 -17.84 -47.38 -24.79
C MET A 167 -17.22 -48.76 -24.69
N HIS A 168 -17.99 -49.75 -24.26
CA HIS A 168 -17.46 -51.10 -24.23
C HIS A 168 -16.96 -51.52 -25.59
N ARG A 169 -17.60 -51.04 -26.66
CA ARG A 169 -17.03 -51.17 -27.99
C ARG A 169 -15.90 -50.19 -28.23
N LEU A 170 -16.00 -48.99 -27.65
CA LEU A 170 -14.96 -47.99 -27.85
C LEU A 170 -13.70 -48.34 -27.06
N ALA A 171 -13.86 -48.91 -25.86
CA ALA A 171 -12.70 -49.22 -25.04
C ALA A 171 -11.78 -50.20 -25.75
N ASP A 172 -12.35 -51.24 -26.36
CA ASP A 172 -11.54 -52.17 -27.13
C ASP A 172 -10.97 -51.50 -28.38
N SER A 173 -11.68 -50.50 -28.91
CA SER A 173 -11.20 -49.81 -30.11
C SER A 173 -9.88 -49.10 -29.85
N LEU A 174 -9.76 -48.43 -28.70
CA LEU A 174 -8.55 -47.69 -28.41
C LEU A 174 -7.35 -48.63 -28.28
N ARG A 175 -7.54 -49.75 -27.58
CA ARG A 175 -6.42 -50.66 -27.34
C ARG A 175 -5.85 -51.21 -28.63
N TYR A 176 -6.73 -51.58 -29.57
CA TYR A 176 -6.25 -52.07 -30.86
C TYR A 176 -5.46 -50.99 -31.59
N TRP A 177 -5.96 -49.76 -31.59
CA TRP A 177 -5.25 -48.68 -32.26
C TRP A 177 -3.91 -48.41 -31.58
N ALA A 178 -3.86 -48.48 -30.26
CA ALA A 178 -2.60 -48.31 -29.55
C ALA A 178 -1.61 -49.40 -29.92
N ALA A 179 -2.07 -50.66 -29.98
CA ALA A 179 -1.18 -51.75 -30.32
C ALA A 179 -0.68 -51.62 -31.76
N TYR A 180 -1.58 -51.29 -32.69
CA TYR A 180 -1.18 -51.20 -34.08
C TYR A 180 -0.18 -50.07 -34.30
N LYS A 181 -0.41 -48.92 -33.69
CA LYS A 181 0.49 -47.79 -33.89
C LYS A 181 1.88 -48.09 -33.36
N LEU A 182 1.96 -48.75 -32.20
CA LEU A 182 3.26 -49.04 -31.61
C LEU A 182 4.04 -50.05 -32.43
N THR A 183 3.38 -51.12 -32.86
CA THR A 183 4.07 -52.26 -33.45
C THR A 183 4.48 -52.03 -34.89
N THR A 184 4.06 -50.95 -35.52
CA THR A 184 4.38 -50.70 -36.92
C THR A 184 5.26 -49.48 -37.12
N ASP A 185 4.90 -48.35 -36.53
CA ASP A 185 5.63 -47.11 -36.78
C ASP A 185 7.02 -47.17 -36.18
N PRO A 186 8.08 -46.94 -36.96
CA PRO A 186 9.44 -46.96 -36.38
C PRO A 186 9.65 -45.88 -35.33
N GLY A 187 9.00 -44.73 -35.47
CA GLY A 187 9.23 -43.64 -34.53
C GLY A 187 8.60 -43.85 -33.17
N TRP A 188 7.65 -44.78 -33.07
CA TRP A 188 6.94 -45.02 -31.82
C TRP A 188 7.62 -46.07 -30.96
N SER A 189 8.93 -46.26 -31.11
CA SER A 189 9.63 -47.26 -30.32
C SER A 189 9.62 -46.89 -28.84
N GLY A 190 10.01 -45.66 -28.52
CA GLY A 190 10.12 -45.23 -27.14
C GLY A 190 8.86 -44.73 -26.49
N ILE A 191 7.74 -44.74 -27.20
CA ILE A 191 6.51 -44.18 -26.67
C ILE A 191 5.81 -45.20 -25.80
N GLU A 192 5.19 -44.73 -24.72
CA GLU A 192 4.31 -45.54 -23.91
C GLU A 192 2.93 -44.88 -23.89
N VAL A 193 1.88 -45.68 -23.94
CA VAL A 193 0.52 -45.19 -23.99
C VAL A 193 -0.23 -45.73 -22.78
N ILE A 194 -0.91 -44.84 -22.07
CA ILE A 194 -1.74 -45.18 -20.93
C ILE A 194 -3.18 -44.88 -21.29
N ILE A 195 -4.05 -45.86 -21.13
CA ILE A 195 -5.45 -45.74 -21.50
C ILE A 195 -6.29 -45.89 -20.24
N SER A 196 -7.10 -44.89 -19.95
CA SER A 196 -8.04 -44.90 -18.84
C SER A 196 -9.45 -44.84 -19.44
N ASP A 197 -10.09 -45.99 -19.59
CA ASP A 197 -11.39 -46.05 -20.24
C ASP A 197 -12.45 -45.43 -19.34
N ALA A 198 -13.70 -45.47 -19.83
CA ALA A 198 -14.82 -44.96 -19.03
C ALA A 198 -15.04 -45.78 -17.78
N SER A 199 -14.50 -47.00 -17.72
CA SER A 199 -14.65 -47.81 -16.51
C SER A 199 -13.94 -47.16 -15.32
N VAL A 200 -12.82 -46.49 -15.57
CA VAL A 200 -12.09 -45.85 -14.47
C VAL A 200 -12.84 -44.61 -14.01
N PRO A 201 -13.17 -44.50 -12.72
CA PRO A 201 -13.91 -43.33 -12.25
C PRO A 201 -13.07 -42.06 -12.35
N GLY A 202 -13.77 -40.94 -12.49
CA GLY A 202 -13.11 -39.66 -12.54
C GLY A 202 -13.41 -38.87 -13.80
N GLU A 203 -13.48 -37.54 -13.66
CA GLU A 203 -13.73 -36.68 -14.80
C GLU A 203 -12.49 -36.64 -15.71
N GLY A 204 -12.70 -36.25 -16.96
CA GLY A 204 -11.66 -36.26 -17.95
C GLY A 204 -10.39 -35.54 -17.58
N GLU A 205 -10.42 -34.20 -17.54
CA GLU A 205 -9.19 -33.47 -17.26
C GLU A 205 -8.74 -33.59 -15.82
N HIS A 206 -9.60 -34.09 -14.93
CA HIS A 206 -9.15 -34.37 -13.58
C HIS A 206 -8.11 -35.48 -13.57
N LYS A 207 -8.29 -36.50 -14.41
CA LYS A 207 -7.35 -37.60 -14.45
C LYS A 207 -5.96 -37.14 -14.86
N ILE A 208 -5.88 -36.27 -15.87
CA ILE A 208 -4.59 -35.73 -16.26
C ILE A 208 -3.96 -34.95 -15.11
N MET A 209 -4.75 -34.13 -14.43
CA MET A 209 -4.24 -33.36 -13.31
C MET A 209 -3.72 -34.26 -12.21
N SER A 210 -4.46 -35.32 -11.88
CA SER A 210 -4.01 -36.25 -10.85
C SER A 210 -2.75 -36.96 -11.30
N TYR A 211 -2.69 -37.37 -12.56
CA TYR A 211 -1.51 -38.10 -13.04
C TYR A 211 -0.26 -37.23 -12.98
N VAL A 212 -0.37 -35.97 -13.40
CA VAL A 212 0.79 -35.09 -13.38
C VAL A 212 1.29 -34.90 -11.96
N ARG A 213 0.37 -34.71 -11.01
CA ARG A 213 0.77 -34.60 -9.62
C ARG A 213 1.47 -35.87 -9.14
N SER A 214 1.05 -37.03 -9.65
CA SER A 214 1.74 -38.26 -9.29
C SER A 214 3.18 -38.25 -9.77
N LEU A 215 3.41 -37.78 -11.00
CA LEU A 215 4.78 -37.63 -11.49
C LEU A 215 5.56 -36.60 -10.69
N ARG A 216 4.85 -35.69 -10.01
CA ARG A 216 5.54 -34.66 -9.24
C ARG A 216 6.17 -35.24 -7.97
N SER A 217 5.53 -36.22 -7.35
CA SER A 217 6.01 -36.75 -6.08
C SER A 217 7.25 -37.62 -6.22
N SER A 218 7.65 -37.97 -7.44
CA SER A 218 8.87 -38.73 -7.62
C SER A 218 10.08 -37.81 -7.51
N PRO A 219 11.00 -38.06 -6.59
CA PRO A 219 12.17 -37.18 -6.48
C PRO A 219 13.05 -37.21 -7.72
N LYS A 220 12.97 -38.25 -8.53
CA LYS A 220 13.76 -38.35 -9.75
C LYS A 220 13.11 -37.67 -10.94
N HIS A 221 11.98 -36.99 -10.74
CA HIS A 221 11.28 -36.36 -11.83
C HIS A 221 12.16 -35.31 -12.50
N ASP A 222 12.04 -35.23 -13.82
CA ASP A 222 12.82 -34.27 -14.59
C ASP A 222 12.13 -32.92 -14.59
N PRO A 223 12.73 -31.88 -14.02
CA PRO A 223 12.04 -30.58 -13.96
C PRO A 223 11.73 -29.99 -15.32
N ASN A 224 12.51 -30.31 -16.35
CA ASN A 224 12.35 -29.70 -17.66
C ASN A 224 11.47 -30.52 -18.59
N THR A 225 10.50 -31.25 -18.06
CA THR A 225 9.60 -32.02 -18.89
C THR A 225 8.64 -31.08 -19.62
N THR A 226 8.50 -31.26 -20.91
CA THR A 226 7.58 -30.46 -21.72
C THR A 226 6.28 -31.22 -21.88
N HIS A 227 5.18 -30.60 -21.50
CA HIS A 227 3.87 -31.23 -21.56
C HIS A 227 2.99 -30.53 -22.58
N CYS A 228 1.85 -31.16 -22.88
CA CYS A 228 0.88 -30.57 -23.79
C CYS A 228 -0.44 -31.30 -23.62
N ILE A 229 -1.51 -30.56 -23.38
CA ILE A 229 -2.86 -31.10 -23.26
C ILE A 229 -3.64 -30.70 -24.48
N TYR A 230 -4.30 -31.66 -25.12
CA TYR A 230 -5.24 -31.37 -26.19
C TYR A 230 -6.63 -31.36 -25.60
N GLY A 231 -7.23 -30.18 -25.50
CA GLY A 231 -8.56 -30.04 -24.95
C GLY A 231 -9.30 -28.89 -25.59
N LEU A 232 -10.59 -28.81 -25.29
CA LEU A 232 -11.45 -27.79 -25.84
C LEU A 232 -12.02 -26.84 -24.79
N ALA A 233 -12.17 -27.30 -23.55
CA ALA A 233 -12.71 -26.43 -22.51
C ALA A 233 -11.71 -25.33 -22.16
N ALA A 234 -12.23 -24.18 -21.76
CA ALA A 234 -11.37 -23.08 -21.35
C ALA A 234 -10.76 -23.30 -19.99
N ALA A 235 -11.29 -24.23 -19.19
CA ALA A 235 -10.74 -24.49 -17.87
C ALA A 235 -9.32 -25.02 -17.94
N LEU A 236 -8.89 -25.50 -19.10
CA LEU A 236 -7.54 -26.06 -19.22
C LEU A 236 -6.47 -25.01 -18.94
N ILE A 237 -6.76 -23.75 -19.23
CA ILE A 237 -5.78 -22.69 -18.99
C ILE A 237 -5.45 -22.60 -17.50
N PHE A 238 -6.48 -22.62 -16.66
CA PHE A 238 -6.24 -22.58 -15.22
C PHE A 238 -5.65 -23.89 -14.73
N LEU A 239 -6.18 -25.01 -15.19
CA LEU A 239 -5.65 -26.30 -14.78
C LEU A 239 -4.19 -26.46 -15.20
N GLY A 240 -3.79 -25.80 -16.30
CA GLY A 240 -2.39 -25.83 -16.69
C GLY A 240 -1.51 -25.10 -15.70
N LEU A 241 -1.96 -23.95 -15.20
CA LEU A 241 -1.16 -23.19 -14.25
C LEU A 241 -1.14 -23.82 -12.87
N ALA A 242 -2.11 -24.68 -12.56
CA ALA A 242 -2.13 -25.32 -11.25
C ALA A 242 -0.93 -26.24 -11.07
N THR A 243 -0.49 -26.90 -12.13
CA THR A 243 0.62 -27.83 -12.03
C THR A 243 1.92 -27.12 -11.68
N HIS A 244 2.07 -25.86 -12.07
CA HIS A 244 3.31 -25.12 -11.89
C HIS A 244 4.48 -25.81 -12.59
N GLU A 245 4.22 -26.32 -13.79
CA GLU A 245 5.29 -26.79 -14.67
C GLU A 245 5.47 -25.77 -15.77
N PRO A 246 6.52 -24.95 -15.72
CA PRO A 246 6.63 -23.86 -16.69
C PRO A 246 6.61 -24.30 -18.14
N HIS A 247 7.23 -25.43 -18.45
CA HIS A 247 7.23 -25.93 -19.83
C HIS A 247 5.91 -26.65 -20.06
N PHE A 248 4.93 -25.92 -20.55
CA PHE A 248 3.58 -26.43 -20.69
C PHE A 248 2.89 -25.66 -21.80
N LYS A 249 1.96 -26.32 -22.47
CA LYS A 249 1.18 -25.66 -23.52
C LYS A 249 -0.06 -26.48 -23.79
N ILE A 250 -1.01 -25.86 -24.49
CA ILE A 250 -2.29 -26.47 -24.79
C ILE A 250 -2.52 -26.38 -26.29
N LEU A 251 -2.95 -27.49 -26.88
CA LEU A 251 -3.23 -27.55 -28.31
C LEU A 251 -4.73 -27.41 -28.54
N ARG A 252 -5.11 -26.45 -29.39
CA ARG A 252 -6.51 -26.16 -29.64
C ARG A 252 -6.65 -25.56 -31.03
N GLU A 253 -7.69 -26.00 -31.74
CA GLU A 253 -7.97 -25.47 -33.07
C GLU A 253 -8.46 -24.03 -32.99
N ASP A 254 -8.34 -23.32 -34.10
CA ASP A 254 -8.71 -21.91 -34.17
C ASP A 254 -10.22 -21.78 -34.03
N VAL A 255 -10.68 -21.33 -32.86
CA VAL A 255 -12.11 -21.17 -32.64
C VAL A 255 -12.65 -19.98 -33.44
N PHE A 256 -11.90 -18.89 -33.50
CA PHE A 256 -12.41 -17.68 -34.13
C PHE A 256 -12.25 -17.66 -35.64
N ALA A 257 -11.61 -18.67 -36.23
CA ALA A 257 -11.49 -18.77 -37.67
C ALA A 257 -12.23 -19.97 -38.25
N GLN A 258 -12.67 -20.92 -37.43
CA GLN A 258 -13.41 -22.06 -37.94
C GLN A 258 -14.82 -21.66 -38.40
N ASP A 259 -15.44 -20.71 -37.70
CA ASP A 259 -16.76 -20.24 -38.11
C ASP A 259 -16.67 -19.30 -39.30
N LYS A 260 -15.61 -18.48 -39.36
CA LYS A 260 -15.44 -17.54 -40.46
C LYS A 260 -14.44 -18.06 -41.48
N ASP A 281 -13.24 -30.51 -45.03
CA ASP A 281 -12.35 -31.26 -45.91
C ASP A 281 -10.91 -30.74 -45.86
N LYS A 282 -10.75 -29.42 -45.92
CA LYS A 282 -9.44 -28.81 -45.80
C LYS A 282 -8.95 -28.91 -44.35
N LYS A 283 -7.62 -28.98 -44.21
CA LYS A 283 -7.02 -29.16 -42.88
C LYS A 283 -7.36 -27.99 -41.98
N THR A 284 -7.97 -28.29 -40.84
CA THR A 284 -8.34 -27.26 -39.90
C THR A 284 -7.10 -26.68 -39.23
N PRO A 285 -6.94 -25.37 -39.18
CA PRO A 285 -5.81 -24.79 -38.45
C PRO A 285 -5.94 -25.00 -36.95
N PHE A 286 -4.80 -25.02 -36.27
CA PHE A 286 -4.76 -25.20 -34.83
C PHE A 286 -3.89 -24.10 -34.23
N LEU A 287 -4.13 -23.84 -32.94
CA LEU A 287 -3.48 -22.74 -32.24
C LEU A 287 -2.66 -23.29 -31.09
N TRP A 288 -1.36 -23.03 -31.11
CA TRP A 288 -0.54 -23.24 -29.93
C TRP A 288 -0.84 -22.17 -28.89
N LEU A 289 -0.92 -22.59 -27.63
CA LEU A 289 -1.32 -21.69 -26.55
C LEU A 289 -0.27 -21.83 -25.45
N HIS A 290 0.83 -21.08 -25.59
CA HIS A 290 2.00 -21.27 -24.74
C HIS A 290 1.73 -20.71 -23.35
N LEU A 291 1.56 -21.61 -22.39
CA LEU A 291 1.36 -21.17 -21.01
C LEU A 291 2.61 -20.53 -20.43
N ASN A 292 3.79 -20.99 -20.82
CA ASN A 292 5.01 -20.44 -20.27
C ASN A 292 5.11 -18.95 -20.54
N ILE A 293 4.58 -18.48 -21.66
CA ILE A 293 4.56 -17.05 -21.94
C ILE A 293 3.58 -16.36 -21.00
N LEU A 294 2.42 -16.99 -20.74
CA LEU A 294 1.46 -16.41 -19.82
C LEU A 294 2.06 -16.25 -18.43
N ARG A 295 2.99 -17.13 -18.07
CA ARG A 295 3.72 -16.95 -16.82
C ARG A 295 4.51 -15.66 -16.84
N GLU A 296 5.05 -15.27 -18.00
CA GLU A 296 5.77 -14.00 -18.09
C GLU A 296 4.84 -12.82 -17.86
N TYR A 297 3.65 -12.85 -18.46
CA TYR A 297 2.71 -11.75 -18.29
C TYR A 297 2.29 -11.58 -16.84
N LEU A 298 1.85 -12.67 -16.21
CA LEU A 298 1.32 -12.56 -14.86
C LEU A 298 2.40 -12.13 -13.87
N GLN A 299 3.66 -12.43 -14.14
CA GLN A 299 4.73 -11.99 -13.26
C GLN A 299 4.80 -10.47 -13.21
N ILE A 300 4.71 -9.82 -14.37
CA ILE A 300 4.71 -8.37 -14.39
C ILE A 300 3.39 -7.82 -13.85
N GLU A 301 2.27 -8.40 -14.28
CA GLU A 301 0.97 -7.84 -13.94
C GLU A 301 0.70 -7.91 -12.44
N LEU A 302 1.05 -9.02 -11.80
CA LEU A 302 0.72 -9.25 -10.41
C LEU A 302 1.79 -8.76 -9.45
N ASN A 303 2.79 -8.04 -9.94
CA ASN A 303 3.86 -7.54 -9.07
C ASN A 303 3.48 -6.17 -8.52
N VAL A 304 2.56 -6.18 -7.56
CA VAL A 304 2.14 -4.96 -6.88
C VAL A 304 3.23 -4.51 -5.92
N PRO A 305 3.70 -3.27 -6.02
CA PRO A 305 4.78 -2.81 -5.14
C PRO A 305 4.27 -2.55 -3.74
N GLY A 306 5.21 -2.50 -2.80
CA GLY A 306 4.91 -2.17 -1.44
C GLY A 306 4.12 -3.22 -0.70
N LEU A 307 4.74 -4.37 -0.42
CA LEU A 307 4.11 -5.46 0.28
C LEU A 307 4.89 -5.78 1.55
N SER A 308 4.16 -6.26 2.57
CA SER A 308 4.76 -6.60 3.84
C SER A 308 5.47 -7.95 3.82
N PHE A 309 5.33 -8.72 2.74
CA PHE A 309 5.94 -10.03 2.59
C PHE A 309 6.64 -10.11 1.25
N PRO A 310 7.62 -11.00 1.11
CA PRO A 310 8.33 -11.11 -0.17
C PRO A 310 7.40 -11.53 -1.29
N PHE A 311 7.66 -11.00 -2.48
CA PHE A 311 6.84 -11.33 -3.64
C PHE A 311 7.04 -12.78 -4.05
N ASP A 312 5.97 -13.40 -4.53
CA ASP A 312 6.03 -14.81 -4.93
C ASP A 312 5.04 -15.00 -6.07
N LEU A 313 5.53 -14.91 -7.31
CA LEU A 313 4.63 -15.07 -8.45
C LEU A 313 4.03 -16.46 -8.47
N GLU A 314 4.75 -17.45 -7.97
CA GLU A 314 4.20 -18.80 -7.90
C GLU A 314 2.99 -18.84 -6.98
N LYS A 315 3.08 -18.20 -5.81
CA LYS A 315 1.93 -18.16 -4.92
C LYS A 315 0.82 -17.30 -5.49
N SER A 316 1.18 -16.23 -6.20
CA SER A 316 0.18 -15.30 -6.73
C SER A 316 -0.72 -15.97 -7.73
N ILE A 317 -0.16 -16.84 -8.58
CA ILE A 317 -0.94 -17.46 -9.65
C ILE A 317 -2.08 -18.27 -9.07
N ASP A 318 -1.85 -18.95 -7.95
CA ASP A 318 -2.93 -19.68 -7.29
C ASP A 318 -4.04 -18.73 -6.87
N ASP A 319 -3.68 -17.57 -6.32
CA ASP A 319 -4.69 -16.57 -6.02
C ASP A 319 -5.37 -16.09 -7.30
N TRP A 320 -4.58 -15.87 -8.35
CA TRP A 320 -5.14 -15.44 -9.62
C TRP A 320 -6.08 -16.49 -10.21
N VAL A 321 -5.69 -17.76 -10.14
CA VAL A 321 -6.56 -18.82 -10.62
C VAL A 321 -7.82 -18.91 -9.76
N PHE A 322 -7.65 -18.84 -8.44
CA PHE A 322 -8.80 -18.93 -7.54
C PHE A 322 -9.81 -17.82 -7.82
N ILE A 323 -9.32 -16.64 -8.15
CA ILE A 323 -10.21 -15.54 -8.52
C ILE A 323 -11.01 -15.90 -9.76
N CYS A 324 -10.35 -16.51 -10.75
CA CYS A 324 -10.98 -16.84 -12.02
C CYS A 324 -12.04 -17.93 -11.87
N PHE A 325 -12.29 -18.38 -10.64
CA PHE A 325 -13.31 -19.38 -10.39
C PHE A 325 -14.59 -18.81 -9.83
N PHE A 326 -14.53 -17.65 -9.18
CA PHE A 326 -15.77 -16.96 -8.82
C PHE A 326 -16.52 -16.51 -10.07
N CYS A 327 -15.79 -16.04 -11.08
CA CYS A 327 -16.42 -15.51 -12.28
C CYS A 327 -17.17 -16.59 -13.06
N GLY A 328 -16.95 -17.85 -12.75
CA GLY A 328 -17.70 -18.91 -13.38
C GLY A 328 -17.00 -20.25 -13.41
N ASN A 329 -17.75 -21.31 -13.11
CA ASN A 329 -17.22 -22.67 -13.15
C ASN A 329 -18.40 -23.61 -13.29
N ASP A 330 -18.09 -24.87 -13.65
CA ASP A 330 -19.14 -25.83 -13.94
C ASP A 330 -19.91 -26.27 -12.72
N PHE A 331 -19.42 -25.99 -11.51
CA PHE A 331 -20.00 -26.57 -10.31
C PHE A 331 -20.87 -25.62 -9.52
N LEU A 332 -20.62 -24.32 -9.59
CA LEU A 332 -21.38 -23.37 -8.79
C LEU A 332 -21.99 -22.29 -9.67
N PRO A 333 -23.22 -21.88 -9.39
CA PRO A 333 -23.81 -20.77 -10.14
C PRO A 333 -23.01 -19.49 -9.96
N HIS A 334 -22.92 -18.72 -11.03
CA HIS A 334 -22.12 -17.50 -10.98
C HIS A 334 -22.77 -16.48 -10.04
N LEU A 335 -21.93 -15.62 -9.48
CA LEU A 335 -22.44 -14.59 -8.58
C LEU A 335 -23.35 -13.64 -9.34
N PRO A 336 -24.41 -13.12 -8.72
CA PRO A 336 -25.35 -12.26 -9.45
C PRO A 336 -24.69 -11.02 -10.04
N SER A 337 -23.67 -10.49 -9.39
CA SER A 337 -23.03 -9.27 -9.86
C SER A 337 -21.80 -9.54 -10.72
N LEU A 338 -21.51 -10.80 -11.03
CA LEU A 338 -20.31 -11.15 -11.76
C LEU A 338 -20.67 -11.72 -13.12
N ASP A 339 -20.09 -11.13 -14.17
CA ASP A 339 -20.27 -11.59 -15.54
C ASP A 339 -18.93 -11.56 -16.24
N VAL A 340 -18.57 -12.69 -16.87
CA VAL A 340 -17.32 -12.73 -17.64
C VAL A 340 -17.38 -11.75 -18.80
N ARG A 341 -18.56 -11.61 -19.41
CA ARG A 341 -18.72 -10.61 -20.47
C ARG A 341 -18.52 -9.20 -19.93
N ASP A 342 -18.86 -8.97 -18.66
CA ASP A 342 -18.62 -7.67 -18.03
C ASP A 342 -17.19 -7.52 -17.53
N ASN A 343 -16.28 -8.40 -17.95
CA ASN A 343 -14.88 -8.35 -17.53
C ASN A 343 -14.75 -8.40 -16.03
N SER A 344 -15.61 -9.20 -15.38
CA SER A 344 -15.58 -9.29 -13.92
C SER A 344 -14.25 -9.82 -13.42
N ILE A 345 -13.52 -10.58 -14.23
CA ILE A 345 -12.20 -11.05 -13.82
C ILE A 345 -11.28 -9.87 -13.55
N THR A 346 -11.29 -8.89 -14.45
CA THR A 346 -10.52 -7.67 -14.20
C THR A 346 -11.04 -6.92 -12.99
N THR A 347 -12.36 -6.95 -12.76
CA THR A 347 -12.93 -6.31 -11.59
C THR A 347 -12.37 -6.92 -10.31
N LEU A 348 -12.33 -8.25 -10.24
CA LEU A 348 -11.79 -8.90 -9.06
C LEU A 348 -10.30 -8.65 -8.92
N VAL A 349 -9.57 -8.65 -10.04
CA VAL A 349 -8.12 -8.47 -9.99
C VAL A 349 -7.78 -7.11 -9.39
N THR A 350 -8.47 -6.07 -9.84
CA THR A 350 -8.23 -4.74 -9.28
C THR A 350 -8.54 -4.73 -7.78
N ILE A 351 -9.65 -5.33 -7.39
CA ILE A 351 -9.98 -5.44 -5.97
C ILE A 351 -8.89 -6.22 -5.24
N TRP A 352 -8.43 -7.32 -5.85
CA TRP A 352 -7.38 -8.11 -5.23
C TRP A 352 -6.10 -7.30 -5.05
N LYS A 353 -5.84 -6.34 -5.94
CA LYS A 353 -4.62 -5.55 -5.85
C LYS A 353 -4.64 -4.64 -4.63
N GLN A 354 -5.72 -3.90 -4.43
CA GLN A 354 -5.77 -2.96 -3.31
C GLN A 354 -5.85 -3.69 -1.97
N ILE A 355 -6.60 -4.79 -1.92
CA ILE A 355 -6.77 -5.50 -0.66
C ILE A 355 -5.50 -6.21 -0.22
N LEU A 356 -4.53 -6.36 -1.12
CA LEU A 356 -3.39 -7.21 -0.83
C LEU A 356 -2.38 -6.58 0.14
N PRO A 357 -1.93 -5.33 -0.06
CA PRO A 357 -0.88 -4.80 0.82
C PRO A 357 -1.26 -4.84 2.29
N THR A 358 -2.52 -4.59 2.62
CA THR A 358 -2.93 -4.67 4.02
C THR A 358 -3.01 -6.12 4.50
N MET A 359 -3.47 -7.01 3.63
CA MET A 359 -3.69 -8.40 4.03
C MET A 359 -2.33 -9.08 4.13
N LYS A 360 -2.05 -9.71 5.27
CA LYS A 360 -0.72 -10.23 5.54
C LYS A 360 -0.42 -11.54 4.82
N GLY A 361 -1.39 -12.13 4.13
CA GLY A 361 -1.15 -13.40 3.45
C GLY A 361 -2.01 -13.53 2.22
N TYR A 362 -1.62 -14.47 1.37
CA TYR A 362 -2.38 -14.73 0.15
C TYR A 362 -3.69 -15.44 0.46
N LEU A 363 -4.66 -15.30 -0.45
CA LEU A 363 -5.98 -15.85 -0.21
C LEU A 363 -5.95 -17.36 -0.08
N THR A 364 -5.21 -18.03 -0.94
CA THR A 364 -5.14 -19.48 -0.92
C THR A 364 -3.68 -19.93 -0.81
N THR A 365 -3.50 -21.13 -0.28
CA THR A 365 -2.16 -21.70 -0.14
C THR A 365 -2.27 -23.20 -0.36
N ASP A 366 -1.74 -23.68 -1.48
CA ASP A 366 -1.73 -25.10 -1.82
C ASP A 366 -3.14 -25.68 -1.79
N GLY A 367 -4.09 -24.95 -2.37
CA GLY A 367 -5.44 -25.43 -2.48
C GLY A 367 -6.29 -25.25 -1.24
N TYR A 368 -5.78 -24.62 -0.20
CA TYR A 368 -6.53 -24.39 1.02
C TYR A 368 -6.82 -22.91 1.18
N LEU A 369 -8.02 -22.61 1.66
CA LEU A 369 -8.48 -21.23 1.74
C LEU A 369 -8.09 -20.60 3.06
N ASN A 370 -7.95 -19.28 3.04
CA ASN A 370 -7.72 -18.47 4.23
C ASN A 370 -8.98 -17.62 4.41
N LEU A 371 -9.91 -18.13 5.22
CA LEU A 371 -11.22 -17.49 5.36
C LEU A 371 -11.15 -16.02 5.77
N PRO A 372 -10.30 -15.60 6.70
CA PRO A 372 -10.20 -14.15 6.97
C PRO A 372 -9.78 -13.36 5.74
N ALA A 373 -8.92 -13.92 4.89
CA ALA A 373 -8.43 -13.17 3.73
C ALA A 373 -9.52 -12.99 2.70
N VAL A 374 -10.25 -14.06 2.37
CA VAL A 374 -11.28 -13.97 1.34
C VAL A 374 -12.41 -13.05 1.80
N GLU A 375 -12.73 -13.04 3.09
CA GLU A 375 -13.82 -12.21 3.58
C GLU A 375 -13.57 -10.74 3.26
N ARG A 376 -12.33 -10.28 3.43
CA ARG A 376 -12.01 -8.90 3.08
C ARG A 376 -12.20 -8.65 1.60
N LEU A 377 -11.87 -9.65 0.76
CA LEU A 377 -12.00 -9.46 -0.68
C LEU A 377 -13.44 -9.21 -1.09
N LEU A 378 -14.38 -9.98 -0.53
CA LEU A 378 -15.77 -9.81 -0.91
C LEU A 378 -16.37 -8.55 -0.31
N ALA A 379 -15.82 -8.07 0.81
CA ALA A 379 -16.31 -6.83 1.39
C ALA A 379 -16.11 -5.66 0.44
N GLU A 380 -14.93 -5.57 -0.18
CA GLU A 380 -14.70 -4.53 -1.17
C GLU A 380 -15.63 -4.69 -2.36
N LEU A 381 -15.86 -5.93 -2.79
CA LEU A 381 -16.84 -6.15 -3.85
C LEU A 381 -18.24 -5.79 -3.41
N ALA A 382 -18.56 -6.01 -2.13
CA ALA A 382 -19.89 -5.68 -1.63
C ALA A 382 -20.21 -4.20 -1.79
N LYS A 383 -19.18 -3.34 -1.72
CA LYS A 383 -19.42 -1.92 -1.93
C LYS A 383 -19.81 -1.61 -3.36
N LYS A 384 -19.26 -2.35 -4.32
CA LYS A 384 -19.55 -2.08 -5.73
C LYS A 384 -20.86 -2.70 -6.19
N GLU A 385 -21.55 -3.47 -5.34
CA GLU A 385 -22.77 -4.15 -5.76
C GLU A 385 -23.78 -3.18 -6.36
N ASP A 386 -24.06 -2.09 -5.66
CA ASP A 386 -25.04 -1.14 -6.17
C ASP A 386 -24.57 -0.52 -7.48
N TYR A 387 -23.30 -0.14 -7.56
CA TYR A 387 -22.79 0.50 -8.76
C TYR A 387 -22.81 -0.45 -9.95
N ILE A 388 -22.39 -1.70 -9.75
CA ILE A 388 -22.34 -2.66 -10.85
C ILE A 388 -23.74 -2.92 -11.41
N PHE A 389 -24.71 -3.11 -10.51
CA PHE A 389 -26.07 -3.39 -10.97
C PHE A 389 -26.62 -2.24 -11.81
N ARG A 390 -26.17 -1.02 -11.58
CA ARG A 390 -26.72 0.12 -12.29
C ARG A 390 -26.40 0.04 -13.78
N LYS A 391 -25.13 -0.14 -14.13
CA LYS A 391 -24.74 -0.13 -15.54
C LYS A 391 -25.51 -1.19 -16.33
N ARG A 392 -25.72 -2.35 -15.73
CA ARG A 392 -26.49 -3.39 -16.41
C ARG A 392 -27.92 -2.97 -16.67
N TYR A 393 -28.39 -1.91 -16.02
CA TYR A 393 -29.71 -1.36 -16.32
C TYR A 393 -29.65 -0.32 -17.44
N GLU A 394 -28.76 0.66 -17.34
CA GLU A 394 -28.67 1.66 -18.40
C GLU A 394 -28.17 1.05 -19.70
N ASP A 395 -27.10 0.25 -19.63
CA ASP A 395 -26.60 -0.37 -20.85
C ASP A 395 -27.64 -1.28 -21.47
N GLU A 396 -28.55 -1.84 -20.67
CA GLU A 396 -29.65 -2.62 -21.21
C GLU A 396 -30.58 -1.73 -22.05
N LYS A 397 -30.97 -0.57 -21.49
CA LYS A 397 -31.85 0.32 -22.24
C LYS A 397 -31.10 1.06 -23.34
N ARG A 398 -29.81 1.33 -23.15
CA ARG A 398 -29.02 1.92 -24.22
C ARG A 398 -28.95 0.99 -25.43
N SER A 399 -28.77 -0.31 -25.18
CA SER A 399 -28.84 -1.28 -26.27
C SER A 399 -30.22 -1.31 -26.89
N LEU A 400 -31.27 -1.21 -26.07
CA LEU A 400 -32.63 -1.14 -26.60
C LEU A 400 -32.81 0.07 -27.50
N GLU A 401 -32.19 1.20 -27.15
CA GLU A 401 -32.31 2.41 -27.98
C GLU A 401 -31.71 2.20 -29.35
N ASN A 402 -30.55 1.52 -29.43
CA ASN A 402 -29.81 1.45 -30.68
C ASN A 402 -30.60 0.74 -31.76
N GLN A 403 -31.22 -0.40 -31.43
CA GLN A 403 -31.94 -1.17 -32.43
C GLN A 403 -33.14 -0.43 -33.00
N LYS A 404 -33.67 0.56 -32.27
CA LYS A 404 -34.81 1.32 -32.78
C LYS A 404 -34.44 2.09 -34.04
N ARG A 405 -33.25 2.71 -34.06
CA ARG A 405 -32.84 3.47 -35.23
C ARG A 405 -32.38 2.58 -36.38
N ARG A 406 -31.78 1.42 -36.07
CA ARG A 406 -31.25 0.56 -37.13
C ARG A 406 -32.36 0.07 -38.06
N LYS A 407 -33.49 -0.33 -37.50
CA LYS A 407 -34.61 -0.80 -38.30
C LYS A 407 -35.66 0.29 -38.47
N LYS A 531 -40.60 -16.43 -9.14
CA LYS A 531 -40.21 -16.73 -10.52
C LYS A 531 -40.66 -15.63 -11.47
N ASN A 532 -41.31 -14.61 -10.92
CA ASN A 532 -41.89 -13.53 -11.72
C ASN A 532 -40.91 -12.41 -12.02
N GLU A 533 -39.67 -12.51 -11.56
CA GLU A 533 -38.62 -11.51 -11.83
C GLU A 533 -39.06 -10.19 -11.22
N GLU A 534 -39.21 -9.11 -11.99
CA GLU A 534 -39.66 -7.79 -11.55
C GLU A 534 -38.96 -7.31 -10.29
N ILE A 535 -37.75 -7.82 -10.01
CA ILE A 535 -37.03 -7.40 -8.81
C ILE A 535 -36.52 -5.97 -8.97
N ARG A 536 -36.12 -5.59 -10.18
CA ARG A 536 -35.55 -4.27 -10.46
C ARG A 536 -34.30 -4.04 -9.61
N LEU A 537 -33.29 -4.87 -9.91
CA LEU A 537 -32.04 -4.84 -9.14
C LEU A 537 -31.44 -3.45 -9.10
N TRP A 538 -31.56 -2.70 -10.20
CA TRP A 538 -31.02 -1.36 -10.26
C TRP A 538 -31.68 -0.42 -9.25
N GLU A 539 -32.90 -0.71 -8.83
CA GLU A 539 -33.51 0.09 -7.78
C GLU A 539 -32.97 -0.31 -6.42
N PRO A 540 -32.93 0.62 -5.47
CA PRO A 540 -32.46 0.27 -4.12
C PRO A 540 -33.41 -0.69 -3.42
N GLY A 541 -32.89 -1.33 -2.38
CA GLY A 541 -33.67 -2.30 -1.64
C GLY A 541 -33.83 -3.63 -2.33
N TYR A 542 -33.07 -3.89 -3.40
CA TYR A 542 -33.21 -5.15 -4.13
C TYR A 542 -32.82 -6.34 -3.26
N ARG A 543 -31.95 -6.13 -2.27
CA ARG A 543 -31.47 -7.26 -1.47
C ARG A 543 -32.62 -7.95 -0.76
N LYS A 544 -33.56 -7.18 -0.20
CA LYS A 544 -34.74 -7.79 0.38
C LYS A 544 -35.62 -8.42 -0.69
N ARG A 545 -35.93 -7.67 -1.75
CA ARG A 545 -36.88 -8.14 -2.76
C ARG A 545 -36.41 -9.39 -3.48
N TYR A 546 -35.10 -9.63 -3.51
CA TYR A 546 -34.55 -10.73 -4.30
C TYR A 546 -35.04 -12.09 -3.78
N TYR A 547 -35.06 -12.27 -2.46
CA TYR A 547 -35.19 -13.62 -1.93
C TYR A 547 -36.62 -14.14 -2.01
N GLU A 548 -37.61 -13.38 -1.53
CA GLU A 548 -38.98 -13.85 -1.59
C GLU A 548 -39.48 -13.93 -3.03
N THR A 549 -38.88 -13.16 -3.93
CA THR A 549 -39.20 -13.31 -5.34
C THR A 549 -38.82 -14.69 -5.83
N LYS A 550 -37.65 -15.18 -5.40
CA LYS A 550 -37.17 -16.49 -5.84
C LYS A 550 -37.67 -17.62 -4.94
N PHE A 551 -37.83 -17.38 -3.64
CA PHE A 551 -38.18 -18.44 -2.71
C PHE A 551 -39.65 -18.44 -2.31
N HIS A 552 -40.41 -17.43 -2.71
CA HIS A 552 -41.86 -17.38 -2.49
C HIS A 552 -42.20 -17.50 -1.00
N THR A 553 -41.42 -16.83 -0.16
CA THR A 553 -41.67 -16.81 1.28
C THR A 553 -41.39 -15.42 1.81
N LYS A 554 -42.39 -14.82 2.44
CA LYS A 554 -42.29 -13.44 2.90
C LYS A 554 -41.83 -13.31 4.35
N ASP A 555 -41.57 -14.41 5.03
CA ASP A 555 -41.18 -14.33 6.43
C ASP A 555 -39.77 -13.80 6.55
N PRO A 556 -39.56 -12.67 7.23
CA PRO A 556 -38.18 -12.20 7.44
C PRO A 556 -37.33 -13.17 8.25
N GLN A 557 -37.94 -13.90 9.18
CA GLN A 557 -37.18 -14.86 9.98
C GLN A 557 -36.66 -15.99 9.12
N LYS A 558 -37.48 -16.51 8.21
CA LYS A 558 -37.03 -17.58 7.33
C LYS A 558 -35.94 -17.11 6.39
N VAL A 559 -36.07 -15.89 5.86
CA VAL A 559 -35.09 -15.38 4.92
C VAL A 559 -33.71 -15.30 5.58
N LYS A 560 -33.66 -14.77 6.80
CA LYS A 560 -32.39 -14.69 7.50
C LYS A 560 -31.79 -16.06 7.73
N LYS A 561 -32.60 -17.03 8.13
CA LYS A 561 -32.10 -18.38 8.34
C LYS A 561 -31.72 -19.03 7.02
N ILE A 562 -32.57 -18.88 5.99
CA ILE A 562 -32.31 -19.54 4.71
C ILE A 562 -31.06 -18.95 4.06
N ALA A 563 -30.98 -17.62 4.00
CA ALA A 563 -29.85 -16.99 3.32
C ALA A 563 -28.53 -17.36 3.99
N ARG A 564 -28.49 -17.30 5.32
CA ARG A 564 -27.24 -17.63 6.01
C ARG A 564 -26.85 -19.08 5.77
N ASN A 565 -27.82 -20.01 5.84
CA ASN A 565 -27.52 -21.40 5.54
C ASN A 565 -27.05 -21.57 4.11
N MET A 566 -27.70 -20.88 3.17
CA MET A 566 -27.36 -21.03 1.77
C MET A 566 -26.00 -20.41 1.45
N VAL A 567 -25.55 -19.44 2.25
CA VAL A 567 -24.18 -18.96 2.10
C VAL A 567 -23.18 -20.01 2.53
N GLN A 568 -23.51 -20.76 3.59
CA GLN A 568 -22.58 -21.76 4.09
C GLN A 568 -22.27 -22.80 3.03
N LYS A 569 -23.28 -23.24 2.28
CA LYS A 569 -23.04 -24.19 1.21
C LYS A 569 -22.12 -23.61 0.15
N TYR A 570 -22.29 -22.33 -0.20
CA TYR A 570 -21.47 -21.73 -1.23
C TYR A 570 -20.00 -21.71 -0.84
N ILE A 571 -19.70 -21.38 0.42
CA ILE A 571 -18.31 -21.41 0.86
C ILE A 571 -17.75 -22.82 0.79
N GLU A 572 -18.55 -23.80 1.19
CA GLU A 572 -18.13 -25.19 1.03
C GLU A 572 -17.84 -25.51 -0.42
N GLY A 573 -18.67 -25.00 -1.34
CA GLY A 573 -18.45 -25.28 -2.75
C GLY A 573 -17.13 -24.73 -3.25
N VAL A 574 -16.82 -23.47 -2.90
CA VAL A 574 -15.54 -22.91 -3.31
C VAL A 574 -14.39 -23.68 -2.68
N SER A 575 -14.54 -24.06 -1.41
CA SER A 575 -13.53 -24.92 -0.80
C SER A 575 -13.47 -26.27 -1.50
N TRP A 576 -14.63 -26.85 -1.81
CA TRP A 576 -14.64 -28.15 -2.48
C TRP A 576 -14.03 -28.04 -3.87
N VAL A 577 -14.38 -26.99 -4.63
CA VAL A 577 -13.88 -26.86 -5.99
C VAL A 577 -12.37 -26.70 -5.99
N LEU A 578 -11.85 -25.85 -5.11
CA LEU A 578 -10.43 -25.56 -5.13
C LEU A 578 -9.59 -26.79 -4.80
N LEU A 579 -10.05 -27.59 -3.84
CA LEU A 579 -9.35 -28.84 -3.55
C LEU A 579 -9.40 -29.79 -4.74
N TYR A 580 -10.54 -29.83 -5.43
CA TYR A 580 -10.72 -30.77 -6.52
C TYR A 580 -9.72 -30.54 -7.65
N TYR A 581 -9.19 -29.32 -7.79
CA TYR A 581 -8.21 -29.02 -8.81
C TYR A 581 -6.79 -29.05 -8.29
N TYR A 582 -6.59 -29.27 -7.00
CA TYR A 582 -5.25 -29.23 -6.42
C TYR A 582 -4.89 -30.51 -5.68
N GLN A 583 -5.82 -31.12 -4.95
CA GLN A 583 -5.52 -32.33 -4.19
C GLN A 583 -6.48 -33.46 -4.56
N GLY A 584 -7.01 -33.44 -5.76
CA GLY A 584 -7.94 -34.47 -6.16
C GLY A 584 -9.31 -34.26 -5.55
N CYS A 585 -10.19 -35.22 -5.80
CA CYS A 585 -11.57 -35.12 -5.34
C CYS A 585 -11.64 -35.22 -3.83
N PRO A 586 -12.19 -34.22 -3.13
CA PRO A 586 -12.28 -34.30 -1.68
C PRO A 586 -13.53 -35.02 -1.20
N SER A 587 -14.58 -35.01 -2.02
CA SER A 587 -15.84 -35.64 -1.63
C SER A 587 -16.61 -36.04 -2.88
N TRP A 588 -17.18 -37.24 -2.84
CA TRP A 588 -17.96 -37.77 -3.95
C TRP A 588 -19.46 -37.67 -3.71
N ASN A 589 -19.89 -36.94 -2.69
CA ASN A 589 -21.29 -36.83 -2.35
C ASN A 589 -21.79 -35.41 -2.18
N TRP A 590 -20.92 -34.43 -1.99
CA TRP A 590 -21.35 -33.06 -1.80
C TRP A 590 -21.96 -32.50 -3.07
N TYR A 591 -22.95 -31.63 -2.90
CA TYR A 591 -23.57 -30.94 -4.02
C TYR A 591 -24.23 -29.67 -3.51
N TYR A 592 -24.53 -28.77 -4.44
CA TYR A 592 -25.11 -27.47 -4.09
C TYR A 592 -26.63 -27.59 -4.06
N PRO A 593 -27.27 -27.38 -2.92
CA PRO A 593 -28.71 -27.64 -2.82
C PRO A 593 -29.58 -26.45 -3.17
N TYR A 594 -29.03 -25.46 -3.87
CA TYR A 594 -29.80 -24.27 -4.23
C TYR A 594 -29.58 -23.95 -5.71
N HIS A 595 -30.62 -23.37 -6.32
CA HIS A 595 -30.55 -23.03 -7.73
C HIS A 595 -29.85 -21.70 -8.00
N TYR A 596 -29.60 -20.89 -6.97
CA TYR A 596 -29.05 -19.56 -7.17
C TYR A 596 -27.92 -19.30 -6.19
N ALA A 597 -27.16 -18.24 -6.48
CA ALA A 597 -26.02 -17.75 -5.72
C ALA A 597 -26.43 -16.57 -4.85
N PRO A 598 -25.82 -16.41 -3.68
CA PRO A 598 -26.15 -15.27 -2.81
C PRO A 598 -25.45 -14.00 -3.28
N PHE A 599 -25.87 -12.88 -2.70
CA PHE A 599 -25.23 -11.61 -2.95
C PHE A 599 -23.90 -11.53 -2.20
N ALA A 600 -22.92 -10.86 -2.81
CA ALA A 600 -21.60 -10.80 -2.22
C ALA A 600 -21.62 -10.11 -0.86
N ALA A 601 -22.58 -9.21 -0.65
CA ALA A 601 -22.69 -8.56 0.65
C ALA A 601 -23.06 -9.53 1.76
N ASP A 602 -23.63 -10.68 1.41
CA ASP A 602 -24.07 -11.64 2.41
C ASP A 602 -22.92 -12.40 3.04
N PHE A 603 -21.70 -12.27 2.50
CA PHE A 603 -20.54 -13.02 2.98
C PHE A 603 -19.90 -12.26 4.13
N VAL A 604 -20.38 -12.53 5.34
CA VAL A 604 -19.81 -11.96 6.56
C VAL A 604 -19.74 -13.05 7.61
N ASN A 605 -18.84 -12.85 8.57
CA ASN A 605 -18.61 -13.81 9.65
C ASN A 605 -18.28 -15.19 9.10
N LEU A 606 -17.44 -15.22 8.06
CA LEU A 606 -17.09 -16.47 7.42
C LEU A 606 -16.30 -17.37 8.35
N SER A 607 -15.39 -16.79 9.14
CA SER A 607 -14.53 -17.60 10.00
C SER A 607 -15.32 -18.41 11.01
N GLU A 608 -16.55 -18.00 11.32
CA GLU A 608 -17.39 -18.81 12.19
C GLU A 608 -17.71 -20.15 11.56
N LEU A 609 -17.91 -20.16 10.24
CA LEU A 609 -18.32 -21.38 9.55
C LEU A 609 -17.26 -22.47 9.68
N LYS A 610 -17.73 -23.71 9.78
CA LYS A 610 -16.86 -24.88 9.83
C LYS A 610 -16.97 -25.64 8.52
N ILE A 611 -15.84 -26.09 8.00
CA ILE A 611 -15.76 -26.74 6.70
C ILE A 611 -15.24 -28.16 6.89
N GLU A 612 -15.99 -29.13 6.37
CA GLU A 612 -15.59 -30.53 6.47
C GLU A 612 -16.14 -31.27 5.27
N PHE A 613 -15.54 -32.43 4.98
CA PHE A 613 -15.96 -33.24 3.84
C PHE A 613 -15.87 -34.71 4.21
N VAL A 614 -16.62 -35.52 3.48
CA VAL A 614 -16.55 -36.97 3.57
C VAL A 614 -16.18 -37.50 2.19
N GLU A 615 -15.13 -38.32 2.12
CA GLU A 615 -14.63 -38.79 0.84
C GLU A 615 -15.71 -39.60 0.10
N GLY A 616 -16.31 -40.56 0.78
CA GLY A 616 -17.32 -41.38 0.16
C GLY A 616 -16.73 -42.28 -0.91
N THR A 617 -17.64 -42.85 -1.71
CA THR A 617 -17.25 -43.71 -2.81
C THR A 617 -18.01 -43.32 -4.07
N PRO A 618 -17.38 -43.40 -5.23
CA PRO A 618 -18.07 -43.06 -6.48
C PRO A 618 -19.15 -44.07 -6.82
N PHE A 619 -20.13 -43.61 -7.58
CA PHE A 619 -21.23 -44.45 -8.01
C PHE A 619 -20.80 -45.45 -9.07
N ARG A 620 -21.55 -46.54 -9.18
CA ARG A 620 -21.40 -47.43 -10.31
C ARG A 620 -21.95 -46.76 -11.57
N PRO A 621 -21.46 -47.13 -12.75
CA PRO A 621 -21.88 -46.42 -13.97
C PRO A 621 -23.39 -46.46 -14.21
N TYR A 622 -24.04 -47.58 -13.89
CA TYR A 622 -25.48 -47.66 -14.10
C TYR A 622 -26.22 -46.67 -13.20
N GLU A 623 -25.78 -46.53 -11.96
CA GLU A 623 -26.39 -45.56 -11.06
C GLU A 623 -26.24 -44.15 -11.60
N GLN A 624 -25.07 -43.84 -12.17
CA GLN A 624 -24.84 -42.52 -12.73
C GLN A 624 -25.61 -42.31 -14.03
N LEU A 625 -25.84 -43.39 -14.79
CA LEU A 625 -26.54 -43.24 -16.06
C LEU A 625 -27.95 -42.70 -15.87
N MET A 626 -28.75 -43.37 -15.04
CA MET A 626 -30.12 -42.96 -14.81
C MET A 626 -30.20 -41.59 -14.14
N SER A 627 -29.21 -41.25 -13.31
CA SER A 627 -29.26 -39.99 -12.58
C SER A 627 -28.94 -38.79 -13.45
N VAL A 628 -28.50 -38.99 -14.69
CA VAL A 628 -28.24 -37.86 -15.57
C VAL A 628 -29.04 -38.05 -16.86
N LEU A 629 -29.37 -39.29 -17.20
CA LEU A 629 -30.16 -39.50 -18.40
C LEU A 629 -31.64 -39.21 -18.14
N PRO A 630 -32.35 -38.61 -19.09
CA PRO A 630 -33.77 -38.37 -18.92
C PRO A 630 -34.57 -39.64 -19.18
N ALA A 631 -35.89 -39.52 -19.01
CA ALA A 631 -36.78 -40.65 -19.23
C ALA A 631 -36.96 -41.00 -20.69
N ALA A 632 -36.48 -40.17 -21.61
CA ALA A 632 -36.65 -40.37 -23.03
C ALA A 632 -35.52 -41.18 -23.67
N SER A 633 -34.55 -41.63 -22.89
CA SER A 633 -33.41 -42.37 -23.42
C SER A 633 -33.11 -43.60 -22.57
N SER A 634 -34.17 -44.30 -22.13
CA SER A 634 -33.98 -45.53 -21.37
C SER A 634 -33.54 -46.69 -22.25
N HIS A 635 -33.54 -46.51 -23.57
CA HIS A 635 -33.14 -47.60 -24.47
C HIS A 635 -31.69 -48.00 -24.25
N ASN A 636 -30.80 -47.01 -24.11
CA ASN A 636 -29.40 -47.31 -23.85
C ASN A 636 -29.22 -47.99 -22.51
N LEU A 637 -29.94 -47.53 -21.50
CA LEU A 637 -29.87 -48.11 -20.17
C LEU A 637 -30.42 -49.54 -20.19
N PRO A 638 -29.95 -50.41 -19.30
CA PRO A 638 -30.45 -51.78 -19.28
C PRO A 638 -31.97 -51.85 -19.09
N ASP A 639 -32.58 -52.84 -19.75
CA ASP A 639 -34.04 -52.92 -19.79
C ASP A 639 -34.65 -53.16 -18.42
N VAL A 640 -33.92 -53.85 -17.52
CA VAL A 640 -34.48 -54.23 -16.24
C VAL A 640 -34.86 -53.00 -15.42
N PHE A 641 -34.00 -51.99 -15.42
CA PHE A 641 -34.22 -50.81 -14.60
C PHE A 641 -35.24 -49.86 -15.21
N ARG A 642 -35.69 -50.09 -16.44
CA ARG A 642 -36.62 -49.16 -17.09
C ARG A 642 -37.93 -49.06 -16.31
N SER A 643 -38.37 -50.14 -15.69
CA SER A 643 -39.61 -50.10 -14.92
C SER A 643 -39.51 -49.14 -13.75
N LEU A 644 -38.35 -49.12 -13.07
CA LEU A 644 -38.15 -48.23 -11.95
C LEU A 644 -38.08 -46.75 -12.35
N MET A 645 -37.98 -46.46 -13.65
CA MET A 645 -37.84 -45.09 -14.11
C MET A 645 -38.88 -44.67 -15.13
N SER A 646 -39.60 -45.61 -15.74
CA SER A 646 -40.62 -45.27 -16.73
C SER A 646 -42.04 -45.53 -16.27
N ASP A 647 -42.25 -46.47 -15.34
CA ASP A 647 -43.59 -46.75 -14.85
C ASP A 647 -44.11 -45.57 -14.02
N ALA A 648 -45.39 -45.27 -14.17
CA ALA A 648 -46.01 -44.19 -13.42
C ALA A 648 -46.14 -44.50 -11.94
N ASN A 649 -45.97 -45.75 -11.53
CA ASN A 649 -46.06 -46.14 -10.13
C ASN A 649 -44.70 -46.33 -9.49
N SER A 650 -43.62 -45.92 -10.17
CA SER A 650 -42.28 -46.05 -9.61
C SER A 650 -42.12 -45.19 -8.38
N GLU A 651 -41.37 -45.70 -7.40
CA GLU A 651 -41.11 -44.94 -6.17
C GLU A 651 -40.22 -43.73 -6.42
N ILE A 652 -39.57 -43.64 -7.57
CA ILE A 652 -38.69 -42.52 -7.92
C ILE A 652 -39.11 -41.88 -9.24
N ILE A 653 -40.36 -42.10 -9.66
CA ILE A 653 -40.83 -41.50 -10.90
C ILE A 653 -40.91 -39.98 -10.77
N ASP A 654 -41.03 -39.47 -9.55
CA ASP A 654 -41.06 -38.03 -9.35
C ASP A 654 -39.75 -37.38 -9.79
N PHE A 655 -38.66 -38.14 -9.82
CA PHE A 655 -37.37 -37.62 -10.26
C PHE A 655 -37.34 -37.32 -11.75
N TYR A 656 -38.33 -37.77 -12.51
CA TYR A 656 -38.31 -37.68 -13.97
C TYR A 656 -39.60 -37.04 -14.45
N PRO A 657 -39.73 -35.73 -14.30
CA PRO A 657 -40.91 -35.05 -14.86
C PRO A 657 -40.73 -34.82 -16.34
N GLU A 658 -41.80 -35.09 -17.10
CA GLU A 658 -41.75 -34.85 -18.54
C GLU A 658 -41.56 -33.37 -18.84
N GLU A 659 -42.27 -32.51 -18.12
CA GLU A 659 -42.16 -31.07 -18.27
C GLU A 659 -41.78 -30.44 -16.95
N PHE A 660 -40.89 -29.45 -17.00
CA PHE A 660 -40.36 -28.80 -15.81
C PHE A 660 -40.45 -27.29 -15.97
N PRO A 661 -40.58 -26.56 -14.88
CA PRO A 661 -40.61 -25.10 -14.96
C PRO A 661 -39.22 -24.54 -15.28
N LEU A 662 -39.17 -23.60 -16.21
CA LEU A 662 -37.93 -22.96 -16.61
C LEU A 662 -37.87 -21.55 -16.04
N ASP A 663 -36.76 -21.24 -15.37
CA ASP A 663 -36.55 -19.91 -14.80
C ASP A 663 -35.73 -19.08 -15.79
N MET A 664 -36.37 -18.08 -16.40
CA MET A 664 -35.66 -17.22 -17.34
C MET A 664 -34.60 -16.40 -16.64
N ASN A 665 -34.88 -15.96 -15.41
CA ASN A 665 -33.93 -15.19 -14.59
C ASN A 665 -33.51 -13.90 -15.27
N GLY A 666 -34.37 -13.36 -16.13
CA GLY A 666 -34.08 -12.10 -16.80
C GLY A 666 -32.87 -12.15 -17.71
N LYS A 667 -32.67 -13.26 -18.41
CA LYS A 667 -31.58 -13.38 -19.35
C LYS A 667 -32.00 -12.82 -20.71
N LYS A 668 -31.19 -13.05 -21.74
CA LYS A 668 -31.49 -12.56 -23.06
C LYS A 668 -32.24 -13.58 -23.90
N VAL A 669 -31.74 -14.81 -23.98
CA VAL A 669 -32.35 -15.87 -24.78
C VAL A 669 -32.65 -17.05 -23.87
N ILE A 670 -33.64 -17.85 -24.28
CA ILE A 670 -34.14 -18.94 -23.43
C ILE A 670 -33.09 -20.02 -23.19
N TRP A 671 -32.13 -20.18 -24.10
CA TRP A 671 -31.22 -21.32 -23.98
C TRP A 671 -30.26 -21.21 -22.81
N GLN A 672 -30.18 -20.05 -22.15
CA GLN A 672 -29.35 -19.88 -20.97
C GLN A 672 -30.19 -19.69 -19.71
N ALA A 673 -31.39 -20.26 -19.69
CA ALA A 673 -32.29 -20.14 -18.55
C ALA A 673 -31.83 -21.10 -17.44
N ILE A 674 -32.64 -21.24 -16.40
CA ILE A 674 -32.36 -22.12 -15.29
C ILE A 674 -33.44 -23.21 -15.27
N PRO A 675 -33.11 -24.43 -15.69
CA PRO A 675 -34.12 -25.51 -15.66
C PRO A 675 -34.38 -26.01 -14.26
N LEU A 676 -35.29 -25.34 -13.54
CA LEU A 676 -35.63 -25.73 -12.18
C LEU A 676 -36.08 -27.18 -12.12
N LEU A 677 -35.33 -27.98 -11.36
CA LEU A 677 -35.61 -29.40 -11.21
C LEU A 677 -35.42 -29.81 -9.77
N PRO A 678 -36.12 -30.85 -9.32
CA PRO A 678 -35.89 -31.36 -7.97
C PRO A 678 -34.55 -32.07 -7.86
N PHE A 679 -34.06 -32.17 -6.63
CA PHE A 679 -32.79 -32.81 -6.34
C PHE A 679 -33.00 -34.25 -5.92
N ILE A 680 -32.16 -35.14 -6.46
CA ILE A 680 -32.34 -36.57 -6.25
C ILE A 680 -32.02 -36.93 -4.81
N ASP A 681 -32.90 -37.72 -4.20
CA ASP A 681 -32.65 -38.28 -2.86
C ASP A 681 -31.77 -39.51 -3.02
N GLU A 682 -30.52 -39.40 -2.60
CA GLU A 682 -29.56 -40.47 -2.83
C GLU A 682 -29.90 -41.73 -2.04
N ASN A 683 -30.35 -41.58 -0.79
CA ASN A 683 -30.55 -42.73 0.07
C ASN A 683 -31.58 -43.69 -0.51
N ARG A 684 -32.75 -43.19 -0.89
CA ARG A 684 -33.80 -44.06 -1.40
C ARG A 684 -33.52 -44.53 -2.82
N LEU A 685 -32.80 -43.73 -3.60
CA LEU A 685 -32.57 -44.08 -5.00
C LEU A 685 -31.73 -45.35 -5.13
N LEU A 686 -30.66 -45.44 -4.34
CA LEU A 686 -29.79 -46.61 -4.41
C LEU A 686 -30.49 -47.86 -3.90
N LYS A 687 -31.30 -47.73 -2.85
CA LYS A 687 -31.94 -48.91 -2.27
C LYS A 687 -32.85 -49.60 -3.28
N ALA A 688 -33.63 -48.83 -4.03
CA ALA A 688 -34.46 -49.43 -5.07
C ALA A 688 -33.60 -50.07 -6.16
N VAL A 689 -32.50 -49.41 -6.54
CA VAL A 689 -31.65 -49.90 -7.61
C VAL A 689 -30.98 -51.21 -7.23
N GLN A 690 -30.50 -51.31 -5.99
CA GLN A 690 -29.80 -52.53 -5.56
C GLN A 690 -30.69 -53.76 -5.58
N SER A 691 -32.03 -53.57 -5.59
CA SER A 691 -32.92 -54.72 -5.68
C SER A 691 -32.87 -55.36 -7.06
N LYS A 692 -32.51 -54.61 -8.10
CA LYS A 692 -32.51 -55.11 -9.47
C LYS A 692 -31.14 -55.62 -9.93
N TYR A 693 -30.14 -55.62 -9.05
CA TYR A 693 -28.83 -56.15 -9.46
C TYR A 693 -28.89 -57.63 -9.76
N ASP A 694 -29.68 -58.38 -8.99
CA ASP A 694 -29.71 -59.83 -9.12
C ASP A 694 -30.30 -60.32 -10.43
N GLN A 695 -30.97 -59.45 -11.19
CA GLN A 695 -31.61 -59.85 -12.44
C GLN A 695 -30.81 -59.43 -13.67
N LEU A 696 -29.62 -58.88 -13.48
CA LEU A 696 -28.80 -58.43 -14.59
C LEU A 696 -27.90 -59.56 -15.10
N THR A 697 -27.59 -59.50 -16.39
CA THR A 697 -26.73 -60.51 -17.00
C THR A 697 -25.29 -60.31 -16.56
N GLU A 698 -24.47 -61.35 -16.80
CA GLU A 698 -23.05 -61.25 -16.45
C GLU A 698 -22.34 -60.20 -17.29
N ASP A 699 -22.71 -60.07 -18.57
CA ASP A 699 -22.11 -59.04 -19.40
C ASP A 699 -22.44 -57.65 -18.87
N GLU A 700 -23.68 -57.45 -18.43
CA GLU A 700 -24.06 -56.16 -17.84
C GLU A 700 -23.31 -55.91 -16.54
N LYS A 701 -23.18 -56.95 -15.70
CA LYS A 701 -22.49 -56.79 -14.42
C LYS A 701 -21.04 -56.40 -14.62
N PHE A 702 -20.37 -57.01 -15.59
CA PHE A 702 -18.98 -56.66 -15.86
C PHE A 702 -18.86 -55.21 -16.33
N ARG A 703 -19.79 -54.76 -17.18
CA ARG A 703 -19.78 -53.38 -17.64
C ARG A 703 -20.20 -52.40 -16.55
N ASN A 704 -20.71 -52.89 -15.43
CA ASN A 704 -21.08 -52.05 -14.28
C ASN A 704 -20.09 -52.22 -13.13
N THR A 705 -18.81 -52.40 -13.47
CA THR A 705 -17.77 -52.54 -12.47
C THR A 705 -16.61 -51.62 -12.81
N ASN A 706 -16.18 -50.82 -11.83
CA ASN A 706 -15.03 -49.95 -12.03
C ASN A 706 -13.75 -50.77 -12.10
N ARG A 707 -12.75 -50.23 -12.82
CA ARG A 707 -11.51 -50.95 -13.07
C ARG A 707 -10.35 -49.97 -12.91
N SER A 708 -9.18 -50.40 -13.36
CA SER A 708 -7.97 -49.59 -13.30
C SER A 708 -7.46 -49.31 -14.71
N GLU A 709 -6.48 -48.43 -14.79
CA GLU A 709 -5.96 -48.01 -16.08
C GLU A 709 -5.12 -49.12 -16.70
N ILE A 710 -4.85 -48.98 -18.00
CA ILE A 710 -4.09 -49.94 -18.77
C ILE A 710 -2.86 -49.24 -19.33
N LEU A 711 -1.70 -49.85 -19.16
CA LEU A 711 -0.46 -49.37 -19.74
C LEU A 711 -0.01 -50.33 -20.82
N VAL A 712 0.25 -49.79 -22.01
CA VAL A 712 0.64 -50.57 -23.17
C VAL A 712 2.05 -50.17 -23.57
N LEU A 713 2.93 -51.16 -23.69
CA LEU A 713 4.33 -50.91 -23.97
C LEU A 713 4.76 -51.69 -25.21
N GLY A 714 5.55 -51.05 -26.06
CA GLY A 714 6.03 -51.71 -27.25
C GLY A 714 7.17 -52.67 -26.97
N ARG A 715 7.29 -53.68 -27.84
CA ARG A 715 8.35 -54.68 -27.67
C ARG A 715 9.72 -54.05 -27.79
N SER A 716 9.90 -53.16 -28.76
CA SER A 716 11.20 -52.54 -28.99
C SER A 716 11.56 -51.52 -27.92
N HIS A 717 10.64 -51.20 -27.01
CA HIS A 717 10.92 -50.22 -25.98
C HIS A 717 12.02 -50.72 -25.05
N SER A 718 12.83 -49.78 -24.55
CA SER A 718 13.97 -50.14 -23.73
C SER A 718 13.53 -50.81 -22.43
N HIS A 719 12.44 -50.34 -21.84
CA HIS A 719 11.97 -50.87 -20.57
C HIS A 719 11.15 -52.15 -20.72
N TYR A 720 10.91 -52.60 -21.95
CA TYR A 720 10.07 -53.77 -22.16
C TYR A 720 10.62 -55.03 -21.50
N PRO A 721 11.89 -55.40 -21.66
CA PRO A 721 12.35 -56.68 -21.08
C PRO A 721 12.18 -56.77 -19.58
N THR A 722 12.25 -55.64 -18.87
CA THR A 722 12.13 -55.68 -17.42
C THR A 722 10.77 -56.19 -16.98
N LEU A 723 9.70 -55.76 -17.66
CA LEU A 723 8.36 -56.16 -17.26
C LEU A 723 8.18 -57.67 -17.40
N VAL A 724 8.62 -58.22 -18.53
CA VAL A 724 8.49 -59.66 -18.75
C VAL A 724 9.35 -60.42 -17.73
N LYS A 725 10.51 -59.86 -17.40
CA LYS A 725 11.43 -60.53 -16.50
C LYS A 725 10.80 -60.81 -15.13
N GLU A 726 9.88 -59.95 -14.70
CA GLU A 726 9.27 -60.09 -13.37
C GLU A 726 7.82 -60.54 -13.43
N LEU A 727 6.98 -59.81 -14.17
CA LEU A 727 5.56 -60.15 -14.21
C LEU A 727 5.28 -61.43 -14.99
N TYR A 728 6.24 -61.92 -15.77
CA TYR A 728 6.02 -63.11 -16.57
C TYR A 728 7.09 -64.18 -16.42
N GLU A 729 8.19 -63.89 -15.74
CA GLU A 729 9.21 -64.89 -15.47
C GLU A 729 9.41 -65.15 -13.99
N GLU A 730 9.54 -64.10 -13.18
CA GLU A 730 9.68 -64.27 -11.74
C GLU A 730 8.35 -64.49 -11.05
N GLY A 731 7.23 -64.29 -11.73
CA GLY A 731 5.94 -64.49 -11.11
C GLY A 731 5.57 -63.44 -10.09
N LYS A 732 6.24 -62.29 -10.10
CA LYS A 732 5.92 -61.21 -9.17
C LYS A 732 4.54 -60.66 -9.45
N ASP A 733 3.78 -60.41 -8.39
CA ASP A 733 2.42 -59.88 -8.55
C ASP A 733 2.43 -58.40 -8.91
N SER A 734 3.35 -57.64 -8.33
CA SER A 734 3.45 -56.21 -8.58
C SER A 734 4.91 -55.83 -8.66
N TYR A 735 5.17 -54.63 -9.20
CA TYR A 735 6.53 -54.16 -9.35
C TYR A 735 6.51 -52.64 -9.47
N GLU A 736 7.12 -51.95 -8.51
CA GLU A 736 7.15 -50.49 -8.52
C GLU A 736 7.97 -50.02 -9.72
N PHE A 737 7.29 -49.42 -10.70
CA PHE A 737 7.97 -49.00 -11.91
C PHE A 737 8.99 -47.91 -11.63
N GLN A 738 8.60 -46.90 -10.85
CA GLN A 738 9.43 -45.73 -10.57
C GLN A 738 9.79 -45.04 -11.88
N VAL A 739 10.66 -44.03 -11.84
CA VAL A 739 10.99 -43.31 -13.06
C VAL A 739 11.70 -44.24 -14.03
N ASP A 740 11.57 -43.95 -15.33
CA ASP A 740 12.17 -44.76 -16.37
C ASP A 740 12.65 -43.84 -17.48
N SER A 741 12.98 -44.44 -18.62
CA SER A 741 13.38 -43.63 -19.78
C SER A 741 12.22 -42.77 -20.27
N SER A 742 11.00 -43.31 -20.25
CA SER A 742 9.84 -42.57 -20.72
C SER A 742 9.32 -41.56 -19.71
N GLY A 743 9.78 -41.63 -18.46
CA GLY A 743 9.30 -40.72 -17.43
C GLY A 743 8.08 -41.19 -16.68
N VAL A 744 7.46 -42.29 -17.13
CA VAL A 744 6.30 -42.82 -16.42
C VAL A 744 6.75 -43.47 -15.11
N SER A 745 5.94 -43.29 -14.07
CA SER A 745 6.23 -43.89 -12.78
C SER A 745 4.93 -44.43 -12.18
N GLY A 746 5.06 -45.45 -11.35
CA GLY A 746 3.90 -46.01 -10.70
C GLY A 746 4.11 -47.50 -10.44
N VAL A 747 3.00 -48.23 -10.44
CA VAL A 747 2.99 -49.65 -10.13
C VAL A 747 2.36 -50.39 -11.30
N ALA A 748 2.97 -51.50 -11.69
CA ALA A 748 2.47 -52.34 -12.78
C ALA A 748 1.97 -53.66 -12.22
N ILE A 749 0.84 -54.12 -12.75
CA ILE A 749 0.23 -55.38 -12.34
C ILE A 749 -0.10 -56.19 -13.58
N LYS A 750 0.22 -57.48 -13.54
CA LYS A 750 -0.04 -58.35 -14.68
C LYS A 750 -1.53 -58.48 -14.92
N LEU A 751 -1.92 -58.43 -16.19
CA LEU A 751 -3.32 -58.54 -16.59
C LEU A 751 -3.67 -60.01 -16.83
N GLN A 752 -4.69 -60.49 -16.11
CA GLN A 752 -5.10 -61.87 -16.29
C GLN A 752 -5.75 -62.08 -17.66
N SER A 753 -6.48 -61.08 -18.14
CA SER A 753 -7.16 -61.21 -19.43
C SER A 753 -6.15 -61.34 -20.57
N PHE A 754 -5.05 -60.61 -20.48
CA PHE A 754 -4.07 -60.62 -21.57
C PHE A 754 -3.44 -62.00 -21.73
N ASP A 755 -3.23 -62.39 -22.99
CA ASP A 755 -2.57 -63.64 -23.31
C ASP A 755 -1.29 -63.34 -24.07
N ARG A 756 -0.19 -63.96 -23.63
CA ARG A 756 1.11 -63.70 -24.24
C ARG A 756 1.15 -64.20 -25.68
N SER A 757 0.59 -65.38 -25.94
CA SER A 757 0.67 -66.02 -27.24
C SER A 757 -0.51 -65.73 -28.15
N GLY A 758 -1.46 -64.92 -27.70
CA GLY A 758 -2.64 -64.63 -28.49
C GLY A 758 -2.39 -63.62 -29.59
N VAL A 759 -3.44 -63.35 -30.35
CA VAL A 759 -3.43 -62.36 -31.41
C VAL A 759 -4.61 -61.43 -31.22
N LEU A 760 -4.37 -60.12 -31.27
CA LEU A 760 -5.42 -59.14 -31.10
C LEU A 760 -6.03 -58.79 -32.45
N ARG A 761 -7.35 -58.76 -32.51
CA ARG A 761 -8.09 -58.45 -33.72
C ARG A 761 -8.96 -57.23 -33.50
N LEU A 762 -9.12 -56.44 -34.55
CA LEU A 762 -9.91 -55.22 -34.46
C LEU A 762 -11.38 -55.56 -34.27
N PRO A 763 -12.03 -55.12 -33.21
CA PRO A 763 -13.45 -55.41 -32.99
C PRO A 763 -14.40 -54.54 -33.82
N VAL A 764 -13.88 -53.78 -34.78
CA VAL A 764 -14.69 -52.91 -35.62
C VAL A 764 -14.68 -53.45 -37.03
N LYS A 765 -15.87 -53.61 -37.62
CA LYS A 765 -15.96 -54.04 -39.00
C LYS A 765 -15.26 -53.05 -39.92
N GLN A 766 -14.40 -53.55 -40.79
CA GLN A 766 -13.59 -52.68 -41.63
C GLN A 766 -14.47 -51.94 -42.63
N LEU A 767 -14.10 -50.69 -42.90
CA LEU A 767 -14.79 -49.85 -43.87
C LEU A 767 -13.85 -49.54 -45.03
N GLU A 768 -14.39 -49.57 -46.24
CA GLU A 768 -13.58 -49.33 -47.43
C GLU A 768 -13.05 -47.91 -47.44
N GLY A 769 -11.81 -47.77 -47.91
CA GLY A 769 -11.19 -46.46 -48.02
C GLY A 769 -10.67 -45.88 -46.74
N TYR A 770 -10.63 -46.66 -45.66
CA TYR A 770 -10.19 -46.17 -44.36
C TYR A 770 -8.94 -46.89 -43.85
N ARG A 771 -8.10 -47.39 -44.76
CA ARG A 771 -6.80 -47.96 -44.43
C ARG A 771 -6.95 -49.13 -43.45
N HIS A 772 -7.52 -50.21 -43.99
CA HIS A 772 -7.71 -51.45 -43.25
C HIS A 772 -6.49 -51.82 -42.42
N TYR A 773 -6.73 -52.15 -41.15
CA TYR A 773 -5.67 -52.44 -40.20
C TYR A 773 -5.60 -53.92 -39.92
N PRO A 774 -4.47 -54.57 -40.20
CA PRO A 774 -4.37 -56.02 -39.95
C PRO A 774 -4.32 -56.35 -38.48
N ASP A 775 -4.76 -57.56 -38.15
CA ASP A 775 -4.65 -58.06 -36.79
C ASP A 775 -3.18 -58.30 -36.44
N ILE A 776 -2.86 -58.17 -35.15
CA ILE A 776 -1.49 -58.24 -34.67
C ILE A 776 -1.43 -59.16 -33.47
N SER A 777 -0.40 -60.00 -33.43
CA SER A 777 -0.21 -60.92 -32.33
C SER A 777 0.26 -60.16 -31.07
N ASN A 778 0.25 -60.87 -29.95
CA ASN A 778 0.66 -60.31 -28.68
C ASN A 778 2.16 -60.42 -28.43
N ARG A 779 2.92 -60.91 -29.40
CA ARG A 779 4.35 -61.05 -29.22
C ARG A 779 5.12 -59.76 -29.42
N ASP A 780 4.47 -58.68 -29.87
CA ASP A 780 5.15 -57.43 -30.18
C ASP A 780 4.74 -56.29 -29.26
N PHE A 781 4.01 -56.56 -28.19
CA PHE A 781 3.63 -55.52 -27.24
C PHE A 781 3.26 -56.17 -25.93
N LEU A 782 2.95 -55.35 -24.93
CA LEU A 782 2.60 -55.83 -23.62
C LEU A 782 1.53 -54.92 -23.02
N MET A 783 0.61 -55.52 -22.27
CA MET A 783 -0.42 -54.79 -21.56
C MET A 783 -0.37 -55.15 -20.09
N VAL A 784 -0.29 -54.14 -19.24
CA VAL A 784 -0.22 -54.34 -17.79
C VAL A 784 -1.18 -53.39 -17.11
N GLU A 785 -1.86 -53.90 -16.08
CA GLU A 785 -2.66 -53.01 -15.23
C GLU A 785 -1.75 -52.01 -14.56
N PHE A 786 -2.14 -50.74 -14.60
CA PHE A 786 -1.29 -49.66 -14.16
C PHE A 786 -1.91 -48.94 -12.96
N LYS A 787 -1.06 -48.53 -12.03
CA LYS A 787 -1.47 -47.75 -10.87
C LYS A 787 -0.49 -46.61 -10.67
N GLN A 788 -0.97 -45.54 -10.06
CA GLN A 788 -0.12 -44.39 -9.78
C GLN A 788 0.49 -44.49 -8.40
N LEU A 789 1.39 -43.56 -8.11
CA LEU A 789 1.98 -43.48 -6.78
C LEU A 789 0.93 -43.07 -5.76
N PRO A 790 1.12 -43.41 -4.50
CA PRO A 790 0.12 -43.06 -3.49
C PRO A 790 -0.10 -41.56 -3.40
N LYS A 791 -1.34 -41.17 -3.09
CA LYS A 791 -1.68 -39.77 -3.01
C LYS A 791 -0.84 -39.07 -1.95
N SER A 792 -0.35 -37.88 -2.30
CA SER A 792 0.45 -37.09 -1.40
C SER A 792 -0.06 -35.65 -1.41
N HIS A 793 0.14 -34.96 -0.28
CA HIS A 793 -0.27 -33.57 -0.18
C HIS A 793 0.67 -32.70 -1.01
N ALA A 794 0.30 -32.46 -2.26
CA ALA A 794 1.19 -31.73 -3.16
C ALA A 794 1.25 -30.25 -2.80
N LYS A 795 2.45 -29.71 -2.78
CA LYS A 795 2.65 -28.29 -2.54
C LYS A 795 2.59 -27.56 -3.88
N SER A 796 2.96 -26.28 -3.89
CA SER A 796 2.92 -25.48 -5.12
C SER A 796 4.12 -24.55 -5.14
N MET A 797 5.23 -25.03 -5.71
CA MET A 797 6.37 -24.18 -6.03
C MET A 797 7.24 -24.93 -7.03
N ILE A 798 7.99 -24.17 -7.82
CA ILE A 798 8.75 -24.76 -8.92
C ILE A 798 9.82 -25.68 -8.37
N LEU A 799 10.19 -26.67 -9.17
CA LEU A 799 11.15 -27.68 -8.74
C LEU A 799 12.57 -27.17 -8.95
N SER A 800 13.51 -27.90 -8.36
CA SER A 800 14.92 -27.58 -8.50
C SER A 800 15.44 -27.99 -9.88
N GLY A 801 16.51 -27.34 -10.31
CA GLY A 801 17.13 -27.67 -11.57
C GLY A 801 16.40 -27.20 -12.80
N LEU A 802 15.37 -26.37 -12.64
CA LEU A 802 14.61 -25.92 -13.79
C LEU A 802 15.38 -24.88 -14.58
N ILE A 803 15.29 -24.95 -15.89
CA ILE A 803 15.93 -24.01 -16.80
C ILE A 803 14.84 -23.16 -17.45
N PRO A 804 14.82 -21.85 -17.24
CA PRO A 804 13.79 -21.02 -17.86
C PRO A 804 14.03 -20.90 -19.36
N HIS A 805 12.93 -20.68 -20.08
CA HIS A 805 13.02 -20.45 -21.52
C HIS A 805 13.47 -19.03 -21.79
N LEU A 806 13.80 -18.77 -23.05
CA LEU A 806 14.24 -17.43 -23.44
C LEU A 806 13.04 -16.50 -23.44
N ARG A 807 13.20 -15.33 -22.83
CA ARG A 807 12.08 -14.41 -22.62
C ARG A 807 11.55 -13.88 -23.95
N ARG A 808 10.22 -13.84 -24.07
CA ARG A 808 9.57 -13.38 -25.28
C ARG A 808 9.21 -11.91 -25.26
N LEU A 809 9.37 -11.22 -24.14
CA LEU A 809 8.97 -9.83 -24.00
C LEU A 809 10.21 -8.97 -23.78
N THR A 810 10.33 -7.89 -24.57
CA THR A 810 11.45 -6.97 -24.45
C THR A 810 10.90 -5.56 -24.24
N GLN A 811 10.56 -5.24 -23.00
CA GLN A 811 10.33 -3.88 -22.54
C GLN A 811 9.19 -3.16 -23.28
N GLU A 812 8.59 -3.82 -24.26
CA GLU A 812 7.51 -3.21 -25.03
C GLU A 812 6.14 -3.60 -24.48
N ASP A 813 5.86 -4.90 -24.41
CA ASP A 813 4.67 -5.35 -23.72
C ASP A 813 4.78 -5.15 -22.22
N LYS A 814 6.01 -5.01 -21.70
CA LYS A 814 6.18 -4.69 -20.29
C LYS A 814 5.51 -3.36 -19.96
N ASP A 815 5.70 -2.35 -20.80
CA ASP A 815 5.02 -1.08 -20.60
C ASP A 815 3.54 -1.20 -20.95
N SER A 816 3.23 -1.86 -22.06
CA SER A 816 1.85 -1.90 -22.54
C SER A 816 0.92 -2.64 -21.58
N ILE A 817 1.47 -3.43 -20.65
CA ILE A 817 0.64 -4.09 -19.66
C ILE A 817 0.62 -3.33 -18.34
N LEU A 818 1.66 -2.56 -18.03
CA LEU A 818 1.67 -1.78 -16.80
C LEU A 818 0.74 -0.57 -16.91
N TYR A 819 0.69 0.06 -18.07
CA TYR A 819 -0.06 1.29 -18.25
C TYR A 819 -1.11 1.20 -19.34
N GLY A 820 -1.35 0.01 -19.90
CA GLY A 820 -2.29 -0.09 -21.01
C GLY A 820 -3.71 0.27 -20.62
N GLY A 821 -4.18 -0.26 -19.49
CA GLY A 821 -5.52 0.03 -19.03
C GLY A 821 -6.59 -0.66 -19.85
N THR A 822 -6.75 -0.24 -21.10
CA THR A 822 -7.72 -0.82 -22.02
C THR A 822 -7.06 -0.95 -23.39
N ASN A 823 -6.66 -2.16 -23.74
CA ASN A 823 -6.02 -2.45 -25.03
C ASN A 823 -6.75 -3.65 -25.63
N PHE A 824 -7.81 -3.38 -26.40
CA PHE A 824 -8.65 -4.40 -27.00
C PHE A 824 -8.89 -4.08 -28.48
N TYR A 825 -7.82 -3.78 -29.19
CA TYR A 825 -7.91 -3.43 -30.60
C TYR A 825 -6.83 -4.14 -31.42
N GLU A 834 0.41 -15.40 -37.54
CA GLU A 834 0.91 -14.65 -38.69
C GLU A 834 2.34 -14.18 -38.45
N ASN A 835 2.79 -14.30 -37.20
CA ASN A 835 4.12 -13.85 -36.81
C ASN A 835 5.14 -14.95 -37.10
N ALA A 836 6.35 -14.79 -36.57
CA ALA A 836 7.44 -15.71 -36.84
C ALA A 836 7.14 -17.09 -36.22
N ASP A 837 8.09 -18.01 -36.39
CA ASP A 837 7.92 -19.35 -35.86
C ASP A 837 7.85 -19.34 -34.33
N PHE A 838 8.74 -18.59 -33.69
CA PHE A 838 8.83 -18.52 -32.23
C PHE A 838 9.02 -19.88 -31.59
N LYS A 839 9.65 -20.82 -32.28
CA LYS A 839 9.90 -22.13 -31.69
C LYS A 839 11.05 -22.08 -30.70
N GLN A 840 11.99 -21.15 -30.89
CA GLN A 840 13.13 -21.03 -29.99
C GLN A 840 12.73 -20.51 -28.61
N TYR A 841 11.52 -20.01 -28.45
CA TYR A 841 11.04 -19.50 -27.18
C TYR A 841 10.26 -20.54 -26.38
N ILE A 842 10.25 -21.79 -26.81
CA ILE A 842 9.49 -22.85 -26.17
C ILE A 842 10.38 -23.71 -25.28
N GLY A 843 11.48 -24.21 -25.83
CA GLY A 843 12.36 -25.08 -25.09
C GLY A 843 13.14 -24.35 -24.02
N PRO A 844 13.73 -25.09 -23.10
CA PRO A 844 14.55 -24.47 -22.06
C PRO A 844 15.87 -23.94 -22.60
N HIS A 845 15.84 -22.73 -23.16
CA HIS A 845 17.05 -22.13 -23.70
C HIS A 845 18.10 -21.98 -22.62
N GLY A 846 19.36 -22.22 -22.98
CA GLY A 846 20.45 -22.19 -22.03
C GLY A 846 20.54 -23.48 -21.25
N LYS A 847 21.52 -23.51 -20.34
CA LYS A 847 21.75 -24.68 -19.51
C LYS A 847 21.87 -24.37 -18.02
N SER A 848 22.05 -23.11 -17.64
CA SER A 848 22.19 -22.77 -16.24
C SER A 848 20.82 -22.69 -15.56
N GLN A 849 20.75 -23.22 -14.34
CA GLN A 849 19.53 -23.08 -13.56
C GLN A 849 19.25 -21.62 -13.21
N TYR A 850 20.30 -20.83 -13.02
CA TYR A 850 20.20 -19.42 -12.68
C TYR A 850 20.57 -18.58 -13.89
N LEU A 851 20.45 -17.27 -13.75
CA LEU A 851 20.71 -16.39 -14.87
C LEU A 851 21.76 -15.34 -14.51
N PRO A 852 22.59 -14.92 -15.46
CA PRO A 852 23.61 -13.92 -15.15
C PRO A 852 22.98 -12.60 -14.74
N ARG A 853 23.61 -11.93 -13.78
CA ARG A 853 23.07 -10.68 -13.27
C ARG A 853 24.15 -9.94 -12.49
N GLN A 854 24.33 -8.67 -12.81
CA GLN A 854 25.12 -7.74 -12.01
C GLN A 854 26.52 -8.24 -11.70
N GLY A 855 26.72 -8.83 -10.52
CA GLY A 855 28.05 -9.13 -10.02
C GLY A 855 28.51 -10.54 -10.26
N GLY A 856 27.84 -11.27 -11.14
CA GLY A 856 28.27 -12.61 -11.46
C GLY A 856 29.61 -12.63 -12.19
N TYR A 857 30.43 -13.63 -11.87
CA TYR A 857 31.72 -13.77 -12.53
C TYR A 857 31.55 -13.95 -14.04
N LYS A 858 30.65 -14.85 -14.43
CA LYS A 858 30.34 -15.01 -15.85
C LYS A 858 29.75 -13.73 -16.41
N ALA A 859 28.87 -13.08 -15.65
CA ALA A 859 28.28 -11.83 -16.11
C ALA A 859 29.35 -10.76 -16.29
N PHE A 860 30.28 -10.66 -15.34
CA PHE A 860 31.35 -9.67 -15.45
C PHE A 860 32.20 -9.93 -16.68
N ILE A 861 32.50 -11.20 -16.97
CA ILE A 861 33.20 -11.53 -18.20
C ILE A 861 32.35 -11.17 -19.41
N GLN A 862 31.06 -11.46 -19.34
CA GLN A 862 30.18 -11.21 -20.49
C GLN A 862 30.06 -9.71 -20.77
N ILE A 863 29.89 -8.89 -19.73
CA ILE A 863 29.70 -7.46 -19.93
C ILE A 863 30.94 -6.84 -20.56
N HIS A 864 32.11 -7.19 -20.04
CA HIS A 864 33.37 -6.66 -20.57
C HIS A 864 34.54 -7.53 -20.13
N MET B 4 70.57 -35.18 17.33
CA MET B 4 70.31 -34.75 15.95
C MET B 4 69.12 -35.54 15.42
N SER B 5 67.98 -34.87 15.28
CA SER B 5 66.79 -35.50 14.73
C SER B 5 66.83 -35.44 13.21
N LYS B 6 66.60 -36.58 12.57
CA LYS B 6 66.71 -36.65 11.12
C LYS B 6 65.70 -35.74 10.44
N GLU B 7 66.17 -35.00 9.44
CA GLU B 7 65.33 -34.10 8.66
C GLU B 7 65.60 -34.33 7.18
N LYS B 8 64.52 -34.31 6.40
CA LYS B 8 64.62 -34.44 4.95
C LYS B 8 63.95 -33.24 4.29
N ILE B 9 64.51 -32.80 3.17
CA ILE B 9 64.11 -31.55 2.52
C ILE B 9 63.49 -31.87 1.17
N LEU B 10 62.31 -31.31 0.93
CA LEU B 10 61.67 -31.38 -0.39
C LEU B 10 61.58 -29.99 -1.00
N PRO B 11 62.31 -29.72 -2.08
CA PRO B 11 62.22 -28.40 -2.70
C PRO B 11 60.83 -28.14 -3.27
N LEU B 12 60.41 -26.88 -3.21
CA LEU B 12 59.08 -26.51 -3.68
C LEU B 12 58.92 -26.66 -5.18
N ALA B 13 60.01 -26.64 -5.94
CA ALA B 13 59.95 -26.72 -7.38
C ALA B 13 59.93 -28.15 -7.91
N ALA B 14 59.99 -29.14 -7.03
CA ALA B 14 60.00 -30.53 -7.46
C ALA B 14 58.70 -30.89 -8.16
N ARG B 15 58.81 -31.68 -9.23
CA ARG B 15 57.65 -32.13 -9.99
C ARG B 15 57.84 -33.59 -10.37
N SER B 16 56.72 -34.29 -10.56
CA SER B 16 56.73 -35.67 -11.03
C SER B 16 56.01 -35.71 -12.38
N LYS B 17 56.73 -36.18 -13.40
CA LYS B 17 56.17 -36.15 -14.75
C LYS B 17 55.04 -37.15 -14.91
N LYS B 18 55.19 -38.35 -14.32
CA LYS B 18 54.23 -39.44 -14.49
C LYS B 18 53.09 -39.38 -13.50
N ALA B 19 52.76 -38.20 -12.98
CA ALA B 19 51.72 -38.07 -11.97
C ALA B 19 50.35 -38.05 -12.64
N MET B 20 49.58 -39.11 -12.43
CA MET B 20 48.17 -39.13 -12.78
C MET B 20 47.38 -39.71 -11.61
N LEU B 21 46.17 -39.21 -11.42
CA LEU B 21 45.36 -39.54 -10.26
C LEU B 21 44.29 -40.56 -10.62
N ARG B 22 44.13 -41.57 -9.77
CA ARG B 22 43.08 -42.54 -9.96
C ARG B 22 41.71 -41.90 -9.71
N GLN B 23 40.68 -42.54 -10.25
CA GLN B 23 39.33 -42.01 -10.09
C GLN B 23 38.85 -42.22 -8.66
N PRO B 24 38.28 -41.20 -8.02
CA PRO B 24 37.77 -41.38 -6.66
C PRO B 24 36.60 -42.35 -6.63
N LYS B 25 36.40 -42.94 -5.46
CA LYS B 25 35.35 -43.93 -5.29
C LYS B 25 34.96 -43.98 -3.82
N GLN B 26 33.71 -43.62 -3.52
CA GLN B 26 33.24 -43.66 -2.14
C GLN B 26 33.12 -45.09 -1.66
N VAL B 27 33.52 -45.33 -0.41
CA VAL B 27 33.45 -46.67 0.16
C VAL B 27 32.56 -46.67 1.39
N ALA B 28 32.45 -45.53 2.07
CA ALA B 28 31.65 -45.44 3.27
C ALA B 28 31.33 -43.98 3.56
N TYR B 29 30.32 -43.77 4.40
CA TYR B 29 29.89 -42.43 4.77
C TYR B 29 29.54 -42.41 6.25
N PHE B 30 29.58 -41.22 6.83
CA PHE B 30 29.31 -41.05 8.25
C PHE B 30 28.46 -39.82 8.48
N SER B 31 27.71 -39.83 9.57
CA SER B 31 26.91 -38.69 10.01
C SER B 31 27.29 -38.35 11.43
N ARG B 32 27.72 -37.11 11.65
CA ARG B 32 28.22 -36.66 12.94
C ARG B 32 27.14 -35.83 13.63
N ASP B 33 26.62 -36.34 14.74
CA ASP B 33 25.61 -35.61 15.49
C ASP B 33 26.26 -34.49 16.30
N LEU B 34 25.44 -33.81 17.11
CA LEU B 34 25.95 -32.72 17.93
C LEU B 34 26.91 -33.22 19.00
N ASN B 35 26.73 -34.45 19.46
CA ASN B 35 27.55 -35.03 20.51
C ASN B 35 28.85 -35.63 19.98
N TYR B 36 29.27 -35.24 18.79
CA TYR B 36 30.51 -35.72 18.16
C TYR B 36 30.53 -37.23 17.99
N LYS B 37 29.35 -37.86 17.91
CA LYS B 37 29.25 -39.29 17.73
C LYS B 37 29.02 -39.60 16.26
N THR B 38 29.81 -40.53 15.73
CA THR B 38 29.79 -40.86 14.32
C THR B 38 28.96 -42.13 14.10
N HIS B 39 28.06 -42.07 13.13
CA HIS B 39 27.20 -43.20 12.83
C HIS B 39 27.18 -43.46 11.33
N PRO B 40 27.02 -44.71 10.92
CA PRO B 40 26.93 -45.03 9.49
C PRO B 40 25.50 -44.94 8.94
N ASP B 41 25.03 -43.71 8.79
CA ASP B 41 23.72 -43.46 8.21
C ASP B 41 23.76 -42.14 7.47
N ARG B 42 22.59 -41.63 7.09
CA ARG B 42 22.51 -40.42 6.28
C ARG B 42 21.55 -39.40 6.90
N SER B 43 21.45 -39.40 8.23
CA SER B 43 20.57 -38.42 8.89
C SER B 43 21.06 -37.00 8.64
N ASN B 44 22.38 -36.79 8.70
CA ASN B 44 22.94 -35.47 8.46
C ASN B 44 22.84 -35.04 7.01
N LEU B 45 22.48 -35.94 6.11
CA LEU B 45 22.41 -35.59 4.69
C LEU B 45 21.32 -34.56 4.45
N SER B 46 21.62 -33.60 3.57
CA SER B 46 20.69 -32.56 3.18
C SER B 46 20.53 -32.57 1.66
N TYR B 47 19.48 -31.91 1.19
CA TYR B 47 19.13 -31.94 -0.22
C TYR B 47 19.08 -30.52 -0.75
N TYR B 48 19.70 -30.29 -1.91
CA TYR B 48 19.79 -28.96 -2.47
C TYR B 48 18.44 -28.49 -2.97
N TYR B 49 18.17 -27.20 -2.77
CA TYR B 49 16.94 -26.58 -3.26
C TYR B 49 17.11 -25.07 -3.23
N LEU B 50 17.10 -24.44 -4.41
CA LEU B 50 17.27 -22.99 -4.44
C LEU B 50 16.72 -22.40 -5.74
N PRO B 51 15.43 -22.07 -5.77
CA PRO B 51 14.87 -21.45 -6.98
C PRO B 51 15.28 -19.99 -7.10
N ASP B 52 14.95 -19.41 -8.25
CA ASP B 52 15.35 -18.03 -8.52
C ASP B 52 14.63 -17.04 -7.63
N GLY B 53 13.38 -17.32 -7.26
CA GLY B 53 12.62 -16.37 -6.46
C GLY B 53 13.31 -16.01 -5.17
N ASP B 54 13.96 -16.99 -4.54
CA ASP B 54 14.73 -16.71 -3.34
C ASP B 54 15.87 -15.74 -3.64
N ILE B 55 16.49 -15.87 -4.81
CA ILE B 55 17.53 -14.94 -5.21
C ILE B 55 16.96 -13.54 -5.35
N ASP B 56 15.80 -13.42 -5.98
CA ASP B 56 15.17 -12.10 -6.09
C ASP B 56 14.72 -11.55 -4.75
N ASN B 57 14.52 -12.41 -3.75
CA ASN B 57 14.08 -11.93 -2.44
C ASN B 57 15.16 -11.16 -1.69
N SER B 58 16.41 -11.18 -2.16
CA SER B 58 17.52 -10.49 -1.53
C SER B 58 17.69 -10.93 -0.07
N ILE B 59 17.99 -12.21 0.09
CA ILE B 59 18.15 -12.78 1.42
C ILE B 59 19.40 -12.22 2.08
N ASP B 60 19.26 -11.81 3.34
CA ASP B 60 20.40 -11.38 4.13
C ASP B 60 21.06 -12.58 4.80
N LEU B 61 22.37 -12.48 5.00
CA LEU B 61 23.14 -13.59 5.56
C LEU B 61 23.58 -13.35 6.99
N SER B 62 23.80 -12.10 7.39
CA SER B 62 24.25 -11.81 8.75
C SER B 62 23.18 -12.11 9.80
N VAL B 63 21.92 -12.29 9.39
CA VAL B 63 20.86 -12.54 10.35
C VAL B 63 21.11 -13.86 11.08
N GLY B 64 20.93 -13.84 12.40
CA GLY B 64 21.08 -15.03 13.21
C GLY B 64 22.47 -15.28 13.73
N SER B 65 23.44 -14.44 13.38
CA SER B 65 24.82 -14.65 13.86
C SER B 65 24.94 -14.55 15.36
N LYS B 66 23.97 -13.91 16.03
CA LYS B 66 24.06 -13.73 17.47
C LYS B 66 24.03 -15.08 18.19
N HIS B 67 23.17 -15.99 17.75
CA HIS B 67 23.03 -17.30 18.38
C HIS B 67 23.69 -18.40 17.56
N PHE B 68 24.82 -18.10 16.94
CA PHE B 68 25.56 -19.09 16.16
C PHE B 68 26.54 -19.84 17.07
N LEU B 69 26.49 -21.16 17.00
CA LEU B 69 27.40 -22.00 17.77
C LEU B 69 28.76 -22.07 17.09
N LEU B 70 29.68 -22.79 17.73
CA LEU B 70 30.99 -23.06 17.16
C LEU B 70 31.49 -24.39 17.71
N GLY B 71 32.32 -25.07 16.92
CA GLY B 71 32.84 -26.36 17.28
C GLY B 71 34.27 -26.31 17.74
N ASP B 72 34.66 -27.35 18.49
CA ASP B 72 36.04 -27.45 18.97
C ASP B 72 36.95 -27.93 17.85
N SER B 73 38.03 -27.17 17.61
CA SER B 73 38.92 -27.48 16.50
C SER B 73 39.54 -28.86 16.66
N VAL B 74 40.00 -29.18 17.88
CA VAL B 74 40.60 -30.49 18.11
C VAL B 74 39.58 -31.60 17.91
N GLU B 75 38.36 -31.40 18.40
CA GLU B 75 37.32 -32.41 18.23
C GLU B 75 37.03 -32.66 16.76
N LEU B 76 36.93 -31.58 15.97
CA LEU B 76 36.68 -31.73 14.54
C LEU B 76 37.84 -32.42 13.84
N SER B 77 39.07 -32.07 14.21
CA SER B 77 40.24 -32.64 13.54
C SER B 77 40.47 -34.10 13.90
N LYS B 78 39.74 -34.65 14.86
CA LYS B 78 39.93 -36.03 15.25
C LYS B 78 39.70 -36.98 14.08
N LEU B 79 40.57 -37.97 13.95
CA LEU B 79 40.42 -39.01 12.95
C LEU B 79 39.44 -40.09 13.38
N ASP B 80 38.66 -39.85 14.43
CA ASP B 80 37.75 -40.85 14.94
C ASP B 80 36.76 -41.37 13.89
N PRO B 81 36.05 -40.52 13.13
CA PRO B 81 35.08 -41.09 12.18
C PRO B 81 35.73 -41.88 11.06
N ILE B 82 36.83 -41.37 10.51
CA ILE B 82 37.51 -42.08 9.43
C ILE B 82 37.98 -43.43 9.93
N LEU B 83 38.56 -43.48 11.12
CA LEU B 83 39.06 -44.74 11.66
C LEU B 83 37.92 -45.69 12.00
N LEU B 84 36.79 -45.17 12.47
CA LEU B 84 35.63 -46.02 12.72
C LEU B 84 35.14 -46.65 11.42
N ALA B 85 35.06 -45.85 10.37
CA ALA B 85 34.63 -46.39 9.08
C ALA B 85 35.63 -47.41 8.55
N LEU B 86 36.92 -47.15 8.72
CA LEU B 86 37.93 -48.11 8.31
C LEU B 86 37.81 -49.41 9.08
N LYS B 87 37.56 -49.31 10.39
CA LYS B 87 37.38 -50.51 11.21
C LYS B 87 36.19 -51.31 10.73
N GLU B 88 35.08 -50.64 10.42
CA GLU B 88 33.91 -51.35 9.90
C GLU B 88 34.23 -52.01 8.57
N ILE B 89 34.92 -51.30 7.68
CA ILE B 89 35.24 -51.84 6.37
C ILE B 89 36.08 -53.09 6.51
N GLU B 90 37.08 -53.05 7.39
CA GLU B 90 37.89 -54.25 7.63
C GLU B 90 37.10 -55.34 8.33
N LYS B 91 36.14 -54.95 9.18
CA LYS B 91 35.38 -55.94 9.96
C LYS B 91 34.51 -56.80 9.05
N GLU B 92 33.72 -56.17 8.18
CA GLU B 92 33.00 -56.99 7.20
C GLU B 92 33.85 -57.46 6.04
N SER B 93 35.02 -56.85 5.82
CA SER B 93 35.92 -57.36 4.79
C SER B 93 36.67 -58.59 5.26
N GLY B 94 37.04 -58.63 6.54
CA GLY B 94 37.81 -59.72 7.08
C GLY B 94 39.30 -59.62 6.87
N ALA B 95 39.79 -58.52 6.30
CA ALA B 95 41.22 -58.36 6.05
C ALA B 95 41.55 -56.88 6.02
N LYS B 96 42.84 -56.59 6.18
CA LYS B 96 43.32 -55.21 6.11
C LYS B 96 43.24 -54.69 4.68
N THR B 97 42.97 -53.39 4.56
CA THR B 97 42.88 -52.75 3.26
C THR B 97 44.27 -52.51 2.68
N LYS B 98 44.30 -52.11 1.41
CA LYS B 98 45.54 -51.81 0.72
C LYS B 98 45.92 -50.34 0.79
N ASP B 99 45.17 -49.53 1.55
CA ASP B 99 45.47 -48.11 1.63
C ASP B 99 46.79 -47.86 2.33
N ARG B 100 47.44 -46.76 1.96
CA ARG B 100 48.74 -46.37 2.49
C ARG B 100 48.69 -45.12 3.35
N ILE B 101 47.92 -44.11 2.94
CA ILE B 101 47.82 -42.84 3.65
C ILE B 101 46.38 -42.59 4.03
N ILE B 102 46.15 -42.23 5.29
CA ILE B 102 44.83 -41.91 5.80
C ILE B 102 44.88 -40.52 6.40
N THR B 103 43.96 -39.65 5.98
CA THR B 103 43.98 -38.26 6.40
C THR B 103 42.65 -37.60 6.04
N TRP B 104 42.46 -36.41 6.58
CA TRP B 104 41.33 -35.58 6.18
C TRP B 104 41.65 -34.89 4.85
N ARG B 105 40.60 -34.42 4.19
CA ARG B 105 40.76 -33.79 2.88
C ARG B 105 41.42 -32.43 3.00
N GLY B 106 41.19 -31.70 4.10
CA GLY B 106 41.73 -30.37 4.23
C GLY B 106 43.24 -30.34 4.21
N ILE B 107 43.87 -31.31 4.87
CA ILE B 107 45.33 -31.36 4.92
C ILE B 107 45.89 -31.53 3.52
N MET B 108 45.33 -32.47 2.75
CA MET B 108 45.78 -32.67 1.38
C MET B 108 45.57 -31.42 0.54
N ARG B 109 44.43 -30.74 0.72
CA ARG B 109 44.21 -29.51 -0.04
C ARG B 109 45.28 -28.47 0.30
N LYS B 110 45.57 -28.30 1.59
CA LYS B 110 46.56 -27.32 2.01
C LYS B 110 47.93 -27.64 1.42
N LEU B 111 48.33 -28.91 1.50
CA LEU B 111 49.67 -29.25 1.04
C LEU B 111 49.75 -29.26 -0.49
N LEU B 112 48.62 -29.49 -1.17
CA LEU B 112 48.63 -29.47 -2.62
C LEU B 112 48.67 -28.05 -3.16
N THR B 113 48.05 -27.11 -2.45
CA THR B 113 48.02 -25.73 -2.91
C THR B 113 49.31 -24.98 -2.63
N LEU B 114 50.26 -25.61 -1.93
CA LEU B 114 51.48 -24.91 -1.51
C LEU B 114 52.25 -24.23 -2.63
N PRO B 115 52.46 -24.84 -3.81
CA PRO B 115 53.26 -24.15 -4.84
C PRO B 115 52.69 -22.81 -5.25
N TYR B 116 51.40 -22.57 -5.09
CA TYR B 116 50.80 -21.30 -5.47
C TYR B 116 49.91 -20.68 -4.40
N ASP B 117 49.57 -21.41 -3.35
CA ASP B 117 48.74 -20.91 -2.25
C ASP B 117 49.32 -21.47 -0.96
N SER B 118 50.25 -20.73 -0.37
CA SER B 118 50.98 -21.19 0.81
C SER B 118 51.19 -20.04 1.79
N GLU B 119 50.13 -19.26 2.00
CA GLU B 119 50.20 -18.07 2.84
C GLU B 119 49.77 -18.32 4.28
N GLU B 120 49.71 -19.58 4.70
CA GLU B 120 49.42 -19.94 6.08
C GLU B 120 50.36 -21.05 6.51
N ASP B 121 50.73 -21.03 7.78
CA ASP B 121 51.63 -22.03 8.33
C ASP B 121 50.84 -23.11 9.06
N PHE B 122 51.45 -24.28 9.16
CA PHE B 122 50.76 -25.44 9.72
C PHE B 122 51.79 -26.44 10.21
N VAL B 123 51.38 -27.26 11.17
CA VAL B 123 52.18 -28.36 11.68
C VAL B 123 51.34 -29.64 11.57
N LEU B 124 51.88 -30.64 10.90
CA LEU B 124 51.16 -31.87 10.64
C LEU B 124 51.90 -33.06 11.24
N ASP B 125 51.14 -34.05 11.69
CA ASP B 125 51.68 -35.21 12.36
C ASP B 125 51.61 -36.41 11.43
N VAL B 126 52.68 -37.20 11.40
CA VAL B 126 52.75 -38.41 10.59
C VAL B 126 52.99 -39.58 11.53
N VAL B 127 52.10 -40.57 11.47
CA VAL B 127 52.16 -41.74 12.33
C VAL B 127 52.21 -42.97 11.45
N SER B 128 53.29 -43.74 11.55
CA SER B 128 53.47 -44.95 10.74
C SER B 128 53.08 -46.16 11.59
N PHE B 129 51.77 -46.36 11.73
CA PHE B 129 51.23 -47.47 12.51
C PHE B 129 50.70 -48.54 11.55
N ASP B 130 51.12 -49.78 11.77
CA ASP B 130 50.66 -50.93 10.98
C ASP B 130 50.95 -50.74 9.49
N GLY B 131 52.02 -50.02 9.16
CA GLY B 131 52.41 -49.84 7.78
C GLY B 131 51.65 -48.78 7.02
N GLN B 132 50.67 -48.13 7.64
CA GLN B 132 49.88 -47.09 6.99
C GLN B 132 50.08 -45.78 7.72
N LEU B 133 50.45 -44.74 6.98
CA LEU B 133 50.71 -43.43 7.57
C LEU B 133 49.39 -42.72 7.83
N PHE B 134 49.20 -42.25 9.06
CA PHE B 134 48.02 -41.51 9.46
C PHE B 134 48.42 -40.07 9.69
N ILE B 135 47.74 -39.15 9.02
CA ILE B 135 48.12 -37.74 8.99
C ILE B 135 47.02 -36.92 9.64
N GLN B 136 47.41 -36.00 10.52
CA GLN B 136 46.46 -35.11 11.16
C GLN B 136 47.22 -33.89 11.68
N PHE B 137 46.47 -32.85 12.02
CA PHE B 137 47.09 -31.62 12.52
C PHE B 137 47.76 -31.85 13.86
N ASN B 138 48.75 -31.00 14.15
CA ASN B 138 49.45 -31.05 15.43
C ASN B 138 48.57 -30.41 16.51
N VAL B 139 48.30 -31.17 17.58
CA VAL B 139 47.41 -30.68 18.62
C VAL B 139 47.92 -29.40 19.27
N PRO B 140 49.19 -29.28 19.66
CA PRO B 140 49.67 -27.97 20.11
C PRO B 140 49.51 -26.87 19.07
N TYR B 141 49.76 -27.20 17.80
CA TYR B 141 49.51 -26.23 16.75
C TYR B 141 48.03 -25.87 16.66
N LEU B 142 47.17 -26.88 16.86
CA LEU B 142 45.74 -26.61 16.86
C LEU B 142 45.35 -25.66 17.99
N LYS B 143 45.91 -25.86 19.19
CA LYS B 143 45.58 -24.98 20.30
C LYS B 143 46.11 -23.57 20.07
N SER B 144 47.32 -23.46 19.52
CA SER B 144 47.85 -22.13 19.19
C SER B 144 46.97 -21.44 18.16
N LYS B 145 46.55 -22.18 17.12
CA LYS B 145 45.69 -21.63 16.09
C LYS B 145 44.35 -21.21 16.69
N ASP B 146 43.84 -21.99 17.64
CA ASP B 146 42.61 -21.61 18.33
C ASP B 146 42.80 -20.32 19.11
N VAL B 147 43.96 -20.14 19.73
CA VAL B 147 44.25 -18.90 20.43
C VAL B 147 44.22 -17.72 19.46
N GLN B 148 44.91 -17.87 18.33
CA GLN B 148 44.92 -16.78 17.36
C GLN B 148 43.53 -16.50 16.82
N LYS B 149 42.75 -17.55 16.54
CA LYS B 149 41.40 -17.39 16.02
C LYS B 149 40.52 -16.67 17.04
N GLN B 150 40.67 -17.00 18.32
CA GLN B 150 39.96 -16.26 19.35
C GLN B 150 40.40 -14.80 19.38
N GLY B 151 41.67 -14.54 19.07
CA GLY B 151 42.13 -13.18 18.94
C GLY B 151 42.16 -12.70 17.49
N ASP B 152 41.14 -13.07 16.71
CA ASP B 152 41.07 -12.76 15.29
C ASP B 152 39.84 -11.92 14.95
N THR B 153 39.55 -10.93 15.79
CA THR B 153 38.47 -9.96 15.57
C THR B 153 37.14 -10.71 15.42
N GLU B 154 36.20 -10.12 14.68
CA GLU B 154 34.91 -10.73 14.45
C GLU B 154 34.46 -10.68 13.00
N PHE B 155 35.17 -9.96 12.13
CA PHE B 155 34.79 -9.89 10.72
C PHE B 155 34.91 -11.24 10.04
N HIS B 156 35.97 -11.98 10.33
CA HIS B 156 36.13 -13.31 9.76
C HIS B 156 35.07 -14.27 10.30
N LYS B 157 34.70 -14.13 11.57
CA LYS B 157 33.58 -14.89 12.11
C LYS B 157 32.29 -14.55 11.37
N LYS B 158 32.09 -13.27 11.06
CA LYS B 158 30.91 -12.88 10.30
C LYS B 158 30.90 -13.53 8.92
N LEU B 159 32.06 -13.55 8.25
CA LEU B 159 32.14 -14.19 6.94
C LEU B 159 31.86 -15.68 7.03
N GLN B 160 32.42 -16.35 8.03
CA GLN B 160 32.18 -17.78 8.19
C GLN B 160 30.71 -18.06 8.45
N PHE B 161 30.08 -17.26 9.30
CA PHE B 161 28.65 -17.44 9.53
C PHE B 161 27.84 -17.15 8.27
N SER B 162 28.27 -16.18 7.47
CA SER B 162 27.59 -15.93 6.21
C SER B 162 27.63 -17.16 5.32
N GLY B 163 28.80 -17.79 5.23
CA GLY B 163 28.91 -19.02 4.45
C GLY B 163 28.00 -20.11 4.96
N TYR B 164 28.00 -20.32 6.28
CA TYR B 164 27.17 -21.39 6.84
C TYR B 164 25.69 -21.09 6.69
N LYS B 165 25.29 -19.83 6.85
CA LYS B 165 23.90 -19.46 6.65
C LYS B 165 23.47 -19.66 5.21
N PHE B 166 24.35 -19.32 4.26
CA PHE B 166 24.03 -19.55 2.86
C PHE B 166 23.88 -21.03 2.57
N GLU B 167 24.73 -21.86 3.18
CA GLU B 167 24.55 -23.30 3.05
C GLU B 167 23.21 -23.74 3.62
N LYS B 168 22.83 -23.20 4.78
CA LYS B 168 21.61 -23.64 5.43
C LYS B 168 20.37 -23.20 4.66
N MET B 169 20.41 -22.03 4.03
CA MET B 169 19.24 -21.52 3.34
C MET B 169 18.94 -22.25 2.05
N ALA B 170 19.86 -23.06 1.55
CA ALA B 170 19.69 -23.75 0.27
C ALA B 170 19.75 -25.26 0.44
N THR B 171 19.28 -25.78 1.57
CA THR B 171 19.29 -27.21 1.83
C THR B 171 17.97 -27.61 2.46
N LEU B 172 17.66 -28.90 2.39
CA LEU B 172 16.43 -29.42 2.95
C LEU B 172 16.71 -30.72 3.73
N PRO B 173 16.08 -30.89 4.89
CA PRO B 173 16.29 -32.13 5.65
C PRO B 173 15.84 -33.38 4.92
N LYS B 174 14.81 -33.27 4.08
CA LYS B 174 14.24 -34.39 3.35
C LYS B 174 14.15 -34.03 1.89
N PRO B 175 13.99 -35.01 1.00
CA PRO B 175 13.77 -34.69 -0.41
C PRO B 175 12.51 -33.85 -0.58
N TRP B 176 12.53 -33.01 -1.62
CA TRP B 176 11.45 -32.05 -1.83
C TRP B 176 10.05 -32.65 -1.81
N PRO B 177 9.77 -33.80 -2.43
CA PRO B 177 8.41 -34.33 -2.34
C PRO B 177 7.94 -34.61 -0.92
N GLU B 178 8.83 -35.07 -0.06
CA GLU B 178 8.42 -35.46 1.29
C GLU B 178 8.27 -34.27 2.23
N CYS B 179 8.82 -33.10 1.88
CA CYS B 179 8.79 -31.98 2.79
C CYS B 179 7.40 -31.35 2.85
N THR B 180 7.18 -30.55 3.89
CA THR B 180 5.97 -29.79 4.06
C THR B 180 6.29 -28.31 4.06
N ARG B 181 5.26 -27.48 3.89
CA ARG B 181 5.47 -26.04 3.76
C ARG B 181 6.14 -25.45 5.00
N LYS B 182 5.72 -25.89 6.18
CA LYS B 182 6.21 -25.28 7.42
C LYS B 182 7.71 -25.46 7.57
N GLU B 183 8.22 -26.65 7.27
CA GLU B 183 9.65 -26.87 7.37
C GLU B 183 10.41 -26.26 6.20
N ILE B 184 9.77 -26.11 5.05
CA ILE B 184 10.47 -25.48 3.93
C ILE B 184 10.67 -23.99 4.17
N ASP B 185 9.66 -23.32 4.72
CA ASP B 185 9.74 -21.87 4.87
C ASP B 185 10.29 -21.44 6.23
N SER B 186 10.60 -22.38 7.12
CA SER B 186 11.16 -22.05 8.42
C SER B 186 12.67 -22.22 8.46
N ARG B 187 13.32 -22.26 7.29
CA ARG B 187 14.77 -22.40 7.26
C ARG B 187 15.45 -21.19 7.89
N ALA B 188 14.91 -20.00 7.67
CA ALA B 188 15.50 -18.79 8.22
C ALA B 188 15.46 -18.77 9.75
N LYS B 189 14.56 -19.54 10.36
CA LYS B 189 14.44 -19.60 11.81
C LYS B 189 15.30 -20.70 12.43
N SER B 190 16.09 -21.40 11.63
CA SER B 190 16.92 -22.47 12.16
C SER B 190 18.18 -21.93 12.81
N LYS B 191 18.69 -22.67 13.79
CA LYS B 191 19.88 -22.28 14.53
C LYS B 191 21.10 -22.91 13.85
N CYS B 192 21.89 -22.08 13.19
CA CYS B 192 23.06 -22.58 12.48
C CYS B 192 24.14 -23.03 13.44
N ASN B 193 24.88 -24.07 13.06
CA ASN B 193 25.99 -24.57 13.83
C ASN B 193 26.97 -25.27 12.90
N ASN B 194 28.22 -25.35 13.31
CA ASN B 194 29.26 -25.99 12.53
C ASN B 194 29.63 -27.37 13.03
N ILE B 195 28.85 -27.93 13.95
CA ILE B 195 29.15 -29.24 14.51
C ILE B 195 28.51 -30.32 13.65
N GLU B 196 27.20 -30.25 13.48
CA GLU B 196 26.49 -31.23 12.67
C GLU B 196 26.96 -31.13 11.21
N GLN B 197 27.29 -32.29 10.63
CA GLN B 197 27.77 -32.32 9.27
C GLN B 197 27.67 -33.74 8.74
N TYR B 198 27.77 -33.87 7.42
CA TYR B 198 27.76 -35.14 6.74
C TYR B 198 29.01 -35.26 5.88
N GLY B 199 29.71 -36.38 5.99
CA GLY B 199 30.93 -36.59 5.24
C GLY B 199 30.97 -37.99 4.65
N ALA B 200 31.93 -38.19 3.76
CA ALA B 200 32.08 -39.46 3.06
C ALA B 200 33.54 -39.88 3.05
N ILE B 201 33.74 -41.19 2.92
CA ILE B 201 35.07 -41.78 2.90
C ILE B 201 35.33 -42.25 1.48
N VAL B 202 36.40 -41.74 0.87
CA VAL B 202 36.69 -41.95 -0.54
C VAL B 202 38.05 -42.61 -0.68
N ARG B 203 38.10 -43.67 -1.47
CA ARG B 203 39.36 -44.32 -1.83
C ARG B 203 39.90 -43.70 -3.11
N THR B 204 41.19 -43.37 -3.09
CA THR B 204 41.83 -42.72 -4.24
C THR B 204 43.32 -42.99 -4.15
N GLY B 205 44.10 -42.24 -4.90
CA GLY B 205 45.54 -42.33 -4.82
C GLY B 205 46.22 -41.95 -6.12
N ILE B 206 47.44 -41.45 -6.00
CA ILE B 206 48.24 -41.06 -7.15
C ILE B 206 49.38 -42.06 -7.31
N SER B 207 49.93 -42.10 -8.53
CA SER B 207 51.05 -42.99 -8.88
C SER B 207 50.61 -44.42 -8.58
N ARG B 208 51.35 -45.18 -7.78
CA ARG B 208 50.99 -46.56 -7.45
C ARG B 208 50.55 -46.70 -6.00
N ILE B 209 50.05 -45.62 -5.41
CA ILE B 209 49.75 -45.56 -3.98
C ILE B 209 48.25 -45.39 -3.82
N LYS B 210 47.64 -46.22 -2.97
CA LYS B 210 46.22 -46.13 -2.67
C LYS B 210 46.04 -45.26 -1.43
N ILE B 211 45.22 -44.21 -1.56
CA ILE B 211 45.02 -43.24 -0.49
C ILE B 211 43.55 -43.21 -0.13
N LEU B 212 43.26 -43.29 1.17
CA LEU B 212 41.90 -43.21 1.68
C LEU B 212 41.77 -41.91 2.47
N ILE B 213 40.82 -41.07 2.06
CA ILE B 213 40.62 -39.77 2.68
C ILE B 213 39.14 -39.53 2.91
N GLY B 214 38.85 -38.55 3.76
CA GLY B 214 37.48 -38.14 4.02
C GLY B 214 37.38 -36.63 4.01
N GLY B 215 36.17 -36.15 3.75
CA GLY B 215 35.96 -34.72 3.65
C GLY B 215 34.52 -34.36 3.92
N ALA B 216 34.25 -33.06 3.90
CA ALA B 216 32.93 -32.54 4.17
C ALA B 216 32.11 -32.45 2.89
N VAL B 217 30.86 -32.89 2.96
CA VAL B 217 29.94 -32.86 1.84
C VAL B 217 28.74 -32.02 2.25
N ALA B 218 28.43 -31.00 1.46
CA ALA B 218 27.33 -30.10 1.80
C ALA B 218 25.99 -30.80 1.63
N CYS B 219 25.67 -31.22 0.42
CA CYS B 219 24.38 -31.84 0.15
C CYS B 219 24.45 -32.59 -1.16
N THR B 220 23.47 -33.48 -1.36
CA THR B 220 23.29 -34.11 -2.66
C THR B 220 22.45 -33.19 -3.55
N ALA B 221 22.55 -33.41 -4.86
CA ALA B 221 21.88 -32.54 -5.81
C ALA B 221 20.36 -32.55 -5.62
N ASP B 222 19.74 -33.69 -5.86
CA ASP B 222 18.30 -33.83 -5.66
C ASP B 222 17.85 -35.13 -5.02
N TYR B 223 18.62 -36.21 -5.12
CA TYR B 223 18.35 -37.39 -4.30
C TYR B 223 19.63 -38.22 -4.23
N TYR B 224 19.65 -39.15 -3.29
CA TYR B 224 20.84 -39.96 -3.03
C TYR B 224 20.91 -41.11 -4.03
N ASP B 225 21.85 -41.05 -4.94
CA ASP B 225 22.07 -42.13 -5.91
C ASP B 225 22.95 -43.18 -5.26
N GLU B 226 22.35 -44.29 -4.85
CA GLU B 226 23.12 -45.33 -4.19
C GLU B 226 24.15 -45.97 -5.11
N ASN B 227 23.88 -45.97 -6.42
CA ASN B 227 24.81 -46.60 -7.36
C ASN B 227 26.09 -45.78 -7.50
N ASP B 228 25.98 -44.45 -7.54
CA ASP B 228 27.14 -43.57 -7.66
C ASP B 228 26.87 -42.29 -6.88
N PRO B 229 27.06 -42.32 -5.56
CA PRO B 229 26.79 -41.11 -4.77
C PRO B 229 27.63 -39.92 -5.17
N LEU B 230 28.86 -40.14 -5.64
CA LEU B 230 29.75 -39.03 -5.95
C LEU B 230 29.26 -38.16 -7.10
N SER B 231 28.34 -38.67 -7.91
CA SER B 231 27.85 -37.90 -9.06
C SER B 231 26.88 -36.80 -8.65
N ARG B 232 26.08 -37.03 -7.61
CA ARG B 232 25.05 -36.08 -7.20
C ARG B 232 25.51 -35.13 -6.11
N TYR B 233 26.75 -35.26 -5.63
CA TYR B 233 27.20 -34.41 -4.55
C TYR B 233 27.47 -33.00 -5.03
N ILE B 234 27.37 -32.04 -4.11
CA ILE B 234 27.56 -30.63 -4.41
C ILE B 234 27.93 -29.91 -3.12
N GLU B 235 28.85 -28.96 -3.22
CA GLU B 235 29.26 -28.15 -2.09
C GLU B 235 28.94 -26.68 -2.36
N LEU B 236 28.73 -25.93 -1.28
CA LEU B 236 28.28 -24.55 -1.34
C LEU B 236 29.36 -23.66 -0.73
N LYS B 237 29.66 -22.54 -1.39
CA LYS B 237 30.65 -21.60 -0.90
C LYS B 237 30.15 -20.19 -1.12
N THR B 238 30.76 -19.25 -0.42
CA THR B 238 30.40 -17.84 -0.50
C THR B 238 31.62 -17.00 -0.82
N THR B 239 31.40 -15.93 -1.58
CA THR B 239 32.48 -15.02 -1.95
C THR B 239 31.91 -13.63 -2.13
N ARG B 240 32.72 -12.63 -1.82
CA ARG B 240 32.33 -11.25 -2.05
C ARG B 240 32.15 -10.99 -3.53
N THR B 241 31.17 -10.15 -3.86
CA THR B 241 30.88 -9.85 -5.26
C THR B 241 32.08 -9.13 -5.90
N ILE B 242 32.32 -9.43 -7.16
CA ILE B 242 33.44 -8.88 -7.91
C ILE B 242 32.98 -7.66 -8.68
N ASN B 243 33.84 -6.64 -8.75
CA ASN B 243 33.53 -5.43 -9.50
C ASN B 243 34.71 -4.85 -10.27
N GLN B 244 35.90 -5.44 -10.19
CA GLN B 244 37.05 -4.89 -10.90
C GLN B 244 38.07 -6.01 -11.08
N TYR B 245 39.19 -5.66 -11.74
CA TYR B 245 40.18 -6.67 -12.12
C TYR B 245 40.80 -7.31 -10.89
N LYS B 246 41.10 -6.51 -9.86
CA LYS B 246 41.67 -7.07 -8.64
C LYS B 246 40.71 -8.05 -8.00
N ASP B 247 39.42 -7.73 -7.99
CA ASP B 247 38.42 -8.67 -7.52
C ASP B 247 38.45 -9.94 -8.33
N MET B 248 38.62 -9.82 -9.65
CA MET B 248 38.69 -11.00 -10.50
C MET B 248 39.90 -11.86 -10.15
N ILE B 249 41.04 -11.23 -9.88
CA ILE B 249 42.24 -12.00 -9.56
C ILE B 249 42.09 -12.72 -8.23
N ALA B 250 41.53 -12.03 -7.22
CA ALA B 250 41.26 -12.70 -5.95
C ALA B 250 40.29 -13.85 -6.14
N PHE B 251 39.28 -13.64 -6.99
CA PHE B 251 38.35 -14.71 -7.31
C PHE B 251 39.06 -15.89 -7.96
N GLU B 252 40.02 -15.60 -8.85
CA GLU B 252 40.75 -16.68 -9.51
C GLU B 252 41.54 -17.50 -8.49
N LYS B 253 42.17 -16.82 -7.53
CA LYS B 253 42.86 -17.55 -6.49
C LYS B 253 41.90 -18.41 -5.68
N LYS B 254 40.73 -17.85 -5.36
CA LYS B 254 39.73 -18.62 -4.62
C LYS B 254 39.28 -19.83 -5.42
N LEU B 255 39.10 -19.68 -6.73
CA LEU B 255 38.74 -20.81 -7.58
C LEU B 255 39.83 -21.85 -7.61
N PHE B 256 41.09 -21.44 -7.67
CA PHE B 256 42.17 -22.42 -7.61
C PHE B 256 42.08 -23.24 -6.33
N ARG B 257 41.93 -22.55 -5.20
CA ARG B 257 41.84 -23.26 -3.91
C ARG B 257 40.63 -24.18 -3.87
N THR B 258 39.48 -23.70 -4.32
CA THR B 258 38.27 -24.50 -4.26
C THR B 258 38.32 -25.67 -5.23
N TRP B 259 38.91 -25.47 -6.40
CA TRP B 259 39.06 -26.56 -7.35
C TRP B 259 39.93 -27.65 -6.78
N ALA B 260 41.00 -27.28 -6.08
CA ALA B 260 41.77 -28.31 -5.38
C ALA B 260 40.88 -29.00 -4.33
N GLN B 261 40.25 -28.21 -3.46
CA GLN B 261 39.34 -28.67 -2.42
C GLN B 261 38.38 -29.73 -2.92
N CYS B 262 37.88 -29.53 -4.14
CA CYS B 262 36.85 -30.37 -4.72
C CYS B 262 37.44 -31.54 -5.51
N PHE B 263 38.40 -31.27 -6.38
CA PHE B 263 38.98 -32.29 -7.23
C PHE B 263 39.69 -33.36 -6.42
N LEU B 264 40.15 -33.05 -5.21
CA LEU B 264 40.66 -34.10 -4.35
C LEU B 264 39.57 -35.13 -4.02
N LEU B 265 38.30 -34.76 -4.14
CA LEU B 265 37.22 -35.72 -4.00
C LEU B 265 36.47 -35.99 -5.30
N GLY B 266 36.70 -35.20 -6.34
CA GLY B 266 36.05 -35.44 -7.60
C GLY B 266 34.57 -35.10 -7.63
N ILE B 267 34.12 -34.22 -6.75
CA ILE B 267 32.72 -33.77 -6.81
C ILE B 267 32.52 -33.00 -8.11
N PRO B 268 31.44 -33.24 -8.87
CA PRO B 268 31.36 -32.63 -10.20
C PRO B 268 31.07 -31.14 -10.18
N LYS B 269 30.16 -30.68 -9.33
CA LYS B 269 29.62 -29.34 -9.42
C LYS B 269 30.13 -28.46 -8.29
N ILE B 270 30.08 -27.15 -8.52
CA ILE B 270 30.46 -26.15 -7.54
C ILE B 270 29.47 -24.99 -7.61
N ILE B 271 29.05 -24.50 -6.45
CA ILE B 271 28.12 -23.38 -6.37
C ILE B 271 28.73 -22.32 -5.45
N TYR B 272 28.71 -21.06 -5.90
CA TYR B 272 29.05 -19.93 -5.05
C TYR B 272 27.85 -19.04 -4.79
N GLY B 273 27.85 -18.45 -3.60
CA GLY B 273 26.93 -17.39 -3.26
C GLY B 273 27.66 -16.07 -3.25
N PHE B 274 27.26 -15.17 -4.14
CA PHE B 274 27.91 -13.88 -4.30
C PHE B 274 27.22 -12.88 -3.38
N ARG B 275 27.85 -12.57 -2.25
CA ARG B 275 27.30 -11.66 -1.28
C ARG B 275 28.07 -10.34 -1.31
N ASP B 276 27.39 -9.27 -0.91
CA ASP B 276 27.98 -7.94 -0.88
C ASP B 276 28.56 -7.69 0.52
N ASP B 277 29.00 -6.45 0.76
CA ASP B 277 29.53 -6.09 2.06
C ASP B 277 28.47 -6.03 3.14
N ASN B 278 27.19 -6.07 2.77
CA ASN B 278 26.10 -6.03 3.73
C ASN B 278 25.52 -7.40 4.04
N CYS B 279 26.24 -8.47 3.68
CA CYS B 279 25.78 -9.84 3.89
C CYS B 279 24.43 -10.10 3.21
N ILE B 280 24.26 -9.52 2.01
CA ILE B 280 23.07 -9.71 1.19
C ILE B 280 23.47 -10.52 -0.03
N LEU B 281 22.83 -11.67 -0.21
CA LEU B 281 23.12 -12.51 -1.36
C LEU B 281 22.59 -11.87 -2.62
N ARG B 282 23.49 -11.54 -3.55
CA ARG B 282 23.09 -10.89 -4.78
C ARG B 282 22.85 -11.90 -5.90
N THR B 283 23.86 -12.69 -6.24
CA THR B 283 23.79 -13.61 -7.36
C THR B 283 24.36 -14.96 -6.95
N VAL B 284 23.98 -15.99 -7.70
CA VAL B 284 24.52 -17.33 -7.52
C VAL B 284 24.76 -17.94 -8.91
N GLU B 285 25.95 -18.48 -9.13
CA GLU B 285 26.25 -19.16 -10.38
C GLU B 285 27.05 -20.42 -10.08
N GLU B 286 26.94 -21.38 -10.99
CA GLU B 286 27.47 -22.72 -10.79
C GLU B 286 28.75 -22.91 -11.60
N PHE B 287 29.35 -24.09 -11.43
CA PHE B 287 30.58 -24.46 -12.13
C PHE B 287 30.63 -25.96 -12.26
N SER B 288 31.48 -26.42 -13.17
CA SER B 288 31.80 -27.83 -13.31
C SER B 288 33.26 -28.05 -12.95
N THR B 289 33.54 -29.13 -12.22
CA THR B 289 34.88 -29.32 -11.68
C THR B 289 35.91 -29.42 -12.80
N ASN B 290 35.61 -30.17 -13.86
CA ASN B 290 36.59 -30.37 -14.91
C ASN B 290 36.78 -29.13 -15.77
N ASP B 291 35.75 -28.28 -15.86
CA ASP B 291 35.82 -27.12 -16.74
C ASP B 291 36.54 -25.94 -16.12
N ILE B 292 36.87 -26.01 -14.83
CA ILE B 292 37.50 -24.87 -14.16
C ILE B 292 38.84 -24.49 -14.78
N PRO B 293 39.79 -25.42 -14.98
CA PRO B 293 41.09 -24.98 -15.54
C PRO B 293 40.97 -24.37 -16.92
N LEU B 294 40.15 -24.95 -17.79
CA LEU B 294 39.97 -24.39 -19.13
C LEU B 294 39.32 -23.02 -19.07
N MET B 295 38.32 -22.86 -18.19
CA MET B 295 37.67 -21.57 -18.04
C MET B 295 38.66 -20.52 -17.55
N VAL B 296 39.53 -20.90 -16.61
CA VAL B 296 40.53 -19.96 -16.10
C VAL B 296 41.50 -19.57 -17.20
N LYS B 297 42.02 -20.55 -17.93
CA LYS B 297 43.04 -20.24 -18.93
C LYS B 297 42.46 -19.51 -20.12
N ASN B 298 41.17 -19.67 -20.39
CA ASN B 298 40.50 -18.98 -21.49
C ASN B 298 39.76 -17.75 -20.97
N ASN B 299 40.53 -16.80 -20.46
CA ASN B 299 39.97 -15.56 -19.93
C ASN B 299 40.19 -14.44 -20.94
N PRO B 300 39.13 -13.92 -21.57
CA PRO B 300 39.34 -12.81 -22.52
C PRO B 300 39.95 -11.57 -21.89
N LEU B 301 39.65 -11.30 -20.62
CA LEU B 301 40.19 -10.12 -19.96
C LEU B 301 41.71 -10.18 -19.86
N ASN B 302 42.24 -11.35 -19.53
CA ASN B 302 43.69 -11.58 -19.50
C ASN B 302 43.93 -12.94 -20.13
N GLU B 303 44.35 -12.94 -21.40
CA GLU B 303 44.44 -14.17 -22.17
C GLU B 303 45.46 -15.14 -21.56
N GLN B 304 46.74 -14.77 -21.58
CA GLN B 304 47.78 -15.66 -21.10
C GLN B 304 49.08 -14.90 -20.84
N PRO B 305 49.21 -14.20 -19.71
CA PRO B 305 50.52 -13.63 -19.37
C PRO B 305 51.61 -14.68 -19.27
N LYS B 306 51.28 -15.85 -18.75
CA LYS B 306 52.20 -16.99 -18.71
C LYS B 306 51.44 -18.25 -19.08
N LYS B 307 52.07 -19.13 -19.84
CA LYS B 307 51.44 -20.37 -20.25
C LYS B 307 51.59 -21.48 -19.21
N GLU B 308 52.37 -21.24 -18.16
CA GLU B 308 52.57 -22.24 -17.11
C GLU B 308 51.22 -22.61 -16.47
N ASN B 309 50.83 -23.88 -16.64
CA ASN B 309 49.59 -24.38 -16.08
C ASN B 309 49.78 -24.62 -14.58
N CYS B 310 49.10 -23.84 -13.75
CA CYS B 310 49.22 -24.00 -12.32
C CYS B 310 48.68 -25.36 -11.87
N TYR B 311 47.60 -25.83 -12.49
CA TYR B 311 46.98 -27.07 -12.06
C TYR B 311 47.88 -28.27 -12.32
N MET B 312 48.47 -28.33 -13.51
CA MET B 312 49.33 -29.47 -13.84
C MET B 312 50.56 -29.49 -12.94
N SER B 313 51.16 -28.32 -12.71
CA SER B 313 52.31 -28.24 -11.81
C SER B 313 51.92 -28.65 -10.40
N SER B 314 50.73 -28.24 -9.96
CA SER B 314 50.26 -28.62 -8.62
C SER B 314 50.08 -30.12 -8.51
N ILE B 315 49.51 -30.74 -9.55
CA ILE B 315 49.34 -32.19 -9.53
C ILE B 315 50.68 -32.90 -9.48
N ASN B 316 51.63 -32.43 -10.28
CA ASN B 316 52.96 -33.04 -10.28
C ASN B 316 53.62 -32.89 -8.90
N PHE B 317 53.51 -31.70 -8.31
CA PHE B 317 54.08 -31.47 -6.99
C PHE B 317 53.42 -32.37 -5.95
N TYR B 318 52.11 -32.53 -6.03
CA TYR B 318 51.41 -33.37 -5.06
C TYR B 318 51.84 -34.82 -5.19
N GLY B 319 52.00 -35.30 -6.43
CA GLY B 319 52.51 -36.64 -6.63
C GLY B 319 53.91 -36.82 -6.08
N ALA B 320 54.77 -35.81 -6.29
CA ALA B 320 56.11 -35.85 -5.73
C ALA B 320 56.06 -35.91 -4.20
N VAL B 321 55.16 -35.13 -3.60
CA VAL B 321 55.02 -35.12 -2.14
C VAL B 321 54.57 -36.48 -1.65
N VAL B 322 53.61 -37.09 -2.35
CA VAL B 322 53.12 -38.41 -1.95
C VAL B 322 54.24 -39.44 -2.02
N GLU B 323 55.03 -39.42 -3.10
CA GLU B 323 56.14 -40.35 -3.22
C GLU B 323 57.17 -40.11 -2.11
N TRP B 324 57.42 -38.84 -1.80
CA TRP B 324 58.35 -38.50 -0.73
C TRP B 324 57.88 -39.06 0.60
N LEU B 325 56.58 -38.90 0.89
CA LEU B 325 56.03 -39.44 2.13
C LEU B 325 56.13 -40.95 2.17
N ASN B 326 55.86 -41.60 1.02
CA ASN B 326 55.93 -43.06 0.97
C ASN B 326 57.34 -43.56 1.25
N GLU B 327 58.33 -42.97 0.58
CA GLU B 327 59.69 -43.49 0.67
C GLU B 327 60.36 -43.09 1.98
N SER B 328 60.10 -41.88 2.46
CA SER B 328 60.93 -41.31 3.53
C SER B 328 60.78 -42.06 4.84
N VAL B 329 59.55 -42.42 5.22
CA VAL B 329 59.26 -42.96 6.54
C VAL B 329 59.00 -44.45 6.44
N LYS B 330 59.59 -45.21 7.37
CA LYS B 330 59.37 -46.64 7.49
C LYS B 330 58.42 -46.91 8.64
N ASP B 331 58.26 -48.19 9.00
CA ASP B 331 57.29 -48.58 10.00
C ASP B 331 57.67 -48.05 11.38
N ASP B 332 56.65 -47.70 12.16
CA ASP B 332 56.81 -47.32 13.57
C ASP B 332 57.70 -46.10 13.73
N GLN B 333 57.69 -45.19 12.76
CA GLN B 333 58.44 -43.95 12.83
C GLN B 333 57.47 -42.78 12.77
N VAL B 334 57.59 -41.87 13.74
CA VAL B 334 56.74 -40.68 13.82
C VAL B 334 57.58 -39.49 13.37
N TRP B 335 57.06 -38.73 12.41
CA TRP B 335 57.75 -37.57 11.89
C TRP B 335 56.86 -36.34 12.03
N LYS B 336 57.46 -35.22 12.42
CA LYS B 336 56.75 -33.96 12.50
C LYS B 336 56.88 -33.22 11.18
N LEU B 337 55.76 -32.91 10.57
CA LEU B 337 55.72 -32.20 9.29
C LEU B 337 55.13 -30.81 9.50
N SER B 338 55.82 -29.79 9.01
CA SER B 338 55.34 -28.43 9.15
C SER B 338 55.98 -27.56 8.08
N TYR B 339 55.40 -26.37 7.91
CA TYR B 339 55.90 -25.39 6.95
C TYR B 339 55.95 -24.03 7.63
N ALA B 340 56.98 -23.26 7.29
CA ALA B 340 57.15 -21.90 7.80
C ALA B 340 57.02 -20.92 6.64
N LYS B 341 56.20 -19.89 6.83
CA LYS B 341 55.96 -18.92 5.76
C LYS B 341 57.23 -18.16 5.41
N ARG B 342 58.14 -17.99 6.37
CA ARG B 342 59.39 -17.28 6.11
C ARG B 342 60.29 -18.04 5.13
N ASN B 343 60.07 -19.34 4.96
CA ASN B 343 60.93 -20.12 4.08
C ASN B 343 60.76 -19.70 2.63
N ARG B 344 59.57 -19.90 2.08
CA ARG B 344 59.26 -19.58 0.68
C ARG B 344 60.17 -20.29 -0.30
N GLN B 345 60.87 -21.33 0.14
CA GLN B 345 61.82 -22.04 -0.71
C GLN B 345 61.54 -23.52 -0.84
N TYR B 346 61.18 -24.19 0.25
CA TYR B 346 61.04 -25.64 0.26
C TYR B 346 60.28 -26.05 1.52
N LEU B 347 60.12 -27.36 1.68
CA LEU B 347 59.34 -27.93 2.77
C LEU B 347 60.26 -28.64 3.76
N VAL B 348 59.87 -28.61 5.03
CA VAL B 348 60.66 -29.16 6.12
C VAL B 348 59.90 -30.34 6.71
N LEU B 349 60.55 -31.49 6.77
CA LEU B 349 59.99 -32.70 7.37
C LEU B 349 61.03 -33.29 8.32
N LYS B 350 60.70 -33.37 9.59
CA LYS B 350 61.62 -33.85 10.62
C LYS B 350 60.99 -35.00 11.39
N GLU B 351 61.84 -35.84 11.95
CA GLU B 351 61.44 -36.95 12.79
C GLU B 351 61.49 -36.53 14.25
N VAL B 352 60.78 -37.29 15.09
CA VAL B 352 60.78 -37.07 16.53
C VAL B 352 61.36 -38.31 17.21
N THR B 353 62.18 -38.07 18.24
CA THR B 353 62.85 -39.15 18.95
C THR B 353 62.50 -39.20 20.44
N ASP B 354 61.82 -38.20 20.97
CA ASP B 354 61.44 -38.23 22.39
C ASP B 354 60.38 -39.29 22.60
N GLU B 355 60.71 -40.30 23.42
CA GLU B 355 59.80 -41.42 23.61
C GLU B 355 58.48 -40.97 24.22
N ASN B 356 58.53 -40.08 25.21
CA ASN B 356 57.31 -39.54 25.78
C ASN B 356 56.51 -38.78 24.73
N GLU B 357 57.19 -37.95 23.94
CA GLU B 357 56.49 -37.19 22.90
C GLU B 357 55.91 -38.11 21.84
N LYS B 358 56.67 -39.12 21.42
CA LYS B 358 56.15 -40.07 20.45
C LYS B 358 54.91 -40.78 20.98
N GLN B 359 54.98 -41.24 22.24
CA GLN B 359 53.86 -41.97 22.80
C GLN B 359 52.62 -41.09 22.93
N GLN B 360 52.80 -39.85 23.41
CA GLN B 360 51.64 -38.97 23.58
C GLN B 360 51.05 -38.57 22.24
N ILE B 361 51.90 -38.34 21.23
CA ILE B 361 51.38 -38.02 19.90
C ILE B 361 50.60 -39.19 19.34
N VAL B 362 51.14 -40.41 19.49
CA VAL B 362 50.46 -41.59 18.98
C VAL B 362 49.11 -41.77 19.66
N ASP B 363 49.09 -41.60 20.99
CA ASP B 363 47.83 -41.77 21.72
C ASP B 363 46.82 -40.70 21.33
N SER B 364 47.26 -39.46 21.16
CA SER B 364 46.35 -38.39 20.77
C SER B 364 45.78 -38.64 19.37
N ALA B 365 46.63 -39.08 18.45
CA ALA B 365 46.17 -39.28 17.08
C ALA B 365 45.28 -40.50 16.95
N ILE B 366 45.66 -41.61 17.58
CA ILE B 366 45.01 -42.91 17.36
C ILE B 366 44.25 -43.29 18.62
N PRO B 367 42.96 -43.58 18.54
CA PRO B 367 42.22 -44.04 19.72
C PRO B 367 42.63 -45.43 20.13
N ALA B 368 42.43 -45.72 21.41
CA ALA B 368 42.83 -47.02 21.96
C ALA B 368 42.01 -48.17 21.36
N TRP B 369 40.70 -47.96 21.20
CA TRP B 369 39.85 -49.06 20.74
C TRP B 369 40.23 -49.47 19.33
N PHE B 370 40.57 -48.50 18.47
CA PHE B 370 41.03 -48.86 17.14
C PHE B 370 42.32 -49.65 17.20
N LYS B 371 43.24 -49.26 18.08
CA LYS B 371 44.52 -49.98 18.20
C LYS B 371 44.29 -51.42 18.62
N GLU B 372 43.46 -51.63 19.65
CA GLU B 372 43.23 -53.00 20.10
C GLU B 372 42.43 -53.80 19.08
N TRP B 373 41.53 -53.15 18.34
CA TRP B 373 40.81 -53.85 17.28
C TRP B 373 41.76 -54.28 16.17
N ARG B 374 42.70 -53.41 15.81
CA ARG B 374 43.69 -53.79 14.82
C ARG B 374 44.57 -54.93 15.31
N SER B 375 44.91 -54.90 16.60
CA SER B 375 45.67 -56.01 17.17
C SER B 375 44.88 -57.31 17.11
N GLU B 376 43.59 -57.25 17.41
CA GLU B 376 42.73 -58.42 17.31
C GLU B 376 42.64 -58.92 15.88
N LEU B 377 42.55 -57.99 14.92
CA LEU B 377 42.54 -58.38 13.52
C LEU B 377 43.84 -59.07 13.11
N ARG B 378 44.98 -58.54 13.57
CA ARG B 378 46.25 -59.15 13.26
C ARG B 378 46.34 -60.55 13.85
N ASN B 379 45.90 -60.71 15.11
CA ASN B 379 45.92 -62.03 15.74
C ASN B 379 44.99 -63.00 15.04
N SER B 380 43.80 -62.55 14.65
CA SER B 380 42.85 -63.41 13.94
C SER B 380 43.37 -63.77 12.56
N GLU B 381 44.22 -62.92 11.97
CA GLU B 381 44.85 -63.26 10.71
C GLU B 381 45.69 -64.51 10.84
N GLY B 382 46.44 -64.63 11.94
CA GLY B 382 47.13 -65.86 12.26
C GLY B 382 46.25 -66.95 12.83
N ASN B 383 45.01 -66.61 13.19
CA ASN B 383 44.05 -67.57 13.71
C ASN B 383 43.16 -68.15 12.63
N ILE B 384 43.35 -67.78 11.37
CA ILE B 384 42.55 -68.29 10.27
C ILE B 384 42.90 -69.75 10.00
N ALA C 5 -9.59 24.80 -22.47
CA ALA C 5 -9.22 23.39 -22.56
C ALA C 5 -9.52 22.67 -21.24
N LEU C 6 -8.90 23.15 -20.16
CA LEU C 6 -9.13 22.56 -18.84
C LEU C 6 -10.60 22.65 -18.44
N PHE C 7 -11.29 23.68 -18.91
CA PHE C 7 -12.71 23.84 -18.57
C PHE C 7 -13.54 22.68 -19.09
N ARG C 8 -13.24 22.22 -20.31
CA ARG C 8 -13.98 21.09 -20.88
C ARG C 8 -13.76 19.84 -20.04
N TRP C 9 -12.52 19.58 -19.63
CA TRP C 9 -12.25 18.41 -18.81
C TRP C 9 -12.94 18.50 -17.46
N LEU C 10 -12.94 19.69 -16.86
CA LEU C 10 -13.61 19.88 -15.58
C LEU C 10 -15.10 19.62 -15.71
N SER C 11 -15.71 20.12 -16.80
CA SER C 11 -17.12 19.87 -17.03
C SER C 11 -17.39 18.38 -17.22
N ARG C 12 -16.54 17.69 -17.98
CA ARG C 12 -16.76 16.28 -18.25
C ARG C 12 -16.63 15.44 -16.98
N LYS C 13 -15.54 15.65 -16.23
CA LYS C 13 -15.30 14.84 -15.04
C LYS C 13 -16.22 15.23 -13.90
N TYR C 14 -16.42 16.53 -13.68
CA TYR C 14 -17.29 17.02 -12.62
C TYR C 14 -18.47 17.75 -13.25
N PRO C 15 -19.63 17.14 -13.34
CA PRO C 15 -20.77 17.81 -13.96
C PRO C 15 -21.47 18.80 -13.05
N LYS C 16 -21.51 18.51 -11.75
CA LYS C 16 -22.36 19.26 -10.84
C LYS C 16 -21.77 20.60 -10.43
N ILE C 17 -20.50 20.87 -10.73
CA ILE C 17 -19.91 22.15 -10.34
C ILE C 17 -20.26 23.28 -11.29
N ILE C 18 -21.05 23.02 -12.33
CA ILE C 18 -21.45 24.03 -13.29
C ILE C 18 -22.97 24.13 -13.27
N SER C 19 -23.48 25.35 -13.19
CA SER C 19 -24.91 25.60 -13.19
C SER C 19 -25.19 26.85 -13.99
N PRO C 20 -26.37 26.95 -14.60
CA PRO C 20 -26.73 28.16 -15.33
C PRO C 20 -27.11 29.29 -14.38
N VAL C 21 -27.00 30.50 -14.89
CA VAL C 21 -27.33 31.69 -14.12
C VAL C 21 -28.76 32.09 -14.42
N ILE C 22 -29.55 32.31 -13.36
CA ILE C 22 -30.95 32.70 -13.50
C ILE C 22 -30.96 34.20 -13.70
N GLN C 23 -30.82 34.64 -14.95
CA GLN C 23 -30.86 36.07 -15.24
C GLN C 23 -32.25 36.65 -15.04
N ASP C 24 -33.27 35.81 -14.98
CA ASP C 24 -34.67 36.22 -14.80
C ASP C 24 -35.03 37.17 -15.94
N GLU C 25 -35.91 38.13 -15.67
CA GLU C 25 -36.33 39.10 -16.67
C GLU C 25 -36.66 40.40 -15.94
N ASP C 26 -37.36 41.31 -16.63
CA ASP C 26 -37.74 42.57 -16.01
C ASP C 26 -38.67 42.35 -14.83
N VAL C 27 -39.65 41.46 -14.98
CA VAL C 27 -40.62 41.20 -13.93
C VAL C 27 -40.07 40.13 -12.98
N ASP C 28 -40.01 40.48 -11.70
CA ASP C 28 -39.57 39.53 -10.67
C ASP C 28 -40.49 39.54 -9.46
N ILE C 29 -41.18 40.66 -9.24
CA ILE C 29 -41.96 40.86 -8.01
C ILE C 29 -43.35 40.29 -8.28
N ASP C 30 -43.47 38.98 -8.06
CA ASP C 30 -44.72 38.21 -8.15
C ASP C 30 -45.60 38.63 -9.33
N GLY C 31 -45.00 38.87 -10.49
CA GLY C 31 -45.77 39.22 -11.67
C GLY C 31 -46.04 40.70 -11.82
N GLU C 32 -47.16 41.03 -12.45
CA GLU C 32 -47.64 42.41 -12.68
C GLU C 32 -46.56 43.33 -13.26
N SER C 33 -45.56 42.75 -13.92
CA SER C 33 -44.53 43.50 -14.65
C SER C 33 -43.87 44.56 -13.78
N ARG C 34 -43.20 44.09 -12.73
CA ARG C 34 -42.48 44.98 -11.83
C ARG C 34 -41.00 44.92 -12.14
N PRO C 35 -40.38 46.01 -12.59
CA PRO C 35 -38.95 45.98 -12.88
C PRO C 35 -38.12 45.64 -11.65
N THR C 36 -37.02 44.94 -11.87
CA THR C 36 -36.18 44.48 -10.77
C THR C 36 -35.50 45.66 -10.07
N ARG C 37 -35.19 45.46 -8.79
CA ARG C 37 -34.45 46.43 -8.00
C ARG C 37 -33.27 45.74 -7.35
N TYR C 38 -32.23 46.53 -7.05
CA TYR C 38 -31.01 45.96 -6.48
C TYR C 38 -31.25 45.33 -5.12
N GLU C 39 -32.29 45.74 -4.41
CA GLU C 39 -32.58 45.22 -3.08
C GLU C 39 -33.41 43.94 -3.09
N ASP C 40 -33.88 43.52 -4.26
CA ASP C 40 -34.68 42.30 -4.34
C ASP C 40 -33.80 41.09 -4.02
N PRO C 41 -34.36 40.06 -3.39
CA PRO C 41 -33.57 38.86 -3.11
C PRO C 41 -33.05 38.22 -4.39
N ASN C 42 -31.83 37.70 -4.32
CA ASN C 42 -31.17 37.13 -5.48
C ASN C 42 -31.59 35.67 -5.63
N PRO C 43 -32.15 35.28 -6.77
CA PRO C 43 -32.42 33.85 -7.00
C PRO C 43 -31.17 33.00 -7.03
N ASN C 44 -30.01 33.60 -7.28
CA ASN C 44 -28.75 32.87 -7.36
C ASN C 44 -28.13 32.61 -6.00
N GLY C 45 -28.75 33.08 -4.92
CA GLY C 45 -28.17 32.95 -3.60
C GLY C 45 -27.48 34.22 -3.16
N GLU C 46 -27.56 34.54 -1.88
CA GLU C 46 -26.98 35.79 -1.39
C GLU C 46 -25.46 35.74 -1.48
N LEU C 47 -24.87 36.92 -1.72
CA LEU C 47 -23.43 37.04 -1.87
C LEU C 47 -22.95 38.23 -1.05
N ASP C 48 -21.77 38.08 -0.44
CA ASP C 48 -21.18 39.12 0.38
C ASP C 48 -20.17 39.96 -0.39
N ASN C 49 -19.17 39.34 -0.98
CA ASN C 49 -18.14 40.04 -1.71
C ASN C 49 -18.13 39.62 -3.17
N LEU C 50 -17.75 40.55 -4.04
CA LEU C 50 -17.55 40.26 -5.44
C LEU C 50 -16.29 40.94 -5.92
N TYR C 51 -15.43 40.18 -6.59
CA TYR C 51 -14.18 40.68 -7.11
C TYR C 51 -14.24 40.64 -8.63
N LEU C 52 -13.88 41.73 -9.29
CA LEU C 52 -13.98 41.86 -10.73
C LEU C 52 -12.59 41.80 -11.34
N ASP C 53 -12.42 40.94 -12.33
CA ASP C 53 -11.21 40.89 -13.15
C ASP C 53 -11.51 41.71 -14.40
N MET C 54 -11.05 42.96 -14.42
CA MET C 54 -11.46 43.90 -15.44
C MET C 54 -10.96 43.54 -16.83
N ASN C 55 -10.00 42.62 -16.95
CA ASN C 55 -9.49 42.25 -18.27
C ASN C 55 -10.58 41.65 -19.14
N GLY C 56 -11.39 40.75 -18.55
CA GLY C 56 -12.44 40.09 -19.31
C GLY C 56 -13.45 41.05 -19.91
N ILE C 57 -13.57 42.24 -19.36
CA ILE C 57 -14.47 43.26 -19.90
C ILE C 57 -13.74 44.23 -20.82
N VAL C 58 -12.55 44.66 -20.43
CA VAL C 58 -11.84 45.64 -21.25
C VAL C 58 -11.37 45.03 -22.56
N HIS C 59 -11.21 43.71 -22.62
CA HIS C 59 -10.78 43.03 -23.85
C HIS C 59 -11.76 41.91 -24.16
N PRO C 60 -12.97 42.27 -24.63
CA PRO C 60 -13.97 41.24 -24.92
C PRO C 60 -13.79 40.56 -26.26
N CYS C 61 -12.84 41.01 -27.09
CA CYS C 61 -12.57 40.44 -28.41
C CYS C 61 -13.84 40.55 -29.24
N SER C 62 -14.40 39.45 -29.74
CA SER C 62 -15.64 39.47 -30.53
C SER C 62 -15.51 40.37 -31.75
N HIS C 63 -14.40 40.23 -32.45
CA HIS C 63 -14.17 40.99 -33.67
C HIS C 63 -15.08 40.53 -34.79
N VAL C 69 -17.86 46.52 -33.94
CA VAL C 69 -16.78 46.91 -33.05
C VAL C 69 -16.67 48.43 -32.96
N PRO C 70 -16.87 48.97 -31.76
CA PRO C 70 -16.70 50.42 -31.57
C PRO C 70 -15.29 50.86 -31.90
N GLU C 71 -15.17 52.06 -32.47
CA GLU C 71 -13.89 52.57 -32.94
C GLU C 71 -13.27 53.60 -32.02
N THR C 72 -14.08 54.34 -31.27
CA THR C 72 -13.58 55.36 -30.37
C THR C 72 -13.76 54.92 -28.92
N GLU C 73 -12.94 55.52 -28.05
CA GLU C 73 -13.00 55.17 -26.63
C GLU C 73 -14.37 55.50 -26.05
N ASP C 74 -14.93 56.65 -26.41
CA ASP C 74 -16.20 57.07 -25.83
C ASP C 74 -17.32 56.08 -26.15
N GLU C 75 -17.26 55.42 -27.30
CA GLU C 75 -18.30 54.47 -27.65
C GLU C 75 -18.31 53.29 -26.69
N MET C 76 -17.12 52.77 -26.36
CA MET C 76 -17.02 51.52 -25.63
C MET C 76 -17.02 51.70 -24.12
N MET C 77 -16.57 52.87 -23.62
CA MET C 77 -16.61 53.10 -22.18
C MET C 77 -18.03 53.01 -21.66
N LEU C 78 -18.98 53.60 -22.39
CA LEU C 78 -20.39 53.45 -22.00
C LEU C 78 -20.82 52.00 -22.09
N ASP C 79 -20.36 51.28 -23.12
CA ASP C 79 -20.68 49.87 -23.23
C ASP C 79 -20.08 49.09 -22.06
N VAL C 80 -18.87 49.45 -21.64
CA VAL C 80 -18.26 48.83 -20.48
C VAL C 80 -19.12 49.07 -19.25
N PHE C 81 -19.57 50.32 -19.06
CA PHE C 81 -20.41 50.63 -17.91
C PHE C 81 -21.72 49.87 -17.96
N ALA C 82 -22.34 49.79 -19.13
CA ALA C 82 -23.59 49.05 -19.25
C ALA C 82 -23.37 47.55 -19.00
N TYR C 83 -22.28 47.00 -19.54
CA TYR C 83 -22.00 45.58 -19.33
C TYR C 83 -21.73 45.28 -17.87
N THR C 84 -20.90 46.10 -17.22
CA THR C 84 -20.59 45.88 -15.81
C THR C 84 -21.82 46.06 -14.94
N GLU C 85 -22.68 47.01 -15.30
CA GLU C 85 -23.94 47.17 -14.57
C GLU C 85 -24.76 45.90 -14.60
N ASN C 86 -24.74 45.20 -15.74
CA ASN C 86 -25.53 43.98 -15.86
C ASN C 86 -25.01 42.89 -14.93
N VAL C 87 -23.70 42.64 -14.95
CA VAL C 87 -23.15 41.53 -14.17
C VAL C 87 -23.29 41.81 -12.67
N ILE C 88 -23.11 43.05 -12.25
CA ILE C 88 -23.34 43.39 -10.86
C ILE C 88 -24.79 43.13 -10.48
N MET C 89 -25.72 43.57 -11.33
CA MET C 89 -27.12 43.24 -11.13
C MET C 89 -27.33 41.73 -11.17
N MET C 90 -26.52 41.03 -11.96
CA MET C 90 -26.67 39.59 -12.09
C MET C 90 -26.34 38.87 -10.78
N ALA C 91 -25.33 39.35 -10.06
CA ALA C 91 -24.89 38.71 -8.83
C ALA C 91 -25.30 39.46 -7.57
N ARG C 92 -25.34 40.79 -7.61
CA ARG C 92 -25.76 41.62 -6.49
C ARG C 92 -24.93 41.39 -5.24
N PRO C 93 -23.67 41.82 -5.23
CA PRO C 93 -22.91 41.79 -3.97
C PRO C 93 -23.54 42.72 -2.95
N ARG C 94 -23.40 42.35 -1.67
CA ARG C 94 -24.03 43.11 -0.60
C ARG C 94 -23.05 43.85 0.31
N LYS C 95 -21.78 43.47 0.32
CA LYS C 95 -20.82 44.11 1.22
C LYS C 95 -19.74 44.87 0.46
N VAL C 96 -18.98 44.21 -0.41
CA VAL C 96 -17.78 44.80 -0.99
C VAL C 96 -17.77 44.53 -2.49
N ILE C 97 -17.14 45.45 -3.24
CA ILE C 97 -16.82 45.26 -4.64
C ILE C 97 -15.35 45.61 -4.84
N TYR C 98 -14.57 44.64 -5.29
CA TYR C 98 -13.17 44.85 -5.62
C TYR C 98 -13.02 44.89 -7.13
N ILE C 99 -12.43 45.96 -7.64
CA ILE C 99 -12.18 46.13 -9.06
C ILE C 99 -10.68 46.13 -9.27
N ALA C 100 -10.18 45.18 -10.04
CA ALA C 100 -8.75 44.99 -10.23
C ALA C 100 -8.41 45.16 -11.71
N VAL C 101 -7.45 46.02 -11.98
CA VAL C 101 -6.90 46.23 -13.31
C VAL C 101 -5.43 45.88 -13.26
N ASP C 102 -4.96 45.12 -14.26
CA ASP C 102 -3.59 44.60 -14.24
C ASP C 102 -2.58 45.74 -14.13
N GLY C 103 -1.62 45.56 -13.24
CA GLY C 103 -0.49 46.46 -13.13
C GLY C 103 0.70 45.94 -13.89
N VAL C 104 1.89 46.22 -13.38
CA VAL C 104 3.10 45.67 -13.96
C VAL C 104 3.30 44.25 -13.41
N ALA C 105 3.31 43.28 -14.30
CA ALA C 105 3.44 41.89 -13.90
C ALA C 105 4.90 41.57 -13.59
N PRO C 106 5.15 40.49 -12.86
CA PRO C 106 6.54 40.13 -12.56
C PRO C 106 7.33 39.81 -13.82
N ARG C 107 8.66 39.87 -13.68
CA ARG C 107 9.54 39.61 -14.81
C ARG C 107 9.28 38.26 -15.45
N ALA C 108 8.83 37.28 -14.65
CA ALA C 108 8.59 35.94 -15.19
C ALA C 108 7.52 35.97 -16.27
N LYS C 109 6.44 36.72 -16.05
CA LYS C 109 5.39 36.80 -17.05
C LYS C 109 5.72 37.73 -18.21
N MET C 110 6.78 38.52 -18.09
CA MET C 110 7.18 39.39 -19.19
C MET C 110 7.49 38.58 -20.44
N ASN C 111 8.30 37.52 -20.29
CA ASN C 111 8.69 36.73 -21.45
C ASN C 111 7.47 36.09 -22.11
N GLN C 112 6.56 35.54 -21.30
CA GLN C 112 5.34 34.98 -21.87
C GLN C 112 4.49 36.05 -22.53
N GLN C 113 4.40 37.22 -21.90
CA GLN C 113 3.67 38.32 -22.52
C GLN C 113 4.41 38.86 -23.75
N ARG C 114 5.74 38.86 -23.71
CA ARG C 114 6.51 39.34 -24.85
C ARG C 114 6.27 38.47 -26.08
N SER C 115 6.22 37.16 -25.89
CA SER C 115 5.97 36.25 -27.01
C SER C 115 4.58 36.49 -27.61
N ARG C 116 3.58 36.72 -26.77
CA ARG C 116 2.23 36.94 -27.28
C ARG C 116 2.15 38.20 -28.12
N ARG C 117 2.83 39.27 -27.69
CA ARG C 117 2.78 40.52 -28.43
C ARG C 117 3.55 40.42 -29.74
N PHE C 118 4.74 39.81 -29.70
CA PHE C 118 5.54 39.70 -30.92
C PHE C 118 4.85 38.84 -31.97
N ARG C 119 4.11 37.81 -31.53
CA ARG C 119 3.32 37.03 -32.47
C ARG C 119 2.25 37.89 -33.13
N SER C 120 1.63 38.79 -32.36
CA SER C 120 0.62 39.68 -32.94
C SER C 120 1.23 40.62 -33.97
N ALA C 121 2.52 40.94 -33.83
CA ALA C 121 3.19 41.75 -34.85
C ALA C 121 3.24 40.99 -36.17
N GLN C 122 3.54 39.70 -36.13
CA GLN C 122 3.48 38.90 -37.35
C GLN C 122 2.06 38.79 -37.89
N ASP C 123 1.07 38.80 -37.01
CA ASP C 123 -0.32 38.76 -37.45
C ASP C 123 -0.68 40.01 -38.26
N ALA C 124 -0.20 41.18 -37.81
CA ALA C 124 -0.48 42.40 -38.54
C ALA C 124 0.20 42.42 -39.90
N LYS C 125 1.42 41.90 -39.98
CA LYS C 125 2.16 41.92 -41.24
C LYS C 125 1.44 41.12 -42.32
N ASP C 126 0.94 39.94 -41.97
CA ASP C 126 0.20 39.14 -42.95
C ASP C 126 -1.15 39.76 -43.27
N ALA C 127 -1.75 40.48 -42.32
CA ALA C 127 -2.99 41.19 -42.60
C ALA C 127 -2.79 42.27 -43.66
N ASN C 128 -1.57 42.78 -43.78
CA ASN C 128 -1.23 43.71 -44.84
C ASN C 128 -0.93 43.02 -46.16
N GLU C 129 -0.89 41.69 -46.17
CA GLU C 129 -0.57 40.86 -47.33
C GLU C 129 0.48 41.46 -48.25
N ASP C 156 -7.19 50.36 -31.67
CA ASP C 156 -6.01 49.58 -31.33
C ASP C 156 -6.25 48.74 -30.09
N SER C 157 -5.95 47.44 -30.20
CA SER C 157 -6.12 46.51 -29.10
C SER C 157 -4.89 46.39 -28.21
N ASN C 158 -3.80 47.09 -28.55
CA ASN C 158 -2.57 47.03 -27.77
C ASN C 158 -2.49 48.12 -26.71
N ALA C 159 -3.50 48.99 -26.62
CA ALA C 159 -3.50 50.06 -25.62
C ALA C 159 -3.96 49.58 -24.24
N ILE C 160 -4.41 48.34 -24.12
CA ILE C 160 -4.87 47.82 -22.84
C ILE C 160 -3.73 47.66 -21.85
N THR C 161 -2.49 47.57 -22.33
CA THR C 161 -1.36 47.38 -21.45
C THR C 161 -1.20 48.59 -20.52
N PRO C 162 -0.77 48.35 -19.27
CA PRO C 162 -0.64 49.47 -18.32
C PRO C 162 0.38 50.49 -18.78
N GLY C 163 0.09 51.76 -18.48
CA GLY C 163 0.95 52.86 -18.82
C GLY C 163 0.49 53.67 -20.02
N THR C 164 -0.45 53.16 -20.79
CA THR C 164 -0.97 53.91 -21.92
C THR C 164 -1.87 55.05 -21.43
N PRO C 165 -2.01 56.11 -22.24
CA PRO C 165 -2.99 57.14 -21.89
C PRO C 165 -4.39 56.61 -21.76
N PHE C 166 -4.72 55.52 -22.46
CA PHE C 166 -6.03 54.90 -22.29
C PHE C 166 -6.21 54.36 -20.88
N MET C 167 -5.15 53.79 -20.30
CA MET C 167 -5.21 53.38 -18.90
C MET C 167 -5.48 54.55 -17.98
N HIS C 168 -4.79 55.68 -18.21
CA HIS C 168 -5.01 56.86 -17.38
C HIS C 168 -6.46 57.33 -17.50
N ARG C 169 -7.01 57.32 -18.71
CA ARG C 169 -8.41 57.67 -18.89
C ARG C 169 -9.32 56.62 -18.27
N LEU C 170 -8.99 55.35 -18.42
CA LEU C 170 -9.83 54.29 -17.87
C LEU C 170 -9.86 54.35 -16.35
N ALA C 171 -8.72 54.63 -15.73
CA ALA C 171 -8.66 54.64 -14.27
C ALA C 171 -9.61 55.65 -13.67
N ASP C 172 -9.62 56.87 -14.24
CA ASP C 172 -10.57 57.87 -13.76
C ASP C 172 -12.00 57.53 -14.18
N SER C 173 -12.16 56.78 -15.26
CA SER C 173 -13.50 56.39 -15.69
C SER C 173 -14.18 55.52 -14.65
N LEU C 174 -13.43 54.59 -14.04
CA LEU C 174 -14.00 53.74 -13.02
C LEU C 174 -14.45 54.54 -11.81
N ARG C 175 -13.65 55.54 -11.41
CA ARG C 175 -13.97 56.32 -10.22
C ARG C 175 -15.31 57.02 -10.38
N TYR C 176 -15.56 57.61 -11.55
CA TYR C 176 -16.84 58.28 -11.79
C TYR C 176 -17.98 57.28 -11.74
N TRP C 177 -17.79 56.09 -12.33
CA TRP C 177 -18.86 55.10 -12.33
C TRP C 177 -19.18 54.64 -10.92
N ALA C 178 -18.15 54.42 -10.09
CA ALA C 178 -18.40 54.02 -8.71
C ALA C 178 -19.16 55.08 -7.94
N ALA C 179 -18.77 56.35 -8.10
CA ALA C 179 -19.45 57.42 -7.38
C ALA C 179 -20.90 57.53 -7.81
N TYR C 180 -21.16 57.43 -9.11
CA TYR C 180 -22.52 57.57 -9.61
C TYR C 180 -23.43 56.48 -9.05
N LYS C 181 -22.96 55.24 -9.07
CA LYS C 181 -23.79 54.14 -8.61
C LYS C 181 -24.11 54.25 -7.13
N LEU C 182 -23.12 54.63 -6.32
CA LEU C 182 -23.33 54.73 -4.88
C LEU C 182 -24.35 55.82 -4.55
N THR C 183 -24.25 56.97 -5.21
CA THR C 183 -25.08 58.11 -4.85
C THR C 183 -26.44 58.11 -5.54
N THR C 184 -26.66 57.21 -6.50
CA THR C 184 -27.91 57.18 -7.25
C THR C 184 -28.61 55.84 -7.14
N ASP C 185 -28.40 55.13 -6.04
CA ASP C 185 -29.07 53.85 -5.85
C ASP C 185 -29.37 53.61 -4.38
N PRO C 186 -30.63 53.40 -4.02
CA PRO C 186 -30.94 53.06 -2.62
C PRO C 186 -30.31 51.76 -2.17
N GLY C 187 -30.13 50.80 -3.07
CA GLY C 187 -29.58 49.52 -2.71
C GLY C 187 -28.09 49.47 -2.55
N TRP C 188 -27.39 50.57 -2.79
CA TRP C 188 -25.94 50.61 -2.69
C TRP C 188 -25.47 51.39 -1.47
N SER C 189 -26.31 51.45 -0.44
CA SER C 189 -25.96 52.20 0.76
C SER C 189 -24.77 51.58 1.48
N GLY C 190 -24.82 50.28 1.72
CA GLY C 190 -23.80 49.63 2.52
C GLY C 190 -22.85 48.76 1.73
N ILE C 191 -22.42 49.23 0.57
CA ILE C 191 -21.50 48.49 -0.30
C ILE C 191 -20.32 49.39 -0.62
N GLU C 192 -19.11 48.86 -0.44
CA GLU C 192 -17.91 49.60 -0.75
C GLU C 192 -17.44 49.31 -2.16
N VAL C 193 -16.51 50.13 -2.64
CA VAL C 193 -15.84 49.92 -3.91
C VAL C 193 -14.35 50.14 -3.70
N ILE C 194 -13.54 49.14 -4.02
CA ILE C 194 -12.09 49.23 -3.93
C ILE C 194 -11.55 49.18 -5.35
N ILE C 195 -10.76 50.18 -5.73
CA ILE C 195 -10.26 50.33 -7.08
C ILE C 195 -8.77 50.06 -7.06
N SER C 196 -8.33 49.11 -7.87
CA SER C 196 -6.90 48.81 -8.05
C SER C 196 -6.62 48.89 -9.54
N ASP C 197 -6.28 50.09 -10.00
CA ASP C 197 -6.06 50.34 -11.42
C ASP C 197 -4.66 49.87 -11.83
N ALA C 198 -4.23 50.25 -13.02
CA ALA C 198 -2.93 49.85 -13.53
C ALA C 198 -1.78 50.43 -12.70
N SER C 199 -2.03 51.48 -11.94
CA SER C 199 -0.96 52.06 -11.12
C SER C 199 -0.48 51.07 -10.07
N VAL C 200 -1.40 50.33 -9.46
CA VAL C 200 -1.02 49.37 -8.43
C VAL C 200 -0.24 48.22 -9.06
N PRO C 201 0.95 47.91 -8.57
CA PRO C 201 1.73 46.80 -9.15
C PRO C 201 1.04 45.47 -8.92
N GLY C 202 1.31 44.53 -9.81
CA GLY C 202 0.76 43.20 -9.73
C GLY C 202 -0.34 42.97 -10.76
N GLU C 203 -0.60 41.69 -11.03
CA GLU C 203 -1.58 41.31 -12.02
C GLU C 203 -2.96 41.14 -11.37
N GLY C 204 -3.96 40.84 -12.19
CA GLY C 204 -5.33 40.77 -11.75
C GLY C 204 -5.57 39.80 -10.60
N GLU C 205 -5.34 38.51 -10.84
CA GLU C 205 -5.61 37.52 -9.82
C GLU C 205 -4.71 37.71 -8.61
N HIS C 206 -3.46 38.11 -8.84
CA HIS C 206 -2.53 38.31 -7.72
C HIS C 206 -3.04 39.39 -6.79
N LYS C 207 -3.63 40.45 -7.33
CA LYS C 207 -4.24 41.48 -6.49
C LYS C 207 -5.37 40.88 -5.66
N ILE C 208 -6.21 40.06 -6.28
CA ILE C 208 -7.28 39.41 -5.56
C ILE C 208 -6.73 38.48 -4.50
N MET C 209 -5.71 37.70 -4.85
CA MET C 209 -5.16 36.73 -3.92
C MET C 209 -4.58 37.41 -2.69
N SER C 210 -3.82 38.49 -2.90
CA SER C 210 -3.20 39.17 -1.77
C SER C 210 -4.24 39.78 -0.84
N TYR C 211 -5.27 40.40 -1.40
CA TYR C 211 -6.30 41.00 -0.57
C TYR C 211 -7.06 39.95 0.22
N VAL C 212 -7.43 38.84 -0.43
CA VAL C 212 -8.22 37.81 0.25
C VAL C 212 -7.44 37.24 1.42
N ARG C 213 -6.15 36.96 1.22
CA ARG C 213 -5.33 36.47 2.32
C ARG C 213 -5.22 37.49 3.42
N SER C 214 -5.07 38.77 3.08
CA SER C 214 -4.96 39.81 4.09
C SER C 214 -6.18 39.85 4.99
N LEU C 215 -7.36 39.54 4.44
CA LEU C 215 -8.55 39.48 5.29
C LEU C 215 -8.43 38.40 6.35
N ARG C 216 -7.78 37.29 6.04
CA ARG C 216 -7.62 36.22 7.02
C ARG C 216 -6.61 36.59 8.09
N SER C 217 -5.67 37.48 7.79
CA SER C 217 -4.66 37.84 8.78
C SER C 217 -5.27 38.54 9.98
N SER C 218 -6.39 39.22 9.81
CA SER C 218 -7.06 39.84 10.93
C SER C 218 -7.77 38.78 11.76
N PRO C 219 -7.55 38.74 13.08
CA PRO C 219 -8.19 37.70 13.88
C PRO C 219 -9.70 37.80 13.93
N LYS C 220 -10.27 38.95 13.62
CA LYS C 220 -11.71 39.16 13.72
C LYS C 220 -12.46 38.74 12.46
N HIS C 221 -11.76 38.21 11.46
CA HIS C 221 -12.39 37.93 10.17
C HIS C 221 -13.53 36.93 10.33
N ASP C 222 -14.66 37.25 9.71
CA ASP C 222 -15.80 36.35 9.73
C ASP C 222 -15.53 35.17 8.81
N PRO C 223 -15.57 33.94 9.30
CA PRO C 223 -15.23 32.80 8.42
C PRO C 223 -16.26 32.51 7.35
N ASN C 224 -17.54 32.81 7.59
CA ASN C 224 -18.59 32.45 6.66
C ASN C 224 -18.84 33.52 5.60
N THR C 225 -17.86 34.38 5.34
CA THR C 225 -18.00 35.38 4.29
C THR C 225 -17.99 34.69 2.93
N THR C 226 -19.01 34.95 2.13
CA THR C 226 -19.13 34.35 0.80
C THR C 226 -18.44 35.23 -0.24
N HIS C 227 -17.77 34.59 -1.18
CA HIS C 227 -17.02 35.31 -2.20
C HIS C 227 -17.44 34.83 -3.58
N CYS C 228 -17.38 35.74 -4.55
CA CYS C 228 -17.53 35.41 -5.94
C CYS C 228 -16.55 36.24 -6.75
N ILE C 229 -16.07 35.67 -7.85
CA ILE C 229 -15.10 36.34 -8.69
C ILE C 229 -15.46 36.08 -10.15
N TYR C 230 -15.38 37.14 -10.96
CA TYR C 230 -15.71 37.06 -12.38
C TYR C 230 -14.43 37.10 -13.19
N GLY C 231 -14.30 36.15 -14.12
CA GLY C 231 -13.12 36.10 -14.95
C GLY C 231 -13.25 35.00 -15.98
N LEU C 232 -12.31 34.99 -16.91
CA LEU C 232 -12.29 34.01 -17.98
C LEU C 232 -11.09 33.07 -17.94
N ALA C 233 -10.00 33.48 -17.28
CA ALA C 233 -8.81 32.64 -17.23
C ALA C 233 -9.11 31.34 -16.48
N ALA C 234 -8.53 30.25 -16.96
CA ALA C 234 -8.76 28.94 -16.35
C ALA C 234 -8.01 28.75 -15.04
N ALA C 235 -7.06 29.63 -14.72
CA ALA C 235 -6.36 29.51 -13.45
C ALA C 235 -7.26 29.81 -12.27
N LEU C 236 -8.39 30.49 -12.49
CA LEU C 236 -9.22 30.93 -11.39
C LEU C 236 -9.75 29.76 -10.57
N ILE C 237 -10.02 28.63 -11.22
CA ILE C 237 -10.48 27.46 -10.47
C ILE C 237 -9.42 27.01 -9.48
N PHE C 238 -8.15 27.00 -9.91
CA PHE C 238 -7.08 26.63 -9.00
C PHE C 238 -6.87 27.71 -7.94
N LEU C 239 -6.81 28.97 -8.36
CA LEU C 239 -6.60 30.05 -7.39
C LEU C 239 -7.76 30.16 -6.42
N GLY C 240 -8.97 29.79 -6.85
CA GLY C 240 -10.09 29.80 -5.94
C GLY C 240 -9.92 28.83 -4.78
N LEU C 241 -9.30 27.68 -5.04
CA LEU C 241 -9.07 26.71 -3.98
C LEU C 241 -7.89 27.06 -3.10
N ALA C 242 -7.04 27.99 -3.53
CA ALA C 242 -5.89 28.36 -2.73
C ALA C 242 -6.29 29.12 -1.47
N THR C 243 -7.37 29.91 -1.54
CA THR C 243 -7.81 30.65 -0.37
C THR C 243 -8.20 29.73 0.78
N HIS C 244 -8.61 28.50 0.46
CA HIS C 244 -9.19 27.59 1.44
C HIS C 244 -10.41 28.20 2.12
N GLU C 245 -11.15 29.01 1.38
CA GLU C 245 -12.44 29.51 1.83
C GLU C 245 -13.53 28.71 1.13
N PRO C 246 -14.25 27.85 1.83
CA PRO C 246 -15.24 27.00 1.13
C PRO C 246 -16.33 27.79 0.44
N HIS C 247 -16.76 28.91 1.01
CA HIS C 247 -17.86 29.68 0.44
C HIS C 247 -17.33 30.59 -0.67
N PHE C 248 -17.00 29.96 -1.79
CA PHE C 248 -16.40 30.63 -2.92
C PHE C 248 -17.09 30.17 -4.19
N LYS C 249 -17.09 31.03 -5.20
CA LYS C 249 -17.68 30.65 -6.48
C LYS C 249 -17.10 31.56 -7.56
N ILE C 250 -17.18 31.08 -8.80
CA ILE C 250 -16.61 31.77 -9.94
C ILE C 250 -17.69 31.97 -10.99
N LEU C 251 -17.76 33.17 -11.55
CA LEU C 251 -18.79 33.56 -12.50
C LEU C 251 -18.18 33.80 -13.87
N ARG C 252 -18.74 33.19 -14.90
CA ARG C 252 -18.28 33.40 -16.25
C ARG C 252 -19.40 33.05 -17.23
N GLU C 253 -19.25 33.52 -18.46
CA GLU C 253 -20.22 33.27 -19.51
C GLU C 253 -20.01 31.88 -20.11
N ASP C 254 -21.06 31.38 -20.74
CA ASP C 254 -21.03 30.04 -21.31
C ASP C 254 -20.19 30.03 -22.58
N VAL C 255 -19.06 29.32 -22.55
CA VAL C 255 -18.21 29.22 -23.72
C VAL C 255 -18.89 28.38 -24.80
N PHE C 256 -19.59 27.32 -24.40
CA PHE C 256 -20.24 26.42 -25.35
C PHE C 256 -21.71 26.76 -25.54
N ALA C 257 -22.07 28.04 -25.46
CA ALA C 257 -23.45 28.47 -25.66
C ALA C 257 -23.91 28.19 -27.08
N LYS C 283 -29.96 37.58 -24.86
CA LYS C 283 -29.12 37.84 -23.70
C LYS C 283 -28.02 36.79 -23.58
N THR C 284 -26.81 37.25 -23.28
CA THR C 284 -25.67 36.35 -23.16
C THR C 284 -25.82 35.46 -21.93
N PRO C 285 -25.73 34.15 -22.07
CA PRO C 285 -25.81 33.27 -20.91
C PRO C 285 -24.55 33.32 -20.07
N PHE C 286 -24.70 32.95 -18.80
CA PHE C 286 -23.59 32.91 -17.86
C PHE C 286 -23.70 31.64 -17.02
N LEU C 287 -22.56 31.17 -16.52
CA LEU C 287 -22.48 29.91 -15.81
C LEU C 287 -21.86 30.12 -14.44
N TRP C 288 -22.54 29.66 -13.40
CA TRP C 288 -21.93 29.59 -12.08
C TRP C 288 -20.92 28.45 -12.03
N LEU C 289 -19.94 28.59 -11.16
CA LEU C 289 -18.89 27.57 -10.99
C LEU C 289 -18.63 27.44 -9.50
N HIS C 290 -19.38 26.56 -8.85
CA HIS C 290 -19.37 26.46 -7.38
C HIS C 290 -18.18 25.63 -6.94
N LEU C 291 -17.23 26.27 -6.26
CA LEU C 291 -16.05 25.56 -5.80
C LEU C 291 -16.33 24.70 -4.57
N ASN C 292 -17.28 25.10 -3.74
CA ASN C 292 -17.60 24.28 -2.57
C ASN C 292 -18.13 22.93 -3.00
N ILE C 293 -18.89 22.88 -4.09
CA ILE C 293 -19.26 21.59 -4.68
C ILE C 293 -18.02 20.84 -5.13
N LEU C 294 -17.09 21.55 -5.77
CA LEU C 294 -15.86 20.92 -6.23
C LEU C 294 -15.05 20.35 -5.07
N ARG C 295 -15.08 21.02 -3.92
CA ARG C 295 -14.38 20.49 -2.75
C ARG C 295 -14.93 19.14 -2.34
N GLU C 296 -16.24 18.96 -2.47
CA GLU C 296 -16.84 17.66 -2.17
C GLU C 296 -16.31 16.59 -3.12
N TYR C 297 -16.14 16.94 -4.39
CA TYR C 297 -15.56 16.00 -5.34
C TYR C 297 -14.14 15.62 -4.93
N LEU C 298 -13.30 16.63 -4.69
CA LEU C 298 -11.89 16.35 -4.40
C LEU C 298 -11.71 15.63 -3.08
N GLN C 299 -12.54 15.95 -2.08
CA GLN C 299 -12.43 15.25 -0.80
C GLN C 299 -12.69 13.76 -0.98
N ILE C 300 -13.70 13.41 -1.76
CA ILE C 300 -14.01 12.00 -2.00
C ILE C 300 -12.94 11.37 -2.88
N GLU C 301 -12.52 12.08 -3.93
CA GLU C 301 -11.59 11.50 -4.88
C GLU C 301 -10.20 11.32 -4.28
N LEU C 302 -9.71 12.30 -3.53
CA LEU C 302 -8.32 12.32 -3.08
C LEU C 302 -8.14 11.81 -1.67
N ASN C 303 -8.93 10.83 -1.25
CA ASN C 303 -8.78 10.20 0.06
C ASN C 303 -8.38 8.74 -0.18
N VAL C 304 -7.08 8.52 -0.38
CA VAL C 304 -6.56 7.18 -0.58
C VAL C 304 -6.50 6.47 0.77
N PRO C 305 -6.70 5.16 0.83
CA PRO C 305 -6.65 4.46 2.10
C PRO C 305 -5.23 4.01 2.45
N GLY C 306 -5.10 3.48 3.66
CA GLY C 306 -3.82 2.97 4.11
C GLY C 306 -2.76 4.04 4.26
N LEU C 307 -2.93 4.94 5.21
CA LEU C 307 -2.03 6.06 5.41
C LEU C 307 -1.32 5.95 6.74
N SER C 308 -0.02 6.25 6.74
CA SER C 308 0.75 6.31 7.97
C SER C 308 0.56 7.62 8.72
N PHE C 309 -0.02 8.63 8.09
CA PHE C 309 -0.28 9.91 8.74
C PHE C 309 -1.73 10.29 8.52
N PRO C 310 -2.31 11.07 9.43
CA PRO C 310 -3.74 11.39 9.33
C PRO C 310 -4.08 12.11 8.04
N PHE C 311 -5.26 11.80 7.50
CA PHE C 311 -5.73 12.45 6.29
C PHE C 311 -6.02 13.93 6.54
N ASP C 312 -5.70 14.75 5.55
CA ASP C 312 -5.92 16.20 5.67
C ASP C 312 -6.19 16.73 4.27
N LEU C 313 -7.47 16.91 3.94
CA LEU C 313 -7.83 17.36 2.59
C LEU C 313 -7.28 18.75 2.32
N GLU C 314 -7.08 19.56 3.35
CA GLU C 314 -6.52 20.89 3.14
C GLU C 314 -5.14 20.81 2.52
N LYS C 315 -4.30 19.90 3.01
CA LYS C 315 -3.01 19.69 2.38
C LYS C 315 -3.14 18.95 1.06
N SER C 316 -4.15 18.09 0.94
CA SER C 316 -4.38 17.38 -0.33
C SER C 316 -4.71 18.36 -1.44
N ILE C 317 -5.53 19.36 -1.15
CA ILE C 317 -5.89 20.34 -2.17
C ILE C 317 -4.64 21.08 -2.64
N ASP C 318 -3.76 21.44 -1.72
CA ASP C 318 -2.52 22.10 -2.12
C ASP C 318 -1.70 21.21 -3.02
N ASP C 319 -1.61 19.92 -2.69
CA ASP C 319 -0.92 18.98 -3.57
C ASP C 319 -1.63 18.89 -4.92
N TRP C 320 -2.96 18.76 -4.91
CA TRP C 320 -3.70 18.66 -6.16
C TRP C 320 -3.57 19.93 -6.99
N VAL C 321 -3.61 21.09 -6.34
CA VAL C 321 -3.38 22.34 -7.06
C VAL C 321 -1.97 22.36 -7.62
N PHE C 322 -1.01 21.83 -6.86
CA PHE C 322 0.38 21.89 -7.27
C PHE C 322 0.61 21.12 -8.58
N ILE C 323 0.10 19.89 -8.65
CA ILE C 323 0.33 19.08 -9.84
C ILE C 323 -0.40 19.64 -11.05
N CYS C 324 -1.45 20.43 -10.84
CA CYS C 324 -2.14 21.05 -11.95
C CYS C 324 -1.38 22.21 -12.53
N PHE C 325 -0.13 22.39 -12.12
CA PHE C 325 0.74 23.39 -12.71
C PHE C 325 1.89 22.80 -13.51
N PHE C 326 2.26 21.55 -13.24
CA PHE C 326 3.18 20.86 -14.14
C PHE C 326 2.52 20.63 -15.50
N CYS C 327 1.23 20.29 -15.50
CA CYS C 327 0.53 20.09 -16.76
C CYS C 327 0.56 21.33 -17.63
N GLY C 328 0.53 22.52 -17.01
CA GLY C 328 0.61 23.75 -17.76
C GLY C 328 0.29 24.98 -16.94
N ASN C 329 1.06 26.04 -17.16
CA ASN C 329 0.81 27.33 -16.55
C ASN C 329 1.29 28.41 -17.52
N ASP C 330 1.45 29.62 -17.03
CA ASP C 330 1.83 30.75 -17.87
C ASP C 330 3.21 31.30 -17.50
N PHE C 331 4.06 30.48 -16.91
CA PHE C 331 5.38 30.95 -16.52
C PHE C 331 6.46 29.99 -16.98
N LEU C 332 6.11 28.72 -17.13
CA LEU C 332 7.09 27.71 -17.53
C LEU C 332 6.51 26.87 -18.66
N PRO C 333 7.35 26.42 -19.60
CA PRO C 333 6.85 25.53 -20.65
C PRO C 333 6.42 24.19 -20.08
N HIS C 334 5.42 23.61 -20.71
CA HIS C 334 4.95 22.29 -20.31
C HIS C 334 6.02 21.25 -20.61
N LEU C 335 6.03 20.19 -19.81
CA LEU C 335 7.00 19.12 -20.01
C LEU C 335 6.77 18.45 -21.35
N PRO C 336 7.83 17.98 -22.01
CA PRO C 336 7.67 17.38 -23.34
C PRO C 336 6.78 16.16 -23.35
N SER C 337 6.64 15.47 -22.22
CA SER C 337 5.81 14.29 -22.13
C SER C 337 4.43 14.58 -21.54
N LEU C 338 4.08 15.86 -21.39
CA LEU C 338 2.82 16.23 -20.76
C LEU C 338 2.04 17.16 -21.65
N ASP C 339 0.72 17.00 -21.64
CA ASP C 339 -0.18 17.86 -22.41
C ASP C 339 -1.57 17.77 -21.82
N VAL C 340 -2.17 18.93 -21.53
CA VAL C 340 -3.47 18.94 -20.86
C VAL C 340 -4.54 18.28 -21.74
N ARG C 341 -4.53 18.57 -23.03
CA ARG C 341 -5.49 17.95 -23.94
C ARG C 341 -5.32 16.43 -23.99
N ASP C 342 -4.14 15.92 -23.64
CA ASP C 342 -3.89 14.50 -23.58
C ASP C 342 -4.25 13.90 -22.23
N ASN C 343 -5.04 14.64 -21.42
CA ASN C 343 -5.46 14.18 -20.10
C ASN C 343 -4.27 13.88 -19.20
N SER C 344 -3.22 14.70 -19.31
CA SER C 344 -2.02 14.48 -18.51
C SER C 344 -2.28 14.69 -17.03
N ILE C 345 -3.29 15.49 -16.68
CA ILE C 345 -3.59 15.73 -15.28
C ILE C 345 -3.99 14.43 -14.59
N THR C 346 -4.85 13.64 -15.25
CA THR C 346 -5.22 12.35 -14.68
C THR C 346 -4.02 11.44 -14.55
N THR C 347 -3.05 11.55 -15.46
CA THR C 347 -1.83 10.77 -15.34
C THR C 347 -1.09 11.11 -14.05
N LEU C 348 -0.94 12.39 -13.76
CA LEU C 348 -0.26 12.79 -12.53
C LEU C 348 -1.07 12.41 -11.30
N VAL C 349 -2.39 12.57 -11.37
CA VAL C 349 -3.23 12.25 -10.22
C VAL C 349 -3.10 10.77 -9.86
N THR C 350 -3.16 9.91 -10.86
CA THR C 350 -3.02 8.48 -10.61
C THR C 350 -1.64 8.16 -10.05
N ILE C 351 -0.60 8.78 -10.62
CA ILE C 351 0.75 8.56 -10.11
C ILE C 351 0.87 9.07 -8.69
N TRP C 352 0.35 10.29 -8.44
CA TRP C 352 0.45 10.89 -7.11
C TRP C 352 -0.25 10.04 -6.06
N LYS C 353 -1.44 9.53 -6.40
CA LYS C 353 -2.14 8.65 -5.47
C LYS C 353 -1.35 7.37 -5.24
N GLN C 354 -0.77 6.81 -6.30
CA GLN C 354 -0.08 5.54 -6.19
C GLN C 354 1.15 5.65 -5.29
N ILE C 355 1.94 6.70 -5.46
CA ILE C 355 3.21 6.80 -4.74
C ILE C 355 3.04 7.34 -3.33
N LEU C 356 1.95 8.06 -3.05
CA LEU C 356 1.84 8.77 -1.78
C LEU C 356 1.96 7.88 -0.55
N PRO C 357 1.35 6.70 -0.47
CA PRO C 357 1.46 5.93 0.79
C PRO C 357 2.88 5.63 1.20
N THR C 358 3.81 5.56 0.24
CA THR C 358 5.21 5.30 0.58
C THR C 358 5.81 6.46 1.37
N MET C 359 5.53 7.69 0.98
CA MET C 359 6.17 8.82 1.65
C MET C 359 5.57 9.04 3.04
N LYS C 360 6.24 9.88 3.81
CA LYS C 360 5.81 10.25 5.15
C LYS C 360 5.16 11.62 5.23
N GLY C 361 5.45 12.51 4.27
CA GLY C 361 4.89 13.83 4.26
C GLY C 361 4.34 14.20 2.90
N TYR C 362 3.56 15.27 2.88
CA TYR C 362 2.98 15.75 1.63
C TYR C 362 4.04 16.46 0.78
N LEU C 363 3.70 16.67 -0.48
CA LEU C 363 4.63 17.34 -1.39
C LEU C 363 4.93 18.76 -0.95
N THR C 364 3.90 19.51 -0.59
CA THR C 364 4.08 20.92 -0.26
C THR C 364 3.34 21.26 1.01
N THR C 365 3.84 22.27 1.71
CA THR C 365 3.24 22.75 2.95
C THR C 365 3.22 24.27 2.90
N ASP C 366 2.01 24.84 2.79
CA ASP C 366 1.82 26.28 2.76
C ASP C 366 2.66 26.94 1.67
N GLY C 367 2.75 26.27 0.53
CA GLY C 367 3.49 26.80 -0.59
C GLY C 367 4.97 26.53 -0.60
N TYR C 368 5.47 25.72 0.33
CA TYR C 368 6.88 25.36 0.39
C TYR C 368 7.04 23.91 -0.01
N LEU C 369 7.99 23.64 -0.91
CA LEU C 369 8.16 22.32 -1.47
C LEU C 369 8.93 21.40 -0.52
N ASN C 370 8.71 20.10 -0.71
CA ASN C 370 9.48 19.05 -0.03
C ASN C 370 10.27 18.33 -1.11
N LEU C 371 11.51 18.78 -1.32
CA LEU C 371 12.29 18.31 -2.46
C LEU C 371 12.44 16.79 -2.52
N PRO C 372 12.75 16.07 -1.44
CA PRO C 372 12.83 14.60 -1.56
C PRO C 372 11.52 13.97 -2.02
N ALA C 373 10.38 14.53 -1.61
CA ALA C 373 9.10 13.93 -1.99
C ALA C 373 8.81 14.15 -3.46
N VAL C 374 8.97 15.38 -3.95
CA VAL C 374 8.64 15.68 -5.33
C VAL C 374 9.58 14.96 -6.28
N GLU C 375 10.85 14.81 -5.89
CA GLU C 375 11.78 14.03 -6.70
C GLU C 375 11.28 12.61 -6.88
N ARG C 376 10.63 12.06 -5.85
CA ARG C 376 10.03 10.74 -5.98
C ARG C 376 8.84 10.78 -6.93
N LEU C 377 8.07 11.87 -6.92
CA LEU C 377 6.85 11.94 -7.71
C LEU C 377 7.13 11.69 -9.19
N LEU C 378 8.05 12.45 -9.76
CA LEU C 378 8.34 12.34 -11.18
C LEU C 378 9.35 11.25 -11.49
N ALA C 379 9.85 10.55 -10.48
CA ALA C 379 10.79 9.45 -10.73
C ALA C 379 10.14 8.39 -11.59
N GLU C 380 8.94 7.93 -11.21
CA GLU C 380 8.23 6.96 -12.03
C GLU C 380 7.54 7.59 -13.22
N LEU C 381 7.46 8.93 -13.28
CA LEU C 381 7.07 9.55 -14.54
C LEU C 381 8.10 9.24 -15.62
N ALA C 382 9.38 9.18 -15.24
CA ALA C 382 10.41 8.74 -16.17
C ALA C 382 10.16 7.31 -16.62
N LYS C 383 9.49 6.51 -15.79
CA LYS C 383 9.16 5.15 -16.18
C LYS C 383 8.03 5.07 -17.20
N LYS C 384 7.36 6.19 -17.50
CA LYS C 384 6.24 6.18 -18.42
C LYS C 384 6.49 7.06 -19.64
N GLU C 385 7.71 7.56 -19.84
CA GLU C 385 7.99 8.38 -21.01
C GLU C 385 7.80 7.59 -22.29
N ASP C 386 8.43 6.42 -22.37
CA ASP C 386 8.47 5.68 -23.62
C ASP C 386 7.06 5.27 -24.06
N TYR C 387 6.24 4.83 -23.11
CA TYR C 387 4.87 4.46 -23.45
C TYR C 387 4.09 5.68 -23.95
N ILE C 388 4.30 6.83 -23.30
CA ILE C 388 3.58 8.04 -23.70
C ILE C 388 4.01 8.48 -25.09
N PHE C 389 5.32 8.53 -25.34
CA PHE C 389 5.79 8.99 -26.64
C PHE C 389 5.36 8.05 -27.75
N ARG C 390 5.45 6.75 -27.52
CA ARG C 390 5.00 5.79 -28.53
C ARG C 390 3.49 5.90 -28.75
N LYS C 391 2.74 6.24 -27.71
CA LYS C 391 1.30 6.41 -27.87
C LYS C 391 0.97 7.55 -28.82
N ARG C 392 1.69 8.67 -28.70
CA ARG C 392 1.43 9.81 -29.57
C ARG C 392 1.76 9.48 -31.02
N TYR C 393 2.95 8.92 -31.26
CA TYR C 393 3.36 8.63 -32.63
C TYR C 393 2.44 7.60 -33.27
N GLU C 394 2.05 6.57 -32.52
CA GLU C 394 1.13 5.58 -33.05
C GLU C 394 -0.21 6.21 -33.38
N ASP C 395 -0.73 7.07 -32.50
CA ASP C 395 -2.03 7.66 -32.71
C ASP C 395 -2.00 8.77 -33.75
N GLU C 396 -0.90 9.52 -33.84
CA GLU C 396 -0.82 10.59 -34.82
C GLU C 396 -0.95 10.05 -36.24
N LYS C 397 -0.16 9.02 -36.57
CA LYS C 397 -0.28 8.41 -37.89
C LYS C 397 -1.63 7.74 -38.06
N ARG C 398 -2.08 7.00 -37.06
CA ARG C 398 -3.31 6.22 -37.18
C ARG C 398 -4.50 7.09 -37.57
N SER C 399 -4.53 8.35 -37.10
CA SER C 399 -5.58 9.25 -37.52
C SER C 399 -5.45 9.63 -38.99
N LEU C 400 -4.24 9.61 -39.54
CA LEU C 400 -4.04 10.01 -40.92
C LEU C 400 -4.66 9.02 -41.90
N GLU C 401 -4.46 7.72 -41.67
CA GLU C 401 -5.10 6.75 -42.56
C GLU C 401 -6.60 6.67 -42.35
N ASN C 402 -7.12 7.18 -41.23
CA ASN C 402 -8.56 7.17 -41.02
C ASN C 402 -9.27 7.99 -42.09
N GLN C 403 -8.83 9.23 -42.29
CA GLN C 403 -9.41 10.05 -43.35
C GLN C 403 -8.98 9.55 -44.73
N LYS C 404 -7.76 9.02 -44.84
CA LYS C 404 -7.29 8.50 -46.11
C LYS C 404 -8.10 7.29 -46.57
N ARG C 405 -8.39 6.38 -45.65
CA ARG C 405 -9.11 5.16 -46.00
C ARG C 405 -10.61 5.40 -46.23
N ARG C 406 -11.15 6.52 -45.75
CA ARG C 406 -12.55 6.84 -45.92
C ARG C 406 -12.75 7.77 -47.10
N LYS C 407 -14.03 7.99 -47.44
CA LYS C 407 -14.38 8.83 -48.57
C LYS C 407 -14.02 10.30 -48.30
N ASN C 532 10.56 17.80 -35.50
CA ASN C 532 9.80 16.58 -35.25
C ASN C 532 10.54 15.37 -35.80
N GLU C 533 10.74 15.35 -37.12
CA GLU C 533 11.44 14.25 -37.76
C GLU C 533 12.90 14.16 -37.36
N GLU C 534 13.45 15.24 -36.80
CA GLU C 534 14.85 15.25 -36.39
C GLU C 534 15.09 14.48 -35.10
N ILE C 535 14.05 14.25 -34.31
CA ILE C 535 14.20 13.65 -32.99
C ILE C 535 13.58 12.25 -32.94
N ARG C 536 12.49 12.03 -33.68
CA ARG C 536 11.78 10.74 -33.74
C ARG C 536 11.60 10.15 -32.35
N LEU C 537 10.79 10.87 -31.57
CA LEU C 537 10.63 10.58 -30.14
C LEU C 537 10.23 9.14 -29.88
N TRP C 538 9.47 8.54 -30.79
CA TRP C 538 9.02 7.17 -30.58
C TRP C 538 10.19 6.19 -30.53
N GLU C 539 11.19 6.40 -31.37
CA GLU C 539 12.35 5.53 -31.36
C GLU C 539 13.18 5.75 -30.10
N PRO C 540 13.80 4.70 -29.57
CA PRO C 540 14.55 4.83 -28.31
C PRO C 540 15.75 5.75 -28.45
N GLY C 541 16.27 6.16 -27.30
CA GLY C 541 17.40 7.06 -27.25
C GLY C 541 17.08 8.49 -27.60
N TYR C 542 15.81 8.89 -27.51
CA TYR C 542 15.40 10.23 -27.90
C TYR C 542 16.11 11.32 -27.11
N ARG C 543 16.63 11.00 -25.93
CA ARG C 543 17.26 12.01 -25.09
C ARG C 543 18.45 12.65 -25.80
N LYS C 544 19.25 11.84 -26.49
CA LYS C 544 20.40 12.39 -27.20
C LYS C 544 19.97 13.29 -28.34
N ARG C 545 19.04 12.84 -29.18
CA ARG C 545 18.60 13.65 -30.31
C ARG C 545 17.97 14.95 -29.84
N TYR C 546 17.14 14.88 -28.80
CA TYR C 546 16.38 16.06 -28.37
C TYR C 546 17.31 17.20 -27.99
N TYR C 547 18.26 16.94 -27.11
CA TYR C 547 19.14 18.00 -26.65
C TYR C 547 20.10 18.44 -27.76
N GLU C 548 20.54 17.50 -28.59
CA GLU C 548 21.51 17.85 -29.63
C GLU C 548 20.89 18.79 -30.66
N THR C 549 19.67 18.48 -31.12
CA THR C 549 19.05 19.31 -32.14
C THR C 549 18.57 20.63 -31.57
N LYS C 550 17.94 20.61 -30.41
CA LYS C 550 17.40 21.82 -29.82
C LYS C 550 18.49 22.80 -29.38
N PHE C 551 19.74 22.37 -29.32
CA PHE C 551 20.82 23.23 -28.89
C PHE C 551 21.95 23.34 -29.91
N HIS C 552 21.83 22.68 -31.06
CA HIS C 552 22.78 22.82 -32.16
C HIS C 552 24.19 22.44 -31.75
N THR C 553 24.32 21.48 -30.85
CA THR C 553 25.63 21.03 -30.39
C THR C 553 25.51 19.58 -29.93
N LYS C 554 26.64 18.88 -29.88
CA LYS C 554 26.64 17.47 -29.53
C LYS C 554 27.76 17.06 -28.58
N ASP C 555 28.43 18.02 -27.95
CA ASP C 555 29.44 17.65 -26.95
C ASP C 555 28.77 17.09 -25.71
N PRO C 556 29.10 15.86 -25.29
CA PRO C 556 28.44 15.29 -24.11
C PRO C 556 28.62 16.12 -22.86
N GLN C 557 29.80 16.70 -22.65
CA GLN C 557 30.00 17.55 -21.48
C GLN C 557 29.13 18.79 -21.55
N LYS C 558 29.05 19.41 -22.73
CA LYS C 558 28.18 20.58 -22.88
C LYS C 558 26.73 20.22 -22.63
N VAL C 559 26.28 19.07 -23.16
CA VAL C 559 24.92 18.62 -22.91
C VAL C 559 24.72 18.31 -21.43
N LYS C 560 25.71 17.66 -20.81
CA LYS C 560 25.60 17.36 -19.39
C LYS C 560 25.53 18.64 -18.56
N LYS C 561 26.33 19.64 -18.92
CA LYS C 561 26.28 20.92 -18.22
C LYS C 561 24.93 21.60 -18.41
N ILE C 562 24.44 21.61 -19.65
CA ILE C 562 23.18 22.28 -19.95
C ILE C 562 22.01 21.58 -19.26
N ALA C 563 21.99 20.24 -19.34
CA ALA C 563 20.86 19.51 -18.78
C ALA C 563 20.75 19.72 -17.28
N ARG C 564 21.87 19.70 -16.57
CA ARG C 564 21.83 19.96 -15.13
C ARG C 564 21.36 21.38 -14.84
N ASN C 565 21.79 22.34 -15.65
CA ASN C 565 21.30 23.70 -15.51
C ASN C 565 19.80 23.78 -15.77
N MET C 566 19.30 22.94 -16.68
CA MET C 566 17.88 22.96 -17.01
C MET C 566 17.03 22.64 -15.78
N VAL C 567 17.43 21.61 -15.03
CA VAL C 567 16.62 21.18 -13.90
C VAL C 567 16.61 22.23 -12.80
N GLN C 568 17.79 22.79 -12.48
CA GLN C 568 17.87 23.72 -11.37
C GLN C 568 17.00 24.94 -11.60
N LYS C 569 17.02 25.49 -12.83
CA LYS C 569 16.14 26.60 -13.13
C LYS C 569 14.67 26.19 -13.06
N TYR C 570 14.34 25.01 -13.60
CA TYR C 570 12.95 24.59 -13.66
C TYR C 570 12.37 24.40 -12.26
N ILE C 571 13.13 23.77 -11.36
CA ILE C 571 12.64 23.59 -10.00
C ILE C 571 12.46 24.93 -9.32
N GLU C 572 13.35 25.88 -9.60
CA GLU C 572 13.17 27.23 -9.09
C GLU C 572 11.87 27.83 -9.59
N GLY C 573 11.58 27.64 -10.88
CA GLY C 573 10.32 28.15 -11.43
C GLY C 573 9.10 27.58 -10.72
N VAL C 574 9.09 26.26 -10.52
CA VAL C 574 8.00 25.65 -9.78
C VAL C 574 7.96 26.20 -8.35
N SER C 575 9.12 26.34 -7.72
CA SER C 575 9.16 26.96 -6.40
C SER C 575 8.65 28.39 -6.46
N TRP C 576 9.06 29.15 -7.48
CA TRP C 576 8.65 30.54 -7.58
C TRP C 576 7.15 30.66 -7.80
N VAL C 577 6.59 29.83 -8.69
CA VAL C 577 5.17 29.93 -8.99
C VAL C 577 4.35 29.57 -7.76
N LEU C 578 4.71 28.49 -7.07
CA LEU C 578 3.91 28.02 -5.95
C LEU C 578 3.89 29.06 -4.84
N LEU C 579 5.01 29.74 -4.60
CA LEU C 579 5.01 30.87 -3.68
C LEU C 579 4.14 32.00 -4.21
N TYR C 580 4.18 32.24 -5.52
CA TYR C 580 3.45 33.35 -6.12
C TYR C 580 1.95 33.21 -5.94
N TYR C 581 1.45 32.00 -5.72
CA TYR C 581 0.03 31.79 -5.51
C TYR C 581 -0.34 31.56 -4.06
N TYR C 582 0.61 31.65 -3.14
CA TYR C 582 0.29 31.45 -1.73
C TYR C 582 0.84 32.56 -0.85
N GLN C 583 1.96 33.15 -1.22
CA GLN C 583 2.62 34.15 -0.39
C GLN C 583 2.94 35.41 -1.17
N GLY C 584 2.14 35.73 -2.18
CA GLY C 584 2.41 36.90 -2.97
C GLY C 584 3.64 36.70 -3.84
N CYS C 585 4.07 37.79 -4.45
CA CYS C 585 5.21 37.74 -5.35
C CYS C 585 6.49 37.57 -4.55
N PRO C 586 7.25 36.49 -4.75
CA PRO C 586 8.52 36.34 -4.04
C PRO C 586 9.73 36.90 -4.78
N SER C 587 9.61 37.20 -6.06
CA SER C 587 10.72 37.76 -6.83
C SER C 587 10.16 38.47 -8.04
N TRP C 588 10.46 39.75 -8.19
CA TRP C 588 9.97 40.56 -9.30
C TRP C 588 10.88 40.52 -10.51
N ASN C 589 12.04 39.87 -10.42
CA ASN C 589 13.03 39.90 -11.49
C ASN C 589 13.37 38.52 -12.04
N TRP C 590 12.84 37.45 -11.46
CA TRP C 590 13.15 36.11 -11.94
C TRP C 590 12.47 35.83 -13.27
N TYR C 591 13.11 34.98 -14.07
CA TYR C 591 12.55 34.58 -15.36
C TYR C 591 13.21 33.26 -15.76
N TYR C 592 12.59 32.58 -16.71
CA TYR C 592 13.11 31.29 -17.17
C TYR C 592 14.09 31.50 -18.30
N PRO C 593 15.33 31.02 -18.19
CA PRO C 593 16.34 31.36 -19.20
C PRO C 593 16.43 30.39 -20.37
N TYR C 594 15.41 29.56 -20.57
CA TYR C 594 15.44 28.60 -21.67
C TYR C 594 14.05 28.45 -22.27
N HIS C 595 14.01 27.98 -23.50
CA HIS C 595 12.77 27.86 -24.26
C HIS C 595 12.12 26.49 -24.19
N TYR C 596 12.73 25.53 -23.50
CA TYR C 596 12.21 24.17 -23.49
C TYR C 596 12.35 23.56 -22.11
N ALA C 597 11.52 22.56 -21.85
CA ALA C 597 11.48 21.90 -20.56
C ALA C 597 12.27 20.60 -20.60
N PRO C 598 13.04 20.31 -19.56
CA PRO C 598 13.77 19.03 -19.52
C PRO C 598 12.83 17.86 -19.31
N PHE C 599 13.29 16.70 -19.76
CA PHE C 599 12.53 15.47 -19.56
C PHE C 599 12.45 15.13 -18.08
N ALA C 600 11.37 14.42 -17.71
CA ALA C 600 11.17 14.08 -16.31
C ALA C 600 12.27 13.19 -15.76
N ALA C 601 12.99 12.46 -16.62
CA ALA C 601 14.10 11.65 -16.15
C ALA C 601 15.28 12.50 -15.69
N ASP C 602 15.34 13.76 -16.11
CA ASP C 602 16.50 14.60 -15.79
C ASP C 602 16.50 15.05 -14.33
N PHE C 603 15.34 15.21 -13.72
CA PHE C 603 15.28 15.70 -12.34
C PHE C 603 15.75 14.61 -11.40
N VAL C 604 17.05 14.66 -11.05
CA VAL C 604 17.62 13.76 -10.05
C VAL C 604 18.51 14.58 -9.13
N ASN C 605 18.63 14.13 -7.89
CA ASN C 605 19.45 14.79 -6.87
C ASN C 605 19.05 16.26 -6.71
N LEU C 606 17.75 16.48 -6.53
CA LEU C 606 17.25 17.84 -6.39
C LEU C 606 17.58 18.42 -5.01
N SER C 607 17.70 17.55 -4.00
CA SER C 607 17.94 18.04 -2.64
C SER C 607 19.25 18.80 -2.52
N GLU C 608 20.23 18.48 -3.37
CA GLU C 608 21.49 19.20 -3.35
C GLU C 608 21.36 20.61 -3.91
N LEU C 609 20.28 20.90 -4.62
CA LEU C 609 20.10 22.23 -5.20
C LEU C 609 19.78 23.26 -4.12
N LYS C 610 20.23 24.48 -4.34
CA LYS C 610 19.98 25.60 -3.44
C LYS C 610 19.08 26.61 -4.15
N ILE C 611 17.98 26.97 -3.50
CA ILE C 611 17.00 27.88 -4.06
C ILE C 611 16.98 29.15 -3.22
N GLU C 612 17.10 30.29 -3.87
CA GLU C 612 17.05 31.58 -3.19
C GLU C 612 16.36 32.59 -4.08
N PHE C 613 15.65 33.53 -3.46
CA PHE C 613 14.91 34.55 -4.18
C PHE C 613 15.23 35.93 -3.60
N VAL C 614 15.20 36.92 -4.48
CA VAL C 614 15.29 38.32 -4.08
C VAL C 614 14.05 39.02 -4.63
N GLU C 615 13.30 39.67 -3.73
CA GLU C 615 12.02 40.25 -4.14
C GLU C 615 12.21 41.38 -5.14
N GLY C 616 13.08 42.33 -4.83
CA GLY C 616 13.24 43.46 -5.72
C GLY C 616 12.00 44.33 -5.71
N THR C 617 11.93 45.19 -6.73
CA THR C 617 10.79 46.08 -6.90
C THR C 617 10.24 45.93 -8.31
N PRO C 618 8.93 46.08 -8.48
CA PRO C 618 8.34 45.99 -9.81
C PRO C 618 8.82 47.12 -10.71
N PHE C 619 8.87 46.84 -12.01
CA PHE C 619 9.29 47.84 -12.97
C PHE C 619 8.26 48.96 -13.09
N ARG C 620 8.73 50.13 -13.47
CA ARG C 620 7.83 51.23 -13.77
C ARG C 620 7.08 50.93 -15.08
N PRO C 621 5.87 51.47 -15.24
CA PRO C 621 5.05 51.10 -16.41
C PRO C 621 5.74 51.37 -17.73
N TYR C 622 6.47 52.47 -17.84
CA TYR C 622 7.17 52.76 -19.10
C TYR C 622 8.23 51.72 -19.39
N GLU C 623 8.96 51.27 -18.37
CA GLU C 623 9.91 50.17 -18.56
C GLU C 623 9.18 48.91 -18.99
N GLN C 624 8.02 48.64 -18.40
CA GLN C 624 7.24 47.47 -18.79
C GLN C 624 6.73 47.60 -20.23
N LEU C 625 6.34 48.81 -20.65
CA LEU C 625 5.89 49.00 -22.01
C LEU C 625 6.98 48.65 -23.02
N MET C 626 8.21 49.10 -22.76
CA MET C 626 9.30 48.80 -23.69
C MET C 626 9.62 47.31 -23.69
N SER C 627 9.40 46.63 -22.56
CA SER C 627 9.77 45.22 -22.46
C SER C 627 8.75 44.29 -23.12
N VAL C 628 7.54 44.73 -23.44
CA VAL C 628 6.54 43.81 -23.94
C VAL C 628 5.93 44.27 -25.26
N LEU C 629 5.91 45.57 -25.52
CA LEU C 629 5.34 46.05 -26.76
C LEU C 629 6.26 45.72 -27.94
N PRO C 630 5.72 45.27 -29.06
CA PRO C 630 6.56 44.96 -30.23
C PRO C 630 7.06 46.22 -30.92
N ALA C 631 7.76 46.05 -32.04
CA ALA C 631 8.31 47.18 -32.76
C ALA C 631 7.25 47.98 -33.52
N ALA C 632 6.02 47.49 -33.61
CA ALA C 632 4.98 48.13 -34.40
C ALA C 632 4.00 48.93 -33.54
N SER C 633 4.36 49.22 -32.29
CA SER C 633 3.49 49.95 -31.37
C SER C 633 4.27 51.05 -30.67
N SER C 634 5.02 51.84 -31.45
CA SER C 634 5.75 52.95 -30.87
C SER C 634 4.82 54.08 -30.45
N HIS C 635 3.65 54.18 -31.09
CA HIS C 635 2.73 55.28 -30.77
C HIS C 635 2.25 55.20 -29.33
N ASN C 636 1.96 53.99 -28.83
CA ASN C 636 1.59 53.84 -27.43
C ASN C 636 2.73 54.27 -26.52
N LEU C 637 3.96 53.90 -26.88
CA LEU C 637 5.13 54.34 -26.13
C LEU C 637 5.27 55.86 -26.23
N PRO C 638 5.82 56.51 -25.20
CA PRO C 638 6.09 57.94 -25.31
C PRO C 638 7.02 58.24 -26.48
N ASP C 639 6.78 59.40 -27.11
CA ASP C 639 7.52 59.73 -28.34
C ASP C 639 9.01 59.85 -28.10
N VAL C 640 9.41 60.26 -26.89
CA VAL C 640 10.84 60.34 -26.57
C VAL C 640 11.47 58.95 -26.64
N PHE C 641 10.80 57.96 -26.07
CA PHE C 641 11.32 56.59 -26.06
C PHE C 641 11.15 55.87 -27.39
N ARG C 642 10.44 56.47 -28.35
CA ARG C 642 10.26 55.83 -29.65
C ARG C 642 11.59 55.64 -30.37
N SER C 643 12.50 56.60 -30.24
CA SER C 643 13.79 56.49 -30.93
C SER C 643 14.57 55.28 -30.43
N LEU C 644 14.64 55.10 -29.12
CA LEU C 644 15.46 54.03 -28.55
C LEU C 644 14.92 52.65 -28.89
N MET C 645 13.71 52.53 -29.42
CA MET C 645 13.13 51.24 -29.73
C MET C 645 13.33 50.84 -31.19
N SER C 646 13.34 51.79 -32.12
CA SER C 646 13.42 51.48 -33.55
C SER C 646 14.66 52.04 -34.23
N ASP C 647 15.54 52.73 -33.51
CA ASP C 647 16.75 53.27 -34.13
C ASP C 647 17.70 52.14 -34.50
N ALA C 648 18.30 52.27 -35.69
CA ALA C 648 19.31 51.29 -36.10
C ALA C 648 20.53 51.32 -35.19
N ASN C 649 20.81 52.49 -34.60
CA ASN C 649 21.93 52.63 -33.67
C ASN C 649 21.49 52.57 -32.22
N SER C 650 20.24 52.21 -31.95
CA SER C 650 19.77 52.09 -30.57
C SER C 650 20.51 50.95 -29.87
N GLU C 651 20.88 51.19 -28.61
CA GLU C 651 21.64 50.21 -27.85
C GLU C 651 20.86 48.95 -27.53
N ILE C 652 19.54 48.96 -27.73
CA ILE C 652 18.71 47.79 -27.49
C ILE C 652 18.00 47.33 -28.77
N ILE C 653 18.51 47.75 -29.92
CA ILE C 653 17.89 47.37 -31.19
C ILE C 653 17.97 45.87 -31.40
N ASP C 654 18.96 45.21 -30.80
CA ASP C 654 19.03 43.76 -30.88
C ASP C 654 17.82 43.12 -30.22
N PHE C 655 17.18 43.82 -29.29
CA PHE C 655 15.99 43.31 -28.62
C PHE C 655 14.74 43.50 -29.46
N TYR C 656 14.84 44.16 -30.61
CA TYR C 656 13.67 44.49 -31.44
C TYR C 656 13.93 44.06 -32.88
N PRO C 657 13.83 42.77 -33.17
CA PRO C 657 13.89 42.32 -34.57
C PRO C 657 12.51 42.28 -35.20
N GLU C 658 12.42 42.81 -36.43
CA GLU C 658 11.15 42.82 -37.14
C GLU C 658 10.70 41.40 -37.48
N GLU C 659 11.62 40.55 -37.91
CA GLU C 659 11.33 39.17 -38.25
C GLU C 659 12.12 38.25 -37.32
N PHE C 660 11.47 37.20 -36.85
CA PHE C 660 12.04 36.29 -35.88
C PHE C 660 11.82 34.85 -36.29
N PRO C 661 12.71 33.95 -35.91
CA PRO C 661 12.50 32.53 -36.22
C PRO C 661 11.31 31.96 -35.47
N LEU C 662 10.64 31.00 -36.11
CA LEU C 662 9.49 30.30 -35.53
C LEU C 662 9.86 28.82 -35.45
N ASP C 663 10.38 28.40 -34.30
CA ASP C 663 10.64 26.99 -34.07
C ASP C 663 9.31 26.28 -33.88
N MET C 664 8.85 25.59 -34.92
CA MET C 664 7.51 25.04 -34.95
C MET C 664 7.34 24.01 -33.84
N ASN C 665 8.05 22.88 -33.94
CA ASN C 665 8.08 21.83 -32.92
C ASN C 665 6.70 21.57 -32.30
N GLY C 666 5.65 21.64 -33.10
CA GLY C 666 4.31 21.57 -32.55
C GLY C 666 3.31 20.82 -33.40
N LYS C 667 2.03 21.22 -33.34
CA LYS C 667 0.98 20.48 -34.03
C LYS C 667 1.18 20.49 -35.53
N LYS C 668 0.99 21.64 -36.18
CA LYS C 668 1.39 21.72 -37.58
C LYS C 668 2.18 22.98 -37.92
N VAL C 669 1.70 24.15 -37.49
CA VAL C 669 2.36 25.40 -37.88
C VAL C 669 2.62 26.35 -36.71
N ILE C 670 1.58 26.83 -36.04
CA ILE C 670 1.71 28.02 -35.20
C ILE C 670 1.01 27.84 -33.86
N TRP C 671 0.32 26.71 -33.68
CA TRP C 671 -0.53 26.55 -32.50
C TRP C 671 0.28 26.66 -31.21
N GLN C 672 1.46 26.04 -31.17
CA GLN C 672 2.36 26.18 -30.03
C GLN C 672 3.75 26.61 -30.48
N ALA C 673 3.81 27.42 -31.54
CA ALA C 673 5.09 27.89 -32.05
C ALA C 673 5.82 28.70 -31.00
N ILE C 674 7.14 28.58 -30.98
CA ILE C 674 7.99 29.23 -29.98
C ILE C 674 8.64 30.44 -30.65
N PRO C 675 8.27 31.66 -30.26
CA PRO C 675 8.93 32.84 -30.85
C PRO C 675 10.32 33.03 -30.28
N LEU C 676 11.30 32.36 -30.88
CA LEU C 676 12.67 32.42 -30.38
C LEU C 676 13.21 33.84 -30.44
N LEU C 677 13.32 34.48 -29.28
CA LEU C 677 13.79 35.85 -29.17
C LEU C 677 14.80 35.94 -28.04
N PRO C 678 15.80 36.82 -28.16
CA PRO C 678 16.75 37.00 -27.07
C PRO C 678 16.06 37.52 -25.83
N PHE C 679 16.48 37.00 -24.68
CA PHE C 679 15.90 37.44 -23.41
C PHE C 679 16.46 38.80 -23.02
N ILE C 680 15.57 39.71 -22.64
CA ILE C 680 15.96 41.10 -22.41
C ILE C 680 16.92 41.17 -21.24
N ASP C 681 18.09 41.75 -21.47
CA ASP C 681 19.05 42.00 -20.39
C ASP C 681 18.63 43.24 -19.63
N GLU C 682 18.44 43.10 -18.32
CA GLU C 682 17.94 44.22 -17.52
C GLU C 682 18.93 45.36 -17.50
N ASN C 683 20.23 45.06 -17.34
CA ASN C 683 21.22 46.11 -17.18
C ASN C 683 21.31 46.98 -18.42
N ARG C 684 21.29 46.36 -19.61
CA ARG C 684 21.25 47.14 -20.84
C ARG C 684 19.94 47.91 -20.96
N LEU C 685 18.82 47.27 -20.59
CA LEU C 685 17.53 47.93 -20.74
C LEU C 685 17.33 49.03 -19.70
N LEU C 686 17.67 48.75 -18.44
CA LEU C 686 17.39 49.70 -17.38
C LEU C 686 18.29 50.94 -17.48
N LYS C 687 19.55 50.76 -17.88
CA LYS C 687 20.46 51.90 -17.98
C LYS C 687 19.99 52.88 -19.05
N ALA C 688 19.50 52.36 -20.18
CA ALA C 688 19.10 53.25 -21.28
C ALA C 688 17.82 54.00 -20.94
N VAL C 689 16.84 53.32 -20.34
CA VAL C 689 15.53 53.96 -20.13
C VAL C 689 15.63 55.07 -19.10
N GLN C 690 16.45 54.89 -18.06
CA GLN C 690 16.54 55.88 -16.99
C GLN C 690 17.27 57.15 -17.44
N SER C 691 17.89 57.15 -18.62
CA SER C 691 18.54 58.33 -19.15
C SER C 691 17.60 59.20 -19.98
N LYS C 692 16.34 58.79 -20.14
CA LYS C 692 15.38 59.53 -20.95
C LYS C 692 14.19 60.06 -20.15
N TYR C 693 14.16 59.86 -18.84
CA TYR C 693 13.04 60.33 -18.04
C TYR C 693 13.07 61.85 -17.87
N ASP C 694 14.26 62.46 -17.96
CA ASP C 694 14.38 63.88 -17.66
C ASP C 694 13.59 64.74 -18.63
N GLN C 695 13.63 64.42 -19.92
CA GLN C 695 12.98 65.22 -20.94
C GLN C 695 11.50 64.91 -21.10
N LEU C 696 10.88 64.28 -20.11
CA LEU C 696 9.46 63.97 -20.16
C LEU C 696 8.66 65.05 -19.43
N THR C 697 7.35 64.96 -19.57
CA THR C 697 6.43 65.90 -18.92
C THR C 697 5.96 65.34 -17.58
N GLU C 698 5.37 66.22 -16.76
CA GLU C 698 4.90 65.80 -15.45
C GLU C 698 3.74 64.83 -15.55
N ASP C 699 2.89 64.97 -16.57
CA ASP C 699 1.80 64.03 -16.77
C ASP C 699 2.33 62.62 -17.03
N GLU C 700 3.40 62.52 -17.83
CA GLU C 700 4.02 61.21 -18.06
C GLU C 700 4.78 60.74 -16.83
N LYS C 701 5.51 61.65 -16.17
CA LYS C 701 6.23 61.28 -14.95
C LYS C 701 5.28 60.81 -13.86
N PHE C 702 4.15 61.50 -13.70
CA PHE C 702 3.13 61.04 -12.76
C PHE C 702 2.56 59.70 -13.18
N ARG C 703 2.43 59.47 -14.49
CA ARG C 703 1.96 58.18 -14.99
C ARG C 703 3.02 57.09 -14.90
N ASN C 704 4.24 57.44 -14.50
CA ASN C 704 5.33 56.47 -14.35
C ASN C 704 5.76 56.37 -12.89
N THR C 705 4.79 56.32 -11.99
CA THR C 705 5.07 56.15 -10.57
C THR C 705 3.98 55.27 -9.95
N ASN C 706 4.41 54.33 -9.11
CA ASN C 706 3.47 53.42 -8.47
C ASN C 706 2.63 54.16 -7.43
N ARG C 707 1.43 53.66 -7.19
CA ARG C 707 0.50 54.26 -6.25
C ARG C 707 -0.11 53.16 -5.39
N SER C 708 -1.15 53.51 -4.64
CA SER C 708 -1.86 52.57 -3.80
C SER C 708 -3.35 52.64 -4.13
N GLU C 709 -4.05 51.55 -3.81
CA GLU C 709 -5.46 51.46 -4.14
C GLU C 709 -6.27 52.47 -3.33
N ILE C 710 -7.43 52.81 -3.88
CA ILE C 710 -8.34 53.78 -3.27
C ILE C 710 -9.61 53.07 -2.86
N LEU C 711 -10.36 53.71 -1.97
CA LEU C 711 -11.63 53.19 -1.50
C LEU C 711 -12.62 54.33 -1.43
N VAL C 712 -13.83 54.09 -1.94
CA VAL C 712 -14.89 55.09 -1.94
C VAL C 712 -16.06 54.58 -1.12
N LEU C 713 -16.64 55.45 -0.30
CA LEU C 713 -17.68 55.08 0.64
C LEU C 713 -18.94 55.91 0.41
N GLY C 714 -20.08 55.28 0.65
CA GLY C 714 -21.35 55.99 0.51
C GLY C 714 -21.62 56.92 1.67
N ARG C 715 -22.42 57.94 1.40
CA ARG C 715 -22.78 58.91 2.44
C ARG C 715 -23.57 58.25 3.56
N SER C 716 -24.50 57.37 3.20
CA SER C 716 -25.33 56.69 4.18
C SER C 716 -24.63 55.51 4.84
N HIS C 717 -23.40 55.21 4.44
CA HIS C 717 -22.69 54.08 5.00
C HIS C 717 -22.29 54.36 6.46
N SER C 718 -22.14 53.27 7.22
CA SER C 718 -21.90 53.39 8.66
C SER C 718 -20.56 54.06 8.95
N HIS C 719 -19.52 53.73 8.17
CA HIS C 719 -18.19 54.29 8.41
C HIS C 719 -18.05 55.72 7.94
N TYR C 720 -19.01 56.26 7.20
CA TYR C 720 -18.87 57.62 6.70
C TYR C 720 -18.66 58.64 7.83
N PRO C 721 -19.47 58.65 8.90
CA PRO C 721 -19.15 59.57 10.00
C PRO C 721 -17.82 59.30 10.66
N THR C 722 -17.45 58.02 10.79
CA THR C 722 -16.24 57.67 11.53
C THR C 722 -14.99 58.15 10.83
N LEU C 723 -14.87 57.85 9.54
CA LEU C 723 -13.65 58.22 8.81
C LEU C 723 -13.47 59.72 8.73
N VAL C 724 -14.57 60.44 8.43
CA VAL C 724 -14.48 61.90 8.31
C VAL C 724 -14.09 62.52 9.63
N LYS C 725 -14.68 62.03 10.73
CA LYS C 725 -14.36 62.56 12.04
C LYS C 725 -12.89 62.42 12.37
N GLU C 726 -12.24 61.37 11.90
CA GLU C 726 -10.84 61.11 12.21
C GLU C 726 -9.88 61.59 11.13
N LEU C 727 -10.23 61.40 9.86
CA LEU C 727 -9.33 61.77 8.78
C LEU C 727 -9.52 63.19 8.28
N TYR C 728 -10.54 63.90 8.75
CA TYR C 728 -10.79 65.25 8.31
C TYR C 728 -11.09 66.24 9.42
N GLU C 729 -11.29 65.79 10.65
CA GLU C 729 -11.49 66.68 11.78
C GLU C 729 -10.37 66.57 12.81
N GLU C 730 -10.06 65.36 13.25
CA GLU C 730 -8.96 65.17 14.20
C GLU C 730 -7.59 65.36 13.55
N GLY C 731 -7.54 65.48 12.22
CA GLY C 731 -6.28 65.68 11.56
C GLY C 731 -5.37 64.48 11.55
N LYS C 732 -5.91 63.28 11.73
CA LYS C 732 -5.11 62.08 11.73
C LYS C 732 -4.56 61.80 10.33
N ASP C 733 -3.25 61.61 10.24
CA ASP C 733 -2.64 61.28 8.95
C ASP C 733 -3.13 59.93 8.45
N SER C 734 -3.27 58.95 9.33
CA SER C 734 -3.71 57.62 8.97
C SER C 734 -4.56 57.06 10.08
N TYR C 735 -5.39 56.07 9.74
CA TYR C 735 -6.28 55.44 10.71
C TYR C 735 -6.37 53.96 10.41
N GLU C 736 -6.08 53.14 11.41
CA GLU C 736 -6.14 51.70 11.23
C GLU C 736 -7.59 51.23 11.15
N PHE C 737 -7.75 49.96 10.76
CA PHE C 737 -9.07 49.36 10.61
C PHE C 737 -9.07 47.98 11.24
N GLN C 738 -10.26 47.42 11.36
CA GLN C 738 -10.44 46.02 11.69
C GLN C 738 -11.71 45.55 10.98
N VAL C 739 -12.10 44.31 11.23
CA VAL C 739 -13.33 43.80 10.64
C VAL C 739 -14.50 44.63 11.12
N ASP C 740 -15.34 45.06 10.19
CA ASP C 740 -16.39 46.01 10.47
C ASP C 740 -17.65 45.58 9.72
N SER C 741 -18.62 46.48 9.63
CA SER C 741 -19.87 46.17 8.94
C SER C 741 -19.60 45.84 7.47
N SER C 742 -18.71 46.59 6.83
CA SER C 742 -18.35 46.29 5.45
C SER C 742 -17.67 44.92 5.34
N GLY C 743 -16.80 44.60 6.29
CA GLY C 743 -15.97 43.43 6.19
C GLY C 743 -14.58 43.68 5.65
N VAL C 744 -14.18 44.95 5.52
CA VAL C 744 -12.90 45.31 4.96
C VAL C 744 -11.99 45.79 6.07
N SER C 745 -10.80 45.22 6.17
CA SER C 745 -9.79 45.67 7.09
C SER C 745 -8.72 46.46 6.34
N GLY C 746 -7.68 46.88 7.06
CA GLY C 746 -6.59 47.60 6.43
C GLY C 746 -6.24 48.91 7.10
N VAL C 747 -5.68 49.84 6.33
CA VAL C 747 -5.27 51.15 6.83
C VAL C 747 -5.82 52.21 5.90
N ALA C 748 -6.42 53.25 6.48
CA ALA C 748 -7.00 54.35 5.72
C ALA C 748 -6.07 55.55 5.76
N ILE C 749 -5.84 56.16 4.60
CA ILE C 749 -5.03 57.36 4.49
C ILE C 749 -5.83 58.41 3.73
N LYS C 750 -5.82 59.63 4.23
CA LYS C 750 -6.55 60.72 3.59
C LYS C 750 -6.00 60.99 2.20
N LEU C 751 -6.89 61.18 1.24
CA LEU C 751 -6.52 61.44 -0.14
C LEU C 751 -6.33 62.94 -0.34
N GLN C 752 -5.09 63.35 -0.60
CA GLN C 752 -4.80 64.78 -0.75
C GLN C 752 -5.53 65.37 -1.95
N SER C 753 -5.55 64.66 -3.06
CA SER C 753 -6.21 65.16 -4.26
C SER C 753 -7.71 65.30 -4.07
N PHE C 754 -8.30 64.61 -3.09
CA PHE C 754 -9.72 64.69 -2.87
C PHE C 754 -10.09 66.04 -2.26
N ASP C 755 -11.13 66.66 -2.81
CA ASP C 755 -11.67 67.92 -2.30
C ASP C 755 -13.06 67.65 -1.75
N ARG C 756 -13.34 68.20 -0.57
CA ARG C 756 -14.65 67.97 0.05
C ARG C 756 -15.76 68.62 -0.75
N SER C 757 -15.48 69.73 -1.44
CA SER C 757 -16.49 70.47 -2.19
C SER C 757 -16.42 70.22 -3.69
N GLY C 758 -15.49 69.38 -4.15
CA GLY C 758 -15.36 69.16 -5.57
C GLY C 758 -16.53 68.39 -6.16
N VAL C 759 -16.67 68.51 -7.47
CA VAL C 759 -17.73 67.82 -8.23
C VAL C 759 -17.08 66.98 -9.31
N LEU C 760 -17.46 65.72 -9.37
CA LEU C 760 -16.91 64.81 -10.37
C LEU C 760 -17.64 64.99 -11.71
N ARG C 761 -16.85 65.14 -12.78
CA ARG C 761 -17.37 65.30 -14.12
C ARG C 761 -16.97 64.09 -14.96
N LEU C 762 -17.93 63.51 -15.66
CA LEU C 762 -17.70 62.32 -16.49
C LEU C 762 -16.63 62.62 -17.53
N PRO C 763 -15.44 62.04 -17.40
CA PRO C 763 -14.35 62.38 -18.33
C PRO C 763 -14.67 62.05 -19.78
N VAL C 764 -15.40 60.99 -20.04
CA VAL C 764 -15.79 60.63 -21.40
C VAL C 764 -16.90 61.56 -21.86
N LYS C 765 -16.74 62.14 -23.04
CA LYS C 765 -17.77 63.00 -23.60
C LYS C 765 -19.08 62.22 -23.74
N GLN C 766 -20.16 62.81 -23.24
CA GLN C 766 -21.45 62.13 -23.20
C GLN C 766 -21.96 61.92 -24.62
N LEU C 767 -21.94 60.67 -25.08
CA LEU C 767 -22.43 60.33 -26.42
C LEU C 767 -23.95 60.19 -26.38
N GLU C 768 -24.52 59.65 -27.45
CA GLU C 768 -25.95 59.50 -27.58
C GLU C 768 -26.33 58.02 -27.55
N GLY C 769 -27.61 57.76 -27.29
CA GLY C 769 -28.09 56.40 -27.20
C GLY C 769 -27.89 55.74 -25.85
N TYR C 770 -27.41 56.48 -24.85
CA TYR C 770 -27.17 55.94 -23.52
C TYR C 770 -27.66 56.93 -22.49
N ARG C 771 -27.71 56.49 -21.23
CA ARG C 771 -28.22 57.33 -20.16
C ARG C 771 -27.23 58.43 -19.82
N HIS C 772 -27.72 59.66 -19.76
CA HIS C 772 -26.87 60.79 -19.38
C HIS C 772 -26.45 60.65 -17.92
N TYR C 773 -25.17 60.91 -17.65
CA TYR C 773 -24.64 60.76 -16.31
C TYR C 773 -24.35 62.13 -15.71
N PRO C 774 -25.16 62.61 -14.77
CA PRO C 774 -24.94 63.96 -14.23
C PRO C 774 -23.73 64.01 -13.33
N ASP C 775 -23.15 65.21 -13.23
CA ASP C 775 -22.03 65.42 -12.33
C ASP C 775 -22.51 65.40 -10.88
N ILE C 776 -21.64 64.91 -9.99
CA ILE C 776 -21.97 64.73 -8.59
C ILE C 776 -20.89 65.38 -7.74
N SER C 777 -21.31 66.13 -6.73
CA SER C 777 -20.39 66.75 -5.80
C SER C 777 -19.86 65.73 -4.80
N ASN C 778 -18.82 66.13 -4.07
CA ASN C 778 -18.18 65.26 -3.10
C ASN C 778 -18.92 65.22 -1.77
N ARG C 779 -20.08 65.86 -1.67
CA ARG C 779 -20.81 65.88 -0.41
C ARG C 779 -21.50 64.55 -0.11
N ASP C 780 -21.49 63.61 -1.05
CA ASP C 780 -22.20 62.35 -0.88
C ASP C 780 -21.29 61.13 -0.86
N PHE C 781 -19.98 61.30 -0.94
CA PHE C 781 -19.08 60.15 -0.86
C PHE C 781 -17.69 60.65 -0.47
N LEU C 782 -16.86 59.72 -0.02
CA LEU C 782 -15.51 60.01 0.42
C LEU C 782 -14.53 59.05 -0.24
N MET C 783 -13.40 59.60 -0.69
CA MET C 783 -12.32 58.83 -1.30
C MET C 783 -11.11 58.90 -0.40
N VAL C 784 -10.58 57.75 0.00
CA VAL C 784 -9.46 57.66 0.91
C VAL C 784 -8.44 56.68 0.38
N GLU C 785 -7.17 57.00 0.53
CA GLU C 785 -6.11 56.07 0.17
C GLU C 785 -6.20 54.82 1.04
N PHE C 786 -5.94 53.68 0.44
CA PHE C 786 -6.17 52.40 1.10
C PHE C 786 -4.88 51.58 1.15
N LYS C 787 -4.81 50.70 2.14
CA LYS C 787 -3.68 49.80 2.30
C LYS C 787 -4.18 48.52 2.94
N GLN C 788 -3.38 47.47 2.85
CA GLN C 788 -3.69 46.20 3.46
C GLN C 788 -2.84 46.00 4.71
N LEU C 789 -3.23 45.02 5.52
CA LEU C 789 -2.49 44.70 6.71
C LEU C 789 -1.11 44.16 6.34
N PRO C 790 -0.13 44.28 7.23
CA PRO C 790 1.22 43.77 6.91
C PRO C 790 1.19 42.29 6.58
N LYS C 791 2.03 41.90 5.62
CA LYS C 791 2.04 40.53 5.15
C LYS C 791 2.44 39.57 6.27
N SER C 792 1.79 38.41 6.29
CA SER C 792 2.05 37.39 7.29
C SER C 792 2.13 36.04 6.61
N HIS C 793 2.85 35.11 7.23
CA HIS C 793 2.99 33.76 6.68
C HIS C 793 1.66 33.05 6.79
N ALA C 794 0.96 32.93 5.66
CA ALA C 794 -0.37 32.34 5.66
C ALA C 794 -0.31 30.84 5.86
N LYS C 795 -1.34 30.31 6.53
CA LYS C 795 -1.47 28.88 6.78
C LYS C 795 -2.66 28.36 5.99
N SER C 796 -2.47 27.25 5.29
CA SER C 796 -3.50 26.72 4.41
C SER C 796 -4.36 25.70 5.16
N MET C 797 -5.12 26.23 6.13
CA MET C 797 -6.05 25.42 6.89
C MET C 797 -7.35 26.18 7.06
N ILE C 798 -8.44 25.44 7.20
CA ILE C 798 -9.76 26.07 7.31
C ILE C 798 -9.85 26.83 8.62
N LEU C 799 -10.51 27.98 8.58
CA LEU C 799 -10.61 28.85 9.74
C LEU C 799 -11.57 28.25 10.76
N SER C 800 -11.57 28.84 11.95
CA SER C 800 -12.43 28.37 13.03
C SER C 800 -13.83 28.96 12.87
N GLY C 801 -14.79 28.30 13.53
CA GLY C 801 -16.16 28.78 13.50
C GLY C 801 -16.81 28.73 12.15
N LEU C 802 -16.29 27.93 11.23
CA LEU C 802 -16.84 27.84 9.90
C LEU C 802 -18.10 26.98 9.89
N ILE C 803 -19.01 27.28 8.97
CA ILE C 803 -20.24 26.52 8.82
C ILE C 803 -20.32 25.99 7.40
N PRO C 804 -20.48 24.68 7.21
CA PRO C 804 -20.54 24.14 5.86
C PRO C 804 -21.96 24.04 5.32
N HIS C 805 -22.06 24.14 4.00
CA HIS C 805 -23.35 24.07 3.32
C HIS C 805 -23.78 22.61 3.19
N LEU C 806 -24.83 22.36 2.41
CA LEU C 806 -25.27 21.00 2.16
C LEU C 806 -24.39 20.38 1.08
N ARG C 807 -24.78 19.22 0.56
CA ARG C 807 -23.95 18.47 -0.38
C ARG C 807 -24.81 17.99 -1.53
N ARG C 808 -24.44 18.39 -2.76
CA ARG C 808 -25.08 17.83 -3.94
C ARG C 808 -24.77 16.34 -4.07
N LEU C 809 -23.53 15.95 -3.80
CA LEU C 809 -23.05 14.62 -4.11
C LEU C 809 -23.75 13.58 -3.24
N THR C 810 -24.62 12.79 -3.85
CA THR C 810 -25.29 11.70 -3.15
C THR C 810 -24.45 10.44 -3.28
N GLN C 811 -25.01 9.30 -2.85
CA GLN C 811 -24.28 8.04 -2.93
C GLN C 811 -23.96 7.68 -4.39
N GLU C 812 -24.96 7.82 -5.27
CA GLU C 812 -24.74 7.52 -6.68
C GLU C 812 -23.68 8.44 -7.27
N ASP C 813 -23.71 9.72 -6.90
CA ASP C 813 -22.69 10.64 -7.36
C ASP C 813 -21.31 10.23 -6.83
N LYS C 814 -21.25 9.81 -5.57
CA LYS C 814 -19.98 9.39 -4.98
C LYS C 814 -19.45 8.14 -5.66
N ASP C 815 -20.32 7.16 -5.92
CA ASP C 815 -19.87 5.89 -6.48
C ASP C 815 -19.24 6.07 -7.85
N SER C 816 -19.81 6.96 -8.67
CA SER C 816 -19.28 7.18 -10.00
C SER C 816 -17.88 7.78 -9.99
N ILE C 817 -17.43 8.28 -8.83
CA ILE C 817 -16.09 8.85 -8.73
C ILE C 817 -15.06 7.77 -8.38
N LEU C 818 -15.35 6.96 -7.36
CA LEU C 818 -14.40 5.94 -6.93
C LEU C 818 -14.19 4.89 -8.00
N TYR C 819 -15.28 4.32 -8.52
CA TYR C 819 -15.21 3.18 -9.41
C TYR C 819 -15.48 3.54 -10.86
N GLY C 820 -15.72 4.81 -11.16
CA GLY C 820 -16.09 5.20 -12.51
C GLY C 820 -14.96 5.14 -13.51
N GLY C 821 -13.72 5.24 -13.05
CA GLY C 821 -12.59 5.25 -13.98
C GLY C 821 -12.67 6.46 -14.88
N THR C 822 -12.70 6.21 -16.19
CA THR C 822 -12.89 7.27 -17.17
C THR C 822 -14.32 7.25 -17.67
N ASN C 823 -14.86 8.44 -17.93
CA ASN C 823 -16.24 8.55 -18.39
C ASN C 823 -16.40 9.83 -19.20
N PHE C 824 -17.46 9.85 -20.00
CA PHE C 824 -17.76 11.01 -20.84
C PHE C 824 -18.21 12.19 -19.98
N GLU C 834 -31.74 22.37 -13.82
CA GLU C 834 -30.54 22.50 -13.00
C GLU C 834 -30.57 23.79 -12.20
N ASN C 835 -31.62 23.96 -11.39
CA ASN C 835 -31.78 25.18 -10.60
C ASN C 835 -32.29 24.92 -9.19
N ALA C 836 -32.42 23.67 -8.76
CA ALA C 836 -32.97 23.38 -7.45
C ALA C 836 -32.02 23.83 -6.35
N ASP C 837 -32.58 24.44 -5.30
CA ASP C 837 -31.84 24.84 -4.11
C ASP C 837 -30.63 25.71 -4.46
N PHE C 838 -30.94 26.88 -5.01
CA PHE C 838 -29.93 27.90 -5.27
C PHE C 838 -30.10 29.12 -4.38
N LYS C 839 -30.97 29.04 -3.37
CA LYS C 839 -31.17 30.12 -2.42
C LYS C 839 -30.77 29.73 -1.01
N GLN C 840 -31.25 28.59 -0.51
CA GLN C 840 -30.92 28.12 0.82
C GLN C 840 -29.83 27.06 0.83
N TYR C 841 -29.20 26.79 -0.31
CA TYR C 841 -28.19 25.73 -0.38
C TYR C 841 -26.77 26.26 -0.53
N ILE C 842 -26.56 27.26 -1.39
CA ILE C 842 -25.21 27.71 -1.68
C ILE C 842 -24.54 28.29 -0.44
N GLY C 843 -25.27 29.09 0.33
CA GLY C 843 -24.70 29.73 1.47
C GLY C 843 -24.47 28.78 2.63
N PRO C 844 -23.97 29.31 3.74
CA PRO C 844 -23.67 28.47 4.91
C PRO C 844 -24.93 27.97 5.59
N HIS C 845 -25.51 26.91 5.06
CA HIS C 845 -26.70 26.32 5.65
C HIS C 845 -26.41 25.79 7.05
N GLY C 846 -27.40 25.92 7.93
CA GLY C 846 -27.27 25.48 9.31
C GLY C 846 -26.63 26.53 10.19
N LYS C 847 -26.66 26.25 11.50
CA LYS C 847 -26.07 27.15 12.48
C LYS C 847 -25.03 26.48 13.37
N SER C 848 -24.72 25.22 13.14
CA SER C 848 -23.75 24.48 13.96
C SER C 848 -22.45 24.32 13.18
N GLN C 849 -21.34 24.67 13.82
CA GLN C 849 -20.04 24.51 13.18
C GLN C 849 -19.74 23.05 12.90
N TYR C 850 -20.05 22.16 13.84
CA TYR C 850 -19.74 20.75 13.71
C TYR C 850 -20.92 20.03 13.08
N LEU C 851 -20.87 18.70 13.07
CA LEU C 851 -21.93 17.88 12.50
C LEU C 851 -22.41 16.87 13.53
N PRO C 852 -23.71 16.57 13.54
CA PRO C 852 -24.23 15.60 14.51
C PRO C 852 -23.83 14.18 14.17
N ARG C 853 -22.93 13.59 14.96
CA ARG C 853 -22.41 12.26 14.67
C ARG C 853 -22.38 11.42 15.94
N GLN C 854 -22.44 10.11 15.75
CA GLN C 854 -22.21 9.11 16.79
C GLN C 854 -22.91 9.41 18.11
N GLY C 855 -22.14 9.67 19.14
CA GLY C 855 -22.63 9.84 20.50
C GLY C 855 -23.00 11.25 20.90
N GLY C 856 -23.03 12.18 19.95
CA GLY C 856 -23.41 13.54 20.29
C GLY C 856 -24.84 13.61 20.80
N TYR C 857 -25.07 14.55 21.73
CA TYR C 857 -26.38 14.67 22.35
C TYR C 857 -27.45 15.01 21.33
N LYS C 858 -27.23 16.06 20.54
CA LYS C 858 -28.18 16.40 19.49
C LYS C 858 -28.29 15.27 18.47
N ALA C 859 -27.15 14.69 18.09
CA ALA C 859 -27.17 13.55 17.18
C ALA C 859 -28.00 12.40 17.73
N PHE C 860 -27.96 12.20 19.05
CA PHE C 860 -28.80 11.18 19.66
C PHE C 860 -30.29 11.48 19.46
N ILE C 861 -30.66 12.75 19.45
CA ILE C 861 -32.07 13.10 19.34
C ILE C 861 -32.62 12.72 17.98
N GLN C 862 -31.92 13.07 16.90
CA GLN C 862 -32.45 12.82 15.57
C GLN C 862 -32.52 11.34 15.26
N ILE C 863 -31.50 10.57 15.63
CA ILE C 863 -31.51 9.15 15.33
C ILE C 863 -32.61 8.45 16.13
N HIS C 864 -32.88 8.90 17.35
CA HIS C 864 -33.94 8.31 18.15
C HIS C 864 -35.28 9.00 17.95
N SER C 865 -35.33 10.07 17.15
CA SER C 865 -36.62 10.70 16.84
C SER C 865 -37.43 9.83 15.89
N ASP C 866 -36.79 9.31 14.84
CA ASP C 866 -37.50 8.48 13.87
C ASP C 866 -37.94 7.16 14.49
N GLU C 867 -37.08 6.56 15.32
CA GLU C 867 -37.39 5.29 15.95
C GLU C 867 -38.09 5.50 17.29
N MET D 4 -22.65 29.74 73.69
CA MET D 4 -21.72 29.28 72.66
C MET D 4 -22.35 29.34 71.28
N SER D 5 -21.91 28.47 70.37
CA SER D 5 -22.33 28.56 68.97
C SER D 5 -23.84 28.41 68.85
N LYS D 6 -24.46 29.31 68.07
CA LYS D 6 -25.90 29.26 67.89
C LYS D 6 -26.34 28.01 67.14
N GLU D 7 -25.44 27.39 66.37
CA GLU D 7 -25.75 26.21 65.57
C GLU D 7 -26.93 26.49 64.64
N LYS D 8 -26.93 27.67 64.02
CA LYS D 8 -28.01 28.05 63.14
C LYS D 8 -28.09 27.09 61.96
N ILE D 9 -29.30 26.58 61.70
CA ILE D 9 -29.51 25.55 60.70
C ILE D 9 -30.56 26.03 59.72
N LEU D 10 -30.23 26.00 58.43
CA LEU D 10 -31.16 26.40 57.39
C LEU D 10 -31.68 25.16 56.67
N PRO D 11 -32.97 24.85 56.76
CA PRO D 11 -33.51 23.74 55.98
C PRO D 11 -33.28 23.94 54.49
N LEU D 12 -32.95 22.85 53.80
CA LEU D 12 -32.71 22.92 52.38
C LEU D 12 -33.97 23.21 51.58
N ALA D 13 -35.14 23.12 52.20
CA ALA D 13 -36.39 23.46 51.52
C ALA D 13 -36.60 24.96 51.39
N ALA D 14 -35.85 25.76 52.13
CA ALA D 14 -36.02 27.21 52.06
C ALA D 14 -35.59 27.76 50.71
N ARG D 15 -36.26 28.81 50.26
CA ARG D 15 -35.98 29.44 48.99
C ARG D 15 -36.08 30.95 49.17
N SER D 16 -36.04 31.68 48.06
CA SER D 16 -36.21 33.13 48.06
C SER D 16 -37.17 33.52 46.96
N LYS D 17 -38.17 34.33 47.29
CA LYS D 17 -39.21 34.68 46.33
C LYS D 17 -38.74 35.70 45.30
N LYS D 18 -37.78 36.55 45.65
CA LYS D 18 -37.35 37.66 44.80
C LYS D 18 -35.91 37.47 44.31
N ALA D 19 -35.58 36.26 43.89
CA ALA D 19 -34.23 35.96 43.40
C ALA D 19 -34.05 36.62 42.05
N MET D 20 -33.35 37.76 42.03
CA MET D 20 -33.00 38.45 40.80
C MET D 20 -31.48 38.61 40.77
N LEU D 21 -30.88 38.29 39.63
CA LEU D 21 -29.43 38.31 39.48
C LEU D 21 -29.03 39.38 38.49
N ARG D 22 -28.03 40.18 38.85
CA ARG D 22 -27.50 41.18 37.94
C ARG D 22 -26.73 40.53 36.81
N GLN D 23 -26.43 41.31 35.79
CA GLN D 23 -25.58 40.83 34.71
C GLN D 23 -24.14 40.79 35.18
N PRO D 24 -23.45 39.65 35.07
CA PRO D 24 -22.06 39.58 35.51
C PRO D 24 -21.20 40.59 34.77
N LYS D 25 -20.27 41.19 35.50
CA LYS D 25 -19.39 42.23 34.95
C LYS D 25 -17.97 41.93 35.41
N GLN D 26 -17.16 41.36 34.51
CA GLN D 26 -15.78 41.06 34.83
C GLN D 26 -15.03 42.34 35.18
N VAL D 27 -14.27 42.30 36.27
CA VAL D 27 -13.64 43.52 36.78
C VAL D 27 -12.13 43.40 36.72
N ALA D 28 -11.61 42.19 36.84
CA ALA D 28 -10.17 41.99 36.82
C ALA D 28 -9.87 40.54 36.45
N TYR D 29 -8.62 40.30 36.08
CA TYR D 29 -8.16 38.98 35.68
C TYR D 29 -6.77 38.75 36.24
N PHE D 30 -6.27 37.53 36.07
CA PHE D 30 -4.96 37.16 36.59
C PHE D 30 -4.43 35.98 35.79
N SER D 31 -3.13 35.73 35.94
CA SER D 31 -2.46 34.62 35.28
C SER D 31 -1.55 33.95 36.30
N ARG D 32 -2.03 32.88 36.92
CA ARG D 32 -1.25 32.15 37.89
C ARG D 32 -0.20 31.30 37.18
N ASP D 33 1.06 31.49 37.55
CA ASP D 33 2.15 30.81 36.88
C ASP D 33 2.28 29.38 37.41
N LEU D 34 3.37 28.70 37.04
CA LEU D 34 3.65 27.37 37.57
C LEU D 34 4.20 27.41 38.99
N ASN D 35 4.61 28.58 39.46
CA ASN D 35 5.18 28.73 40.80
C ASN D 35 4.19 29.30 41.79
N TYR D 36 2.90 29.17 41.52
CA TYR D 36 1.84 29.67 42.40
C TYR D 36 1.96 31.17 42.65
N LYS D 37 2.55 31.88 41.69
CA LYS D 37 2.63 33.33 41.73
C LYS D 37 1.63 33.92 40.75
N THR D 38 0.81 34.85 41.23
CA THR D 38 -0.29 35.41 40.47
C THR D 38 0.09 36.78 39.95
N HIS D 39 -0.17 37.02 38.67
CA HIS D 39 0.16 38.29 38.05
C HIS D 39 -1.05 38.82 37.29
N PRO D 40 -1.23 40.13 37.25
CA PRO D 40 -2.36 40.73 36.51
C PRO D 40 -2.08 40.95 35.03
N ASP D 41 -2.20 39.87 34.26
CA ASP D 41 -2.04 39.93 32.81
C ASP D 41 -2.76 38.73 32.21
N ARG D 42 -2.66 38.60 30.89
CA ARG D 42 -3.34 37.54 30.14
C ARG D 42 -2.36 36.56 29.52
N SER D 43 -1.23 36.32 30.19
CA SER D 43 -0.23 35.39 29.65
C SER D 43 -0.78 33.98 29.56
N ASN D 44 -1.55 33.56 30.56
CA ASN D 44 -2.07 32.20 30.57
C ASN D 44 -3.34 32.03 29.75
N LEU D 45 -3.85 33.11 29.16
CA LEU D 45 -5.06 33.00 28.35
C LEU D 45 -4.78 32.19 27.09
N SER D 46 -5.74 31.33 26.74
CA SER D 46 -5.64 30.49 25.56
C SER D 46 -6.69 30.90 24.53
N TYR D 47 -6.55 30.40 23.32
CA TYR D 47 -7.43 30.74 22.21
C TYR D 47 -8.01 29.44 21.62
N TYR D 48 -9.32 29.42 21.44
CA TYR D 48 -9.99 28.21 21.00
C TYR D 48 -9.90 28.04 19.50
N TYR D 49 -9.58 26.81 19.07
CA TYR D 49 -9.46 26.52 17.64
C TYR D 49 -9.55 25.02 17.44
N LEU D 50 -10.58 24.56 16.72
CA LEU D 50 -10.74 23.13 16.51
C LEU D 50 -11.57 22.83 15.27
N PRO D 51 -10.93 22.63 14.12
CA PRO D 51 -11.69 22.25 12.92
C PRO D 51 -12.22 20.82 13.00
N ASP D 52 -13.02 20.42 12.01
CA ASP D 52 -13.61 19.09 12.03
C ASP D 52 -12.61 17.99 11.68
N GLY D 53 -11.52 18.34 10.99
CA GLY D 53 -10.56 17.33 10.61
C GLY D 53 -9.96 16.62 11.79
N ASP D 54 -9.62 17.36 12.84
CA ASP D 54 -9.11 16.74 14.06
C ASP D 54 -10.16 15.83 14.68
N ILE D 55 -11.43 16.23 14.62
CA ILE D 55 -12.50 15.39 15.16
C ILE D 55 -12.57 14.08 14.39
N ASP D 56 -12.38 14.15 13.07
CA ASP D 56 -12.39 12.95 12.26
C ASP D 56 -11.08 12.15 12.36
N ASN D 57 -10.04 12.72 12.94
CA ASN D 57 -8.76 12.04 13.06
C ASN D 57 -8.66 11.14 14.28
N SER D 58 -9.71 11.08 15.11
CA SER D 58 -9.77 10.18 16.26
C SER D 58 -8.60 10.42 17.22
N ILE D 59 -8.61 11.62 17.82
CA ILE D 59 -7.53 12.01 18.73
C ILE D 59 -7.65 11.22 20.02
N ASP D 60 -6.52 10.68 20.48
CA ASP D 60 -6.47 10.00 21.76
C ASP D 60 -6.37 11.01 22.90
N LEU D 61 -6.96 10.67 24.04
CA LEU D 61 -6.90 11.51 25.21
C LEU D 61 -6.14 10.89 26.37
N SER D 62 -5.76 9.61 26.27
CA SER D 62 -5.04 8.94 27.35
C SER D 62 -3.53 9.07 27.25
N VAL D 63 -3.01 9.58 26.14
CA VAL D 63 -1.56 9.63 25.93
C VAL D 63 -0.97 10.77 26.74
N GLY D 64 0.06 10.44 27.53
CA GLY D 64 0.71 11.42 28.39
C GLY D 64 0.30 11.37 29.85
N SER D 65 -0.56 10.43 30.24
CA SER D 65 -1.01 10.38 31.62
C SER D 65 0.14 10.08 32.57
N LYS D 66 1.16 9.38 32.10
CA LYS D 66 2.31 9.07 32.96
C LYS D 66 3.19 10.31 33.19
N HIS D 67 3.02 11.35 32.39
CA HIS D 67 3.68 12.63 32.63
C HIS D 67 2.75 13.64 33.27
N PHE D 68 1.58 13.21 33.72
CA PHE D 68 0.59 14.12 34.28
C PHE D 68 1.10 14.75 35.57
N LEU D 69 0.70 16.00 35.79
CA LEU D 69 1.07 16.74 36.98
C LEU D 69 -0.18 17.09 37.79
N LEU D 70 0.00 17.23 39.10
CA LEU D 70 -1.07 17.66 39.98
C LEU D 70 -0.50 18.59 41.04
N GLY D 71 -1.11 19.75 41.18
CA GLY D 71 -0.63 20.75 42.11
C GLY D 71 -1.12 20.50 43.53
N ASP D 72 -0.84 21.47 44.39
CA ASP D 72 -1.23 21.40 45.79
C ASP D 72 -2.63 21.97 45.96
N SER D 73 -3.56 21.13 46.40
CA SER D 73 -4.95 21.57 46.55
C SER D 73 -5.06 22.70 47.57
N VAL D 74 -4.36 22.57 48.69
CA VAL D 74 -4.41 23.61 49.72
C VAL D 74 -3.83 24.91 49.19
N GLU D 75 -2.70 24.83 48.48
CA GLU D 75 -2.10 26.04 47.92
C GLU D 75 -3.00 26.69 46.89
N LEU D 76 -3.63 25.88 46.05
CA LEU D 76 -4.45 26.44 44.97
C LEU D 76 -5.76 27.02 45.50
N SER D 77 -6.33 26.41 46.55
CA SER D 77 -7.61 26.87 47.07
C SER D 77 -7.53 28.19 47.80
N LYS D 78 -6.33 28.70 48.06
CA LYS D 78 -6.19 29.95 48.79
C LYS D 78 -6.77 31.11 47.99
N LEU D 79 -7.39 32.05 48.69
CA LEU D 79 -7.99 33.23 48.08
C LEU D 79 -6.98 34.32 47.79
N ASP D 80 -5.69 33.99 47.78
CA ASP D 80 -4.66 35.01 47.64
C ASP D 80 -4.76 35.83 46.36
N PRO D 81 -4.91 35.23 45.16
CA PRO D 81 -5.01 36.07 43.96
C PRO D 81 -6.16 37.05 44.00
N ILE D 82 -7.31 36.62 44.52
CA ILE D 82 -8.45 37.52 44.64
C ILE D 82 -8.11 38.65 45.60
N LEU D 83 -7.37 38.34 46.66
CA LEU D 83 -6.96 39.37 47.60
C LEU D 83 -6.03 40.38 46.93
N LEU D 84 -5.13 39.90 46.06
CA LEU D 84 -4.27 40.82 45.33
C LEU D 84 -5.09 41.72 44.42
N ALA D 85 -6.08 41.14 43.74
CA ALA D 85 -6.95 41.94 42.87
C ALA D 85 -7.72 42.99 43.68
N LEU D 86 -8.22 42.60 44.85
CA LEU D 86 -8.94 43.54 45.71
C LEU D 86 -8.01 44.65 46.18
N LYS D 87 -6.79 44.30 46.57
CA LYS D 87 -5.82 45.31 46.98
C LYS D 87 -5.57 46.30 45.85
N GLU D 88 -5.39 45.78 44.63
CA GLU D 88 -5.15 46.66 43.50
C GLU D 88 -6.34 47.60 43.26
N ILE D 89 -7.54 47.03 43.17
CA ILE D 89 -8.71 47.84 42.82
C ILE D 89 -8.99 48.87 43.91
N GLU D 90 -8.74 48.52 45.17
CA GLU D 90 -8.83 49.51 46.23
C GLU D 90 -7.76 50.56 46.10
N LYS D 91 -6.57 50.18 45.61
CA LYS D 91 -5.51 51.16 45.41
C LYS D 91 -5.91 52.22 44.40
N GLU D 92 -6.48 51.81 43.27
CA GLU D 92 -6.98 52.84 42.34
C GLU D 92 -8.16 53.58 42.93
N SER D 93 -9.10 52.87 43.55
CA SER D 93 -10.28 53.52 44.11
C SER D 93 -9.93 54.42 45.29
N GLY D 94 -9.03 53.96 46.15
CA GLY D 94 -8.71 54.67 47.36
C GLY D 94 -9.68 54.44 48.51
N ALA D 95 -10.70 53.60 48.31
CA ALA D 95 -11.67 53.33 49.35
C ALA D 95 -12.14 51.89 49.22
N LYS D 96 -12.68 51.35 50.31
CA LYS D 96 -13.19 49.99 50.29
C LYS D 96 -14.38 49.88 49.35
N THR D 97 -14.39 48.83 48.53
CA THR D 97 -15.45 48.63 47.57
C THR D 97 -16.73 48.22 48.29
N LYS D 98 -17.84 48.27 47.54
CA LYS D 98 -19.13 47.89 48.09
C LYS D 98 -19.38 46.39 48.05
N ASP D 99 -18.44 45.62 47.53
CA ASP D 99 -18.61 44.17 47.49
C ASP D 99 -18.62 43.59 48.89
N ARG D 100 -19.51 42.62 49.11
CA ARG D 100 -19.71 42.02 50.43
C ARG D 100 -19.15 40.61 50.55
N ILE D 101 -19.26 39.80 49.50
CA ILE D 101 -18.85 38.40 49.52
C ILE D 101 -17.69 38.22 48.56
N ILE D 102 -16.63 37.58 49.04
CA ILE D 102 -15.47 37.25 48.23
C ILE D 102 -15.18 35.76 48.40
N THR D 103 -15.12 35.04 47.29
CA THR D 103 -14.98 33.58 47.34
C THR D 103 -14.58 33.09 45.95
N TRP D 104 -14.53 31.77 45.80
CA TRP D 104 -14.26 31.12 44.54
C TRP D 104 -15.55 30.66 43.88
N ARG D 105 -15.47 30.43 42.57
CA ARG D 105 -16.63 30.01 41.81
C ARG D 105 -17.10 28.63 42.20
N GLY D 106 -16.18 27.74 42.58
CA GLY D 106 -16.54 26.37 42.88
C GLY D 106 -17.49 26.24 44.05
N ILE D 107 -17.27 27.02 45.10
CA ILE D 107 -18.12 26.94 46.29
C ILE D 107 -19.55 27.32 45.95
N MET D 108 -19.71 28.43 45.24
CA MET D 108 -21.05 28.87 44.85
C MET D 108 -21.69 27.88 43.90
N ARG D 109 -20.91 27.28 43.00
CA ARG D 109 -21.46 26.24 42.13
C ARG D 109 -21.98 25.08 42.95
N LYS D 110 -21.22 24.67 43.97
CA LYS D 110 -21.69 23.61 44.86
C LYS D 110 -22.99 24.02 45.55
N LEU D 111 -23.06 25.27 46.00
CA LEU D 111 -24.27 25.74 46.68
C LEU D 111 -25.48 25.69 45.75
N LEU D 112 -25.30 26.12 44.50
CA LEU D 112 -26.39 26.01 43.52
C LEU D 112 -26.79 24.56 43.29
N THR D 113 -25.80 23.68 43.16
CA THR D 113 -26.13 22.28 42.88
C THR D 113 -26.65 21.54 44.10
N LEU D 114 -26.59 22.15 45.29
CA LEU D 114 -26.92 21.44 46.52
C LEU D 114 -28.35 20.90 46.56
N PRO D 115 -29.40 21.67 46.25
CA PRO D 115 -30.75 21.14 46.38
C PRO D 115 -31.05 19.95 45.49
N TYR D 116 -30.30 19.76 44.40
CA TYR D 116 -30.57 18.67 43.49
C TYR D 116 -29.37 17.79 43.18
N ASP D 117 -28.18 18.15 43.65
CA ASP D 117 -26.98 17.31 43.53
C ASP D 117 -26.23 17.41 44.85
N SER D 118 -26.55 16.50 45.77
CA SER D 118 -25.97 16.49 47.11
C SER D 118 -25.25 15.18 47.38
N GLU D 119 -24.48 14.71 46.40
CA GLU D 119 -23.75 13.45 46.52
C GLU D 119 -22.44 13.60 47.28
N GLU D 120 -22.08 14.82 47.68
CA GLU D 120 -20.82 15.07 48.37
C GLU D 120 -21.08 15.89 49.62
N ASP D 121 -20.13 15.83 50.55
CA ASP D 121 -20.14 16.64 51.75
C ASP D 121 -18.93 17.56 51.74
N PHE D 122 -19.02 18.65 52.50
CA PHE D 122 -17.99 19.68 52.45
C PHE D 122 -17.97 20.46 53.76
N VAL D 123 -16.85 21.12 54.02
CA VAL D 123 -16.69 22.01 55.15
C VAL D 123 -16.04 23.29 54.65
N LEU D 124 -16.69 24.43 54.91
CA LEU D 124 -16.22 25.72 54.44
C LEU D 124 -15.95 26.66 55.62
N ASP D 125 -14.92 27.48 55.48
CA ASP D 125 -14.52 28.43 56.50
C ASP D 125 -14.95 29.83 56.10
N VAL D 126 -15.57 30.55 57.03
CA VAL D 126 -16.08 31.89 56.78
C VAL D 126 -15.41 32.85 57.74
N VAL D 127 -14.83 33.92 57.19
CA VAL D 127 -14.20 34.96 57.99
C VAL D 127 -14.75 36.30 57.53
N SER D 128 -15.35 37.05 58.47
CA SER D 128 -15.87 38.38 58.18
C SER D 128 -14.84 39.39 58.68
N PHE D 129 -13.97 39.83 57.77
CA PHE D 129 -12.92 40.78 58.08
C PHE D 129 -13.28 42.14 57.50
N ASP D 130 -13.12 43.19 58.31
CA ASP D 130 -13.36 44.57 57.89
C ASP D 130 -14.78 44.76 57.36
N GLY D 131 -15.73 44.00 57.90
CA GLY D 131 -17.11 44.09 57.48
C GLY D 131 -17.43 43.39 56.18
N GLN D 132 -16.47 42.73 55.56
CA GLN D 132 -16.67 42.00 54.32
C GLN D 132 -16.45 40.51 54.54
N LEU D 133 -17.21 39.70 53.83
CA LEU D 133 -17.17 38.26 54.00
C LEU D 133 -16.07 37.63 53.15
N PHE D 134 -15.54 36.51 53.64
CA PHE D 134 -14.53 35.75 52.93
C PHE D 134 -14.77 34.28 53.18
N ILE D 135 -14.97 33.52 52.12
CA ILE D 135 -15.32 32.11 52.21
C ILE D 135 -14.22 31.29 51.53
N GLN D 136 -13.72 30.29 52.24
CA GLN D 136 -12.72 29.39 51.70
C GLN D 136 -12.92 28.02 52.33
N PHE D 137 -12.29 27.01 51.72
CA PHE D 137 -12.41 25.65 52.22
C PHE D 137 -11.73 25.51 53.57
N ASN D 138 -11.91 24.33 54.17
CA ASN D 138 -11.34 24.01 55.48
C ASN D 138 -10.06 23.21 55.29
N VAL D 139 -8.95 23.72 55.84
CA VAL D 139 -7.66 23.06 55.64
C VAL D 139 -7.65 21.64 56.19
N PRO D 140 -8.17 21.35 57.39
CA PRO D 140 -8.33 19.93 57.77
C PRO D 140 -9.21 19.16 56.79
N TYR D 141 -10.27 19.79 56.29
CA TYR D 141 -11.07 19.12 55.27
C TYR D 141 -10.28 18.97 53.98
N LEU D 142 -9.39 19.92 53.67
CA LEU D 142 -8.51 19.76 52.52
C LEU D 142 -7.62 18.53 52.69
N LYS D 143 -7.07 18.34 53.89
CA LYS D 143 -6.24 17.17 54.15
C LYS D 143 -7.07 15.89 54.04
N SER D 144 -8.30 15.91 54.53
CA SER D 144 -9.16 14.74 54.41
C SER D 144 -9.45 14.41 52.95
N LYS D 145 -9.72 15.44 52.14
CA LYS D 145 -9.97 15.22 50.72
C LYS D 145 -8.72 14.71 50.01
N ASP D 146 -7.55 15.20 50.41
CA ASP D 146 -6.29 14.70 49.86
C ASP D 146 -6.11 13.23 50.21
N VAL D 147 -6.45 12.85 51.44
CA VAL D 147 -6.37 11.44 51.83
C VAL D 147 -7.32 10.60 50.98
N GLN D 148 -8.53 11.10 50.75
CA GLN D 148 -9.48 10.39 49.90
C GLN D 148 -8.94 10.26 48.48
N LYS D 149 -8.31 11.31 47.97
CA LYS D 149 -7.69 11.25 46.64
C LYS D 149 -6.58 10.21 46.60
N GLN D 150 -5.81 10.11 47.67
CA GLN D 150 -4.81 9.05 47.78
C GLN D 150 -5.47 7.68 47.72
N GLY D 151 -6.62 7.53 48.39
CA GLY D 151 -7.37 6.30 48.31
C GLY D 151 -8.08 6.10 46.98
N ASP D 152 -8.27 7.16 46.21
CA ASP D 152 -8.94 7.07 44.92
C ASP D 152 -8.10 6.26 43.94
N THR D 153 -8.79 5.56 43.03
CA THR D 153 -8.14 4.71 42.05
C THR D 153 -7.58 5.55 40.90
N GLU D 154 -6.96 4.87 39.94
CA GLU D 154 -6.40 5.53 38.77
C GLU D 154 -7.48 5.99 37.79
N PHE D 155 -8.73 5.56 37.98
CA PHE D 155 -9.79 5.96 37.08
C PHE D 155 -10.01 7.47 37.10
N HIS D 156 -10.11 8.05 38.30
CA HIS D 156 -10.31 9.49 38.41
C HIS D 156 -9.11 10.26 37.88
N LYS D 157 -7.91 9.78 38.16
CA LYS D 157 -6.71 10.44 37.66
C LYS D 157 -6.68 10.43 36.13
N LYS D 158 -6.99 9.28 35.53
CA LYS D 158 -7.01 9.20 34.08
C LYS D 158 -8.08 10.11 33.49
N LEU D 159 -9.26 10.15 34.11
CA LEU D 159 -10.33 11.00 33.57
C LEU D 159 -9.97 12.48 33.66
N GLN D 160 -9.44 12.93 34.80
CA GLN D 160 -9.08 14.33 34.93
C GLN D 160 -7.93 14.68 34.00
N PHE D 161 -6.97 13.77 33.84
CA PHE D 161 -5.90 14.01 32.88
C PHE D 161 -6.45 14.12 31.47
N SER D 162 -7.41 13.26 31.12
CA SER D 162 -8.01 13.32 29.80
C SER D 162 -8.73 14.65 29.59
N GLY D 163 -9.40 15.14 30.63
CA GLY D 163 -10.03 16.44 30.52
C GLY D 163 -9.03 17.55 30.26
N TYR D 164 -7.92 17.54 31.01
CA TYR D 164 -6.90 18.56 30.80
C TYR D 164 -6.27 18.42 29.42
N LYS D 165 -6.10 17.20 28.94
CA LYS D 165 -5.55 16.98 27.60
C LYS D 165 -6.49 17.53 26.52
N PHE D 166 -7.79 17.28 26.67
CA PHE D 166 -8.75 17.82 25.72
C PHE D 166 -8.74 19.33 25.73
N GLU D 167 -8.64 19.92 26.93
CA GLU D 167 -8.46 21.36 27.02
C GLU D 167 -7.20 21.79 26.27
N LYS D 168 -6.13 20.99 26.36
CA LYS D 168 -4.90 21.33 25.67
C LYS D 168 -5.07 21.30 24.15
N MET D 169 -5.81 20.32 23.64
CA MET D 169 -5.94 20.14 22.19
C MET D 169 -6.64 21.33 21.54
N ALA D 170 -7.79 21.73 22.08
CA ALA D 170 -8.62 22.75 21.46
C ALA D 170 -8.25 24.16 21.88
N THR D 171 -7.01 24.38 22.29
CA THR D 171 -6.56 25.70 22.71
C THR D 171 -5.25 26.04 22.03
N LEU D 172 -5.00 27.33 21.85
CA LEU D 172 -3.79 27.83 21.25
C LEU D 172 -3.16 28.90 22.13
N PRO D 173 -1.85 28.85 22.32
CA PRO D 173 -1.19 29.89 23.12
C PRO D 173 -1.33 31.29 22.54
N LYS D 174 -1.44 31.41 21.23
CA LYS D 174 -1.55 32.68 20.55
C LYS D 174 -2.78 32.64 19.65
N PRO D 175 -3.31 33.80 19.26
CA PRO D 175 -4.43 33.80 18.31
C PRO D 175 -4.02 33.16 17.00
N TRP D 176 -5.01 32.57 16.33
CA TRP D 176 -4.74 31.77 15.13
C TRP D 176 -3.92 32.46 14.06
N PRO D 177 -4.14 33.74 13.71
CA PRO D 177 -3.33 34.33 12.63
C PRO D 177 -1.83 34.36 12.91
N GLU D 178 -1.42 34.55 14.16
CA GLU D 178 -0.01 34.73 14.48
C GLU D 178 0.67 33.45 14.96
N CYS D 179 0.01 32.31 14.85
CA CYS D 179 0.64 31.05 15.20
C CYS D 179 1.44 30.53 14.00
N THR D 180 2.11 29.40 14.21
CA THR D 180 2.86 28.72 13.16
C THR D 180 2.55 27.24 13.21
N ARG D 181 2.91 26.54 12.12
CA ARG D 181 2.65 25.11 12.06
C ARG D 181 3.30 24.37 13.22
N LYS D 182 4.48 24.83 13.65
CA LYS D 182 5.17 24.18 14.75
C LYS D 182 4.38 24.27 16.04
N GLU D 183 3.71 25.40 16.27
CA GLU D 183 2.86 25.51 17.45
C GLU D 183 1.63 24.62 17.33
N ILE D 184 1.05 24.56 16.13
CA ILE D 184 -0.21 23.84 15.96
C ILE D 184 0.00 22.34 16.11
N ASP D 185 1.02 21.79 15.46
CA ASP D 185 1.18 20.35 15.43
C ASP D 185 1.76 19.80 16.74
N SER D 186 2.62 20.57 17.40
CA SER D 186 3.29 20.10 18.61
C SER D 186 2.42 20.23 19.86
N ARG D 187 1.12 20.42 19.71
CA ARG D 187 0.25 20.52 20.88
C ARG D 187 0.21 19.22 21.66
N ALA D 188 0.17 18.08 20.95
CA ALA D 188 0.07 16.79 21.63
C ALA D 188 1.31 16.43 22.42
N LYS D 189 2.45 17.06 22.12
CA LYS D 189 3.69 16.71 22.80
C LYS D 189 3.94 17.53 24.05
N SER D 190 3.37 18.73 24.14
CA SER D 190 3.56 19.55 25.33
C SER D 190 2.92 18.89 26.54
N LYS D 191 3.66 18.83 27.64
CA LYS D 191 3.16 18.21 28.86
C LYS D 191 2.13 19.11 29.54
N CYS D 192 1.02 18.52 29.95
CA CYS D 192 -0.03 19.25 30.63
C CYS D 192 0.21 19.24 32.13
N ASN D 193 -0.53 20.10 32.84
CA ASN D 193 -0.43 20.19 34.29
C ASN D 193 -1.74 20.78 34.80
N ASN D 194 -1.74 21.20 36.07
CA ASN D 194 -2.92 21.80 36.66
C ASN D 194 -2.51 22.98 37.55
N ILE D 195 -1.43 23.67 37.19
CA ILE D 195 -0.92 24.80 37.95
C ILE D 195 -1.09 26.10 37.18
N GLU D 196 -0.46 26.22 36.02
CA GLU D 196 -0.61 27.42 35.21
C GLU D 196 -2.01 27.45 34.59
N GLN D 197 -2.70 28.57 34.75
CA GLN D 197 -4.03 28.72 34.20
C GLN D 197 -4.40 30.19 34.22
N TYR D 198 -5.42 30.53 33.45
CA TYR D 198 -5.94 31.89 33.35
C TYR D 198 -7.27 31.97 34.09
N GLY D 199 -7.40 32.96 34.96
CA GLY D 199 -8.63 33.14 35.71
C GLY D 199 -9.11 34.57 35.60
N ALA D 200 -10.40 34.74 35.90
CA ALA D 200 -11.05 36.05 35.83
C ALA D 200 -11.85 36.30 37.10
N ILE D 201 -11.94 37.57 37.47
CA ILE D 201 -12.69 38.01 38.64
C ILE D 201 -13.87 38.84 38.16
N VAL D 202 -15.06 38.48 38.60
CA VAL D 202 -16.28 39.09 38.12
C VAL D 202 -17.04 39.68 39.28
N ARG D 203 -17.73 40.80 39.01
CA ARG D 203 -18.62 41.42 39.98
C ARG D 203 -20.06 41.17 39.56
N THR D 204 -20.86 40.63 40.48
CA THR D 204 -22.26 40.36 40.21
C THR D 204 -23.06 40.77 41.44
N GLY D 205 -24.34 40.42 41.46
CA GLY D 205 -25.18 40.74 42.59
C GLY D 205 -26.54 40.11 42.53
N ILE D 206 -26.97 39.52 43.64
CA ILE D 206 -28.29 38.92 43.75
C ILE D 206 -29.07 39.67 44.82
N SER D 207 -30.39 39.76 44.60
CA SER D 207 -31.29 40.46 45.51
C SER D 207 -30.85 41.90 45.70
N ARG D 208 -30.16 42.18 46.81
CA ARG D 208 -29.67 43.52 47.10
C ARG D 208 -28.20 43.53 47.50
N ILE D 209 -27.48 42.42 47.31
CA ILE D 209 -26.11 42.29 47.78
C ILE D 209 -25.19 42.11 46.58
N LYS D 210 -24.16 42.96 46.50
CA LYS D 210 -23.16 42.83 45.46
C LYS D 210 -22.18 41.72 45.81
N ILE D 211 -21.85 40.91 44.80
CA ILE D 211 -20.99 39.74 44.97
C ILE D 211 -19.79 39.89 44.04
N LEU D 212 -18.60 39.62 44.56
CA LEU D 212 -17.35 39.76 43.81
C LEU D 212 -16.57 38.45 43.95
N ILE D 213 -16.61 37.62 42.92
CA ILE D 213 -15.97 36.31 42.93
C ILE D 213 -15.03 36.20 41.74
N GLY D 214 -14.24 35.12 41.75
CA GLY D 214 -13.33 34.84 40.66
C GLY D 214 -13.50 33.41 40.17
N GLY D 215 -12.89 33.13 39.03
CA GLY D 215 -12.95 31.81 38.46
C GLY D 215 -12.00 31.68 37.28
N ALA D 216 -11.61 30.44 37.02
CA ALA D 216 -10.70 30.15 35.93
C ALA D 216 -11.43 30.18 34.60
N VAL D 217 -10.75 30.70 33.57
CA VAL D 217 -11.28 30.75 32.21
C VAL D 217 -10.47 29.79 31.36
N ALA D 218 -11.18 28.89 30.66
CA ALA D 218 -10.49 27.91 29.83
C ALA D 218 -9.75 28.60 28.68
N CYS D 219 -10.45 29.42 27.92
CA CYS D 219 -9.89 30.11 26.76
C CYS D 219 -10.96 31.02 26.18
N THR D 220 -10.58 31.82 25.20
CA THR D 220 -11.50 32.70 24.51
C THR D 220 -11.81 32.14 23.13
N ALA D 221 -12.99 32.49 22.62
CA ALA D 221 -13.46 31.90 21.36
C ALA D 221 -12.60 32.32 20.18
N ASP D 222 -12.38 33.60 20.02
CA ASP D 222 -11.62 34.09 18.88
C ASP D 222 -10.49 35.02 19.27
N TYR D 223 -10.71 35.88 20.26
CA TYR D 223 -9.70 36.82 20.76
C TYR D 223 -10.24 37.40 22.05
N TYR D 224 -9.59 38.45 22.55
CA TYR D 224 -10.01 39.11 23.78
C TYR D 224 -10.82 40.35 23.43
N ASP D 225 -12.05 40.41 23.94
CA ASP D 225 -12.92 41.57 23.74
C ASP D 225 -12.72 42.51 24.93
N GLU D 226 -11.91 43.56 24.73
CA GLU D 226 -11.62 44.49 25.81
C GLU D 226 -12.85 45.25 26.28
N ASN D 227 -13.92 45.27 25.47
CA ASN D 227 -15.14 45.96 25.85
C ASN D 227 -16.19 45.03 26.47
N ASP D 228 -16.11 43.73 26.21
CA ASP D 228 -17.04 42.78 26.79
C ASP D 228 -16.40 41.41 26.84
N PRO D 229 -15.44 41.20 27.74
CA PRO D 229 -14.71 39.92 27.74
C PRO D 229 -15.59 38.72 27.99
N LEU D 230 -16.66 38.87 28.77
CA LEU D 230 -17.50 37.72 29.09
C LEU D 230 -18.19 37.15 27.86
N SER D 231 -18.41 37.97 26.83
CA SER D 231 -19.12 37.49 25.64
C SER D 231 -18.33 36.41 24.91
N ARG D 232 -17.00 36.56 24.84
CA ARG D 232 -16.18 35.67 24.05
C ARG D 232 -15.57 34.53 24.84
N TYR D 233 -15.86 34.44 26.14
CA TYR D 233 -15.31 33.35 26.95
C TYR D 233 -15.98 32.04 26.61
N ILE D 234 -15.19 30.97 26.56
CA ILE D 234 -15.67 29.63 26.26
C ILE D 234 -15.13 28.67 27.30
N GLU D 235 -15.99 27.75 27.74
CA GLU D 235 -15.63 26.74 28.73
C GLU D 235 -15.64 25.37 28.07
N LEU D 236 -14.73 24.50 28.54
CA LEU D 236 -14.56 23.19 27.93
C LEU D 236 -14.56 22.12 29.01
N LYS D 237 -15.33 21.06 28.77
CA LYS D 237 -15.32 19.87 29.62
C LYS D 237 -15.58 18.66 28.74
N THR D 238 -15.22 17.49 29.26
CA THR D 238 -15.34 16.24 28.52
C THR D 238 -16.44 15.37 29.12
N THR D 239 -16.84 14.36 28.34
CA THR D 239 -17.87 13.43 28.78
C THR D 239 -17.77 12.16 27.95
N ARG D 240 -18.36 11.10 28.49
CA ARG D 240 -18.45 9.85 27.74
C ARG D 240 -19.56 9.95 26.70
N THR D 241 -19.52 9.02 25.75
CA THR D 241 -20.53 9.00 24.70
C THR D 241 -21.89 8.63 25.29
N ILE D 242 -22.92 8.82 24.48
CA ILE D 242 -24.31 8.65 24.92
C ILE D 242 -24.94 7.56 24.07
N ASN D 243 -25.45 6.51 24.73
CA ASN D 243 -26.10 5.40 24.04
C ASN D 243 -27.40 4.93 24.67
N GLN D 244 -27.63 5.19 25.96
CA GLN D 244 -28.81 4.68 26.65
C GLN D 244 -29.43 5.80 27.47
N TYR D 245 -30.58 5.49 28.10
CA TYR D 245 -31.29 6.51 28.87
C TYR D 245 -30.49 6.99 30.06
N LYS D 246 -29.81 6.07 30.75
CA LYS D 246 -28.92 6.48 31.83
C LYS D 246 -27.86 7.46 31.34
N ASP D 247 -27.42 7.30 30.09
CA ASP D 247 -26.47 8.25 29.52
C ASP D 247 -27.09 9.63 29.42
N MET D 248 -28.32 9.74 28.94
CA MET D 248 -28.97 11.05 28.91
C MET D 248 -29.13 11.63 30.30
N ILE D 249 -29.47 10.79 31.28
CA ILE D 249 -29.70 11.31 32.63
C ILE D 249 -28.40 11.86 33.21
N ALA D 250 -27.32 11.09 33.13
CA ALA D 250 -26.03 11.55 33.65
C ALA D 250 -25.55 12.78 32.88
N PHE D 251 -25.75 12.79 31.56
CA PHE D 251 -25.37 13.94 30.77
C PHE D 251 -26.15 15.18 31.20
N GLU D 252 -27.44 15.02 31.48
CA GLU D 252 -28.24 16.14 31.93
C GLU D 252 -27.78 16.66 33.28
N LYS D 253 -27.40 15.75 34.18
CA LYS D 253 -26.86 16.19 35.46
C LYS D 253 -25.57 17.00 35.26
N LYS D 254 -24.69 16.51 34.38
CA LYS D 254 -23.47 17.25 34.08
C LYS D 254 -23.79 18.59 33.44
N LEU D 255 -24.82 18.64 32.59
CA LEU D 255 -25.24 19.90 32.00
C LEU D 255 -25.71 20.87 33.07
N PHE D 256 -26.45 20.38 34.06
CA PHE D 256 -26.89 21.24 35.14
C PHE D 256 -25.71 21.81 35.90
N ARG D 257 -24.75 20.95 36.25
CA ARG D 257 -23.58 21.42 36.98
C ARG D 257 -22.80 22.46 36.18
N THR D 258 -22.57 22.18 34.89
CA THR D 258 -21.80 23.11 34.07
C THR D 258 -22.59 24.40 33.81
N TRP D 259 -23.92 24.30 33.71
CA TRP D 259 -24.72 25.51 33.57
C TRP D 259 -24.59 26.37 34.80
N ALA D 260 -24.63 25.76 35.99
CA ALA D 260 -24.35 26.53 37.20
C ALA D 260 -22.99 27.19 37.11
N GLN D 261 -21.96 26.41 36.79
CA GLN D 261 -20.61 26.93 36.59
C GLN D 261 -20.61 28.20 35.76
N CYS D 262 -21.06 28.09 34.50
CA CYS D 262 -20.92 29.18 33.56
C CYS D 262 -21.86 30.34 33.89
N PHE D 263 -23.13 30.05 34.16
CA PHE D 263 -24.10 31.11 34.41
C PHE D 263 -23.76 31.91 35.65
N LEU D 264 -23.09 31.29 36.64
CA LEU D 264 -22.57 32.07 37.74
C LEU D 264 -21.53 33.08 37.26
N LEU D 265 -20.66 32.65 36.35
CA LEU D 265 -19.67 33.52 35.74
C LEU D 265 -20.22 34.28 34.54
N GLY D 266 -21.38 33.90 34.02
CA GLY D 266 -21.92 34.56 32.85
C GLY D 266 -21.29 34.15 31.55
N ILE D 267 -20.75 32.93 31.47
CA ILE D 267 -20.17 32.43 30.23
C ILE D 267 -21.29 32.04 29.29
N PRO D 268 -21.34 32.59 28.08
CA PRO D 268 -22.49 32.34 27.20
C PRO D 268 -22.46 30.97 26.54
N LYS D 269 -21.28 30.50 26.16
CA LYS D 269 -21.15 29.30 25.35
C LYS D 269 -20.38 28.22 26.11
N ILE D 270 -20.78 26.97 25.89
CA ILE D 270 -20.15 25.82 26.51
C ILE D 270 -19.98 24.73 25.46
N ILE D 271 -18.82 24.06 25.48
CA ILE D 271 -18.48 23.06 24.49
C ILE D 271 -18.01 21.80 25.21
N TYR D 272 -18.52 20.65 24.78
CA TYR D 272 -18.04 19.35 25.24
C TYR D 272 -17.35 18.58 24.12
N GLY D 273 -16.25 17.91 24.49
CA GLY D 273 -15.65 16.92 23.64
C GLY D 273 -16.06 15.52 24.08
N PHE D 274 -16.84 14.85 23.25
CA PHE D 274 -17.39 13.53 23.60
C PHE D 274 -16.34 12.47 23.34
N ARG D 275 -15.81 11.88 24.40
CA ARG D 275 -14.80 10.83 24.30
C ARG D 275 -15.42 9.49 24.64
N ASP D 276 -14.85 8.44 24.07
CA ASP D 276 -15.33 7.09 24.34
C ASP D 276 -14.71 6.56 25.63
N ASP D 277 -15.00 5.29 25.93
CA ASP D 277 -14.40 4.65 27.09
C ASP D 277 -12.90 4.44 26.92
N ASN D 278 -12.39 4.52 25.70
CA ASN D 278 -10.97 4.37 25.43
C ASN D 278 -10.22 5.70 25.42
N CYS D 279 -10.83 6.76 25.94
CA CYS D 279 -10.23 8.09 25.95
C CYS D 279 -9.87 8.55 24.54
N ILE D 280 -10.77 8.32 23.59
CA ILE D 280 -10.61 8.78 22.22
C ILE D 280 -11.78 9.70 21.91
N LEU D 281 -11.46 10.93 21.49
CA LEU D 281 -12.49 11.90 21.15
C LEU D 281 -13.32 11.40 19.98
N ARG D 282 -14.64 11.54 20.10
CA ARG D 282 -15.55 11.10 19.05
C ARG D 282 -16.24 12.27 18.35
N THR D 283 -16.98 13.10 19.10
CA THR D 283 -17.70 14.22 18.52
C THR D 283 -17.61 15.42 19.45
N VAL D 284 -17.98 16.58 18.92
CA VAL D 284 -18.01 17.82 19.67
C VAL D 284 -19.35 18.51 19.41
N GLU D 285 -19.98 18.99 20.48
CA GLU D 285 -21.28 19.64 20.38
C GLU D 285 -21.23 20.97 21.13
N GLU D 286 -21.94 21.96 20.60
CA GLU D 286 -21.95 23.31 21.14
C GLU D 286 -23.27 23.61 21.82
N PHE D 287 -23.21 24.45 22.85
CA PHE D 287 -24.41 24.88 23.55
C PHE D 287 -24.24 26.32 23.99
N SER D 288 -25.37 27.00 24.19
CA SER D 288 -25.40 28.33 24.74
C SER D 288 -26.08 28.27 26.12
N THR D 289 -25.52 29.02 27.08
CA THR D 289 -25.99 28.90 28.45
C THR D 289 -27.45 29.29 28.59
N ASN D 290 -27.94 30.19 27.73
CA ASN D 290 -29.35 30.57 27.81
C ASN D 290 -30.26 29.46 27.30
N ASP D 291 -29.80 28.69 26.32
CA ASP D 291 -30.64 27.65 25.72
C ASP D 291 -30.73 26.41 26.59
N ILE D 292 -29.84 26.26 27.57
CA ILE D 292 -29.81 25.03 28.36
C ILE D 292 -31.12 24.76 29.07
N PRO D 293 -31.70 25.69 29.85
CA PRO D 293 -32.98 25.38 30.50
C PRO D 293 -34.09 25.05 29.51
N LEU D 294 -34.12 25.76 28.39
CA LEU D 294 -35.13 25.46 27.37
C LEU D 294 -34.90 24.09 26.75
N MET D 295 -33.64 23.77 26.43
CA MET D 295 -33.35 22.48 25.83
C MET D 295 -33.73 21.34 26.76
N VAL D 296 -33.44 21.47 28.06
CA VAL D 296 -33.84 20.46 29.01
C VAL D 296 -35.36 20.37 29.10
N LYS D 297 -36.02 21.53 29.19
CA LYS D 297 -37.48 21.54 29.29
C LYS D 297 -38.13 21.06 27.99
N ASN D 298 -37.63 21.52 26.85
CA ASN D 298 -38.22 21.20 25.56
C ASN D 298 -37.63 19.97 24.92
N ASN D 299 -37.12 19.03 25.72
CA ASN D 299 -36.54 17.82 25.16
C ASN D 299 -37.64 16.96 24.54
N PRO D 300 -37.58 16.68 23.23
CA PRO D 300 -38.59 15.80 22.64
C PRO D 300 -38.53 14.37 23.15
N LEU D 301 -37.40 13.94 23.71
CA LEU D 301 -37.24 12.60 24.23
C LEU D 301 -37.32 12.56 25.75
N ASN D 302 -37.93 13.57 26.36
CA ASN D 302 -38.11 13.60 27.81
C ASN D 302 -39.22 12.64 28.18
N GLU D 303 -38.84 11.37 28.35
CA GLU D 303 -39.81 10.35 28.74
C GLU D 303 -40.38 10.59 30.13
N GLN D 304 -39.71 11.40 30.95
CA GLN D 304 -40.18 11.78 32.28
C GLN D 304 -40.32 13.29 32.31
N PRO D 305 -41.50 13.83 32.03
CA PRO D 305 -41.66 15.30 32.02
C PRO D 305 -41.38 15.90 33.38
N LYS D 306 -40.72 17.06 33.37
CA LYS D 306 -40.39 17.78 34.59
C LYS D 306 -41.52 18.74 34.90
N LYS D 307 -42.34 18.40 35.91
CA LYS D 307 -43.44 19.27 36.29
C LYS D 307 -42.96 20.58 36.90
N GLU D 308 -41.72 20.61 37.40
CA GLU D 308 -41.14 21.79 38.02
C GLU D 308 -39.76 22.03 37.45
N ASN D 309 -39.44 23.30 37.20
CA ASN D 309 -38.13 23.69 36.67
C ASN D 309 -37.16 23.87 37.82
N CYS D 310 -36.04 23.12 37.78
CA CYS D 310 -35.08 23.14 38.86
C CYS D 310 -34.19 24.39 38.84
N TYR D 311 -34.10 25.07 37.70
CA TYR D 311 -33.21 26.23 37.61
C TYR D 311 -33.66 27.36 38.51
N MET D 312 -34.95 27.72 38.43
CA MET D 312 -35.47 28.78 39.28
C MET D 312 -35.39 28.39 40.74
N SER D 313 -35.66 27.13 41.07
CA SER D 313 -35.55 26.68 42.46
C SER D 313 -34.13 26.80 42.97
N SER D 314 -33.15 26.42 42.14
CA SER D 314 -31.75 26.53 42.54
C SER D 314 -31.37 27.98 42.76
N ILE D 315 -31.81 28.87 41.88
CA ILE D 315 -31.49 30.29 42.05
C ILE D 315 -32.12 30.84 43.32
N ASN D 316 -33.36 30.46 43.60
CA ASN D 316 -34.02 30.90 44.83
C ASN D 316 -33.28 30.38 46.05
N PHE D 317 -32.83 29.12 46.00
CA PHE D 317 -32.07 28.57 47.12
C PHE D 317 -30.77 29.33 47.31
N TYR D 318 -30.09 29.67 46.21
CA TYR D 318 -28.85 30.42 46.32
C TYR D 318 -29.09 31.80 46.91
N GLY D 319 -30.17 32.46 46.50
CA GLY D 319 -30.50 33.74 47.09
C GLY D 319 -30.78 33.63 48.58
N ALA D 320 -31.52 32.60 48.99
CA ALA D 320 -31.79 32.40 50.40
C ALA D 320 -30.50 32.15 51.17
N VAL D 321 -29.59 31.37 50.60
CA VAL D 321 -28.31 31.10 51.24
C VAL D 321 -27.51 32.39 51.39
N VAL D 322 -27.52 33.23 50.35
CA VAL D 322 -26.80 34.50 50.41
C VAL D 322 -27.36 35.39 51.50
N GLU D 323 -28.69 35.46 51.60
CA GLU D 323 -29.31 36.23 52.67
C GLU D 323 -28.91 35.69 54.05
N TRP D 324 -28.94 34.36 54.19
CA TRP D 324 -28.58 33.75 55.46
C TRP D 324 -27.15 34.06 55.84
N LEU D 325 -26.23 34.00 54.87
CA LEU D 325 -24.84 34.31 55.15
C LEU D 325 -24.65 35.78 55.50
N ASN D 326 -25.35 36.67 54.78
CA ASN D 326 -25.20 38.09 55.06
C ASN D 326 -25.78 38.46 56.42
N GLU D 327 -26.79 37.73 56.89
CA GLU D 327 -27.44 38.08 58.14
C GLU D 327 -26.80 37.42 59.36
N SER D 328 -26.39 36.15 59.24
CA SER D 328 -25.98 35.38 60.41
C SER D 328 -24.76 35.99 61.09
N VAL D 329 -23.76 36.39 60.32
CA VAL D 329 -22.52 36.94 60.87
C VAL D 329 -22.62 38.45 60.88
N LYS D 330 -22.14 39.07 61.96
CA LYS D 330 -22.17 40.52 62.10
C LYS D 330 -20.82 41.14 61.78
N ASP D 331 -19.77 40.77 62.51
CA ASP D 331 -18.44 41.30 62.27
C ASP D 331 -17.42 40.54 63.09
N ASP D 332 -16.26 40.28 62.49
CA ASP D 332 -15.10 39.69 63.17
C ASP D 332 -15.46 38.35 63.82
N GLN D 333 -16.19 37.53 63.09
CA GLN D 333 -16.58 36.20 63.55
C GLN D 333 -16.09 35.15 62.56
N VAL D 334 -15.88 33.93 63.06
CA VAL D 334 -15.48 32.80 62.24
C VAL D 334 -16.46 31.67 62.47
N TRP D 335 -17.00 31.12 61.38
CA TRP D 335 -18.00 30.08 61.47
C TRP D 335 -17.59 28.87 60.64
N LYS D 336 -18.50 27.92 60.45
CA LYS D 336 -18.22 26.75 59.61
C LYS D 336 -19.45 26.42 58.80
N LEU D 337 -19.28 26.38 57.47
CA LEU D 337 -20.34 26.00 56.54
C LEU D 337 -20.12 24.55 56.11
N SER D 338 -21.10 23.71 56.37
CA SER D 338 -20.97 22.29 56.06
C SER D 338 -22.34 21.69 55.77
N TYR D 339 -22.33 20.59 55.03
CA TYR D 339 -23.54 19.84 54.74
C TYR D 339 -23.21 18.36 54.82
N ALA D 340 -24.14 17.59 55.39
CA ALA D 340 -24.00 16.15 55.52
C ALA D 340 -25.06 15.46 54.68
N LYS D 341 -24.63 14.52 53.84
CA LYS D 341 -25.56 13.74 53.03
C LYS D 341 -26.48 12.88 53.87
N ARG D 342 -26.11 12.58 55.12
CA ARG D 342 -26.97 11.81 56.01
C ARG D 342 -28.18 12.61 56.48
N ASN D 343 -28.08 13.94 56.50
CA ASN D 343 -29.20 14.78 56.90
C ASN D 343 -30.07 15.16 55.71
N ARG D 344 -29.45 15.62 54.63
CA ARG D 344 -30.06 15.91 53.33
C ARG D 344 -31.42 16.59 53.44
N GLN D 345 -31.61 17.37 54.51
CA GLN D 345 -32.78 18.22 54.67
C GLN D 345 -32.44 19.64 55.08
N TYR D 346 -31.22 19.89 55.53
CA TYR D 346 -30.86 21.18 56.08
C TYR D 346 -29.35 21.34 56.01
N LEU D 347 -28.90 22.57 56.18
CA LEU D 347 -27.48 22.89 56.22
C LEU D 347 -27.14 23.42 57.61
N VAL D 348 -25.98 23.02 58.11
CA VAL D 348 -25.56 23.33 59.47
C VAL D 348 -24.57 24.48 59.44
N LEU D 349 -24.80 25.48 60.28
CA LEU D 349 -23.88 26.59 60.46
C LEU D 349 -23.52 26.68 61.94
N LYS D 350 -22.31 26.29 62.28
CA LYS D 350 -21.82 26.28 63.65
C LYS D 350 -20.70 27.29 63.80
N GLU D 351 -20.83 28.18 64.77
CA GLU D 351 -19.78 29.15 65.02
C GLU D 351 -18.60 28.49 65.72
N VAL D 352 -17.43 29.10 65.56
CA VAL D 352 -16.21 28.67 66.24
C VAL D 352 -15.95 29.66 67.37
N THR D 353 -15.95 29.15 68.60
CA THR D 353 -15.77 29.99 69.77
C THR D 353 -14.34 30.03 70.30
N ASP D 354 -13.50 29.08 69.90
CA ASP D 354 -12.11 29.08 70.35
C ASP D 354 -11.36 30.25 69.71
N GLU D 355 -10.65 31.02 70.54
CA GLU D 355 -9.94 32.18 70.03
C GLU D 355 -8.67 31.78 69.29
N ASN D 356 -7.96 30.76 69.80
CA ASN D 356 -6.70 30.36 69.18
C ASN D 356 -6.93 29.79 67.78
N GLU D 357 -7.87 28.84 67.66
CA GLU D 357 -8.16 28.25 66.36
C GLU D 357 -8.67 29.30 65.38
N LYS D 358 -9.51 30.22 65.85
CA LYS D 358 -9.94 31.33 65.02
C LYS D 358 -8.74 32.14 64.54
N GLN D 359 -7.76 32.34 65.42
CA GLN D 359 -6.57 33.10 65.04
C GLN D 359 -5.79 32.39 63.95
N GLN D 360 -5.56 31.08 64.11
CA GLN D 360 -4.82 30.36 63.08
C GLN D 360 -5.59 30.34 61.76
N ILE D 361 -6.91 30.19 61.82
CA ILE D 361 -7.71 30.20 60.59
C ILE D 361 -7.60 31.55 59.90
N VAL D 362 -7.68 32.64 60.67
CA VAL D 362 -7.57 33.98 60.09
C VAL D 362 -6.21 34.17 59.45
N ASP D 363 -5.15 33.75 60.15
CA ASP D 363 -3.81 33.89 59.60
C ASP D 363 -3.65 33.09 58.31
N SER D 364 -4.19 31.87 58.29
CA SER D 364 -4.08 31.03 57.10
C SER D 364 -4.81 31.65 55.92
N ALA D 365 -6.05 32.11 56.14
CA ALA D 365 -6.85 32.64 55.04
C ALA D 365 -6.28 33.95 54.51
N ILE D 366 -5.98 34.88 55.40
CA ILE D 366 -5.55 36.23 55.02
C ILE D 366 -4.05 36.33 55.27
N PRO D 367 -3.24 36.64 54.27
CA PRO D 367 -1.82 36.88 54.51
C PRO D 367 -1.60 38.21 55.20
N ALA D 368 -0.39 38.36 55.75
CA ALA D 368 -0.04 39.64 56.38
C ALA D 368 -0.08 40.78 55.38
N TRP D 369 0.14 40.48 54.09
CA TRP D 369 0.06 41.52 53.06
C TRP D 369 -1.29 42.21 53.07
N PHE D 370 -2.37 41.43 53.03
CA PHE D 370 -3.71 42.01 53.03
C PHE D 370 -4.00 42.73 54.33
N LYS D 371 -3.55 42.17 55.46
CA LYS D 371 -3.78 42.81 56.74
C LYS D 371 -3.13 44.19 56.79
N GLU D 372 -1.87 44.29 56.34
CA GLU D 372 -1.19 45.57 56.34
C GLU D 372 -1.83 46.54 55.36
N TRP D 373 -2.23 46.05 54.18
CA TRP D 373 -2.89 46.94 53.22
C TRP D 373 -4.18 47.49 53.79
N ARG D 374 -4.98 46.65 54.44
CA ARG D 374 -6.22 47.12 55.04
C ARG D 374 -5.96 48.05 56.22
N SER D 375 -4.87 47.82 56.96
CA SER D 375 -4.50 48.74 58.02
C SER D 375 -4.18 50.13 57.45
N GLU D 376 -3.42 50.16 56.35
CA GLU D 376 -3.12 51.43 55.71
C GLU D 376 -4.38 52.11 55.20
N LEU D 377 -5.29 51.32 54.60
CA LEU D 377 -6.55 51.89 54.13
C LEU D 377 -7.38 52.44 55.27
N ARG D 378 -7.42 51.74 56.40
CA ARG D 378 -8.16 52.24 57.56
C ARG D 378 -7.54 53.50 58.11
N ASN D 379 -6.21 53.58 58.13
CA ASN D 379 -5.56 54.81 58.54
C ASN D 379 -5.91 55.96 57.61
N SER D 380 -5.95 55.68 56.30
CA SER D 380 -6.33 56.69 55.33
C SER D 380 -7.82 57.01 55.37
N GLU D 381 -8.62 56.17 56.01
CA GLU D 381 -10.07 56.43 56.09
C GLU D 381 -10.36 57.73 56.80
N GLY D 382 -9.68 57.98 57.92
CA GLY D 382 -9.83 59.26 58.60
C GLY D 382 -9.32 60.42 57.77
N ASN D 383 -8.26 60.20 57.00
CA ASN D 383 -7.70 61.23 56.14
C ASN D 383 -8.60 61.49 54.93
N MET E 1 14.80 11.98 23.22
CA MET E 1 13.96 10.98 23.88
C MET E 1 14.48 10.67 25.28
N SER E 2 13.79 11.19 26.29
CA SER E 2 14.22 11.00 27.66
C SER E 2 14.00 9.56 28.11
N TYR E 3 14.74 9.16 29.13
CA TYR E 3 14.63 7.81 29.69
C TYR E 3 13.64 7.79 30.84
N SER E 4 12.84 6.74 30.90
CA SER E 4 11.85 6.60 31.96
C SER E 4 11.52 5.13 32.16
N LYS E 5 11.00 4.82 33.34
CA LYS E 5 10.69 3.43 33.69
C LYS E 5 9.47 2.93 32.91
N ASP E 6 8.48 3.79 32.69
CA ASP E 6 7.25 3.37 32.02
C ASP E 6 7.53 2.96 30.57
N ILE E 7 8.40 3.70 29.88
CA ILE E 7 8.74 3.34 28.51
C ILE E 7 9.40 1.97 28.46
N VAL E 8 10.32 1.71 29.40
CA VAL E 8 10.98 0.41 29.44
C VAL E 8 9.98 -0.70 29.75
N LEU E 9 9.05 -0.43 30.66
CA LEU E 9 8.02 -1.43 30.97
C LEU E 9 7.17 -1.75 29.76
N GLU E 10 6.75 -0.72 29.02
CA GLU E 10 5.95 -0.94 27.82
C GLU E 10 6.74 -1.72 26.77
N LYS E 11 8.01 -1.37 26.58
CA LYS E 11 8.84 -2.08 25.62
C LYS E 11 9.02 -3.54 26.02
N LEU E 12 9.22 -3.80 27.32
CA LEU E 12 9.35 -5.16 27.80
C LEU E 12 8.05 -5.94 27.57
N ALA E 13 6.92 -5.30 27.79
CA ALA E 13 5.64 -5.92 27.44
C ALA E 13 5.47 -6.06 25.94
N SER E 14 6.30 -5.38 25.14
CA SER E 14 6.16 -5.38 23.68
C SER E 14 7.08 -6.39 23.00
N LEU E 15 7.81 -7.22 23.73
CA LEU E 15 8.65 -8.22 23.09
C LEU E 15 7.82 -9.28 22.38
N GLU E 16 8.40 -9.83 21.31
CA GLU E 16 7.84 -10.97 20.61
C GLU E 16 8.99 -11.80 20.07
N GLU E 17 8.69 -13.05 19.70
CA GLU E 17 9.73 -13.93 19.20
C GLU E 17 10.31 -13.46 17.87
N THR E 18 9.67 -12.50 17.20
CA THR E 18 10.25 -11.89 16.01
C THR E 18 11.54 -11.16 16.37
N GLN E 19 12.57 -11.35 15.56
CA GLN E 19 13.89 -10.80 15.89
C GLN E 19 13.92 -9.29 15.76
N ILE E 20 13.09 -8.71 14.90
CA ILE E 20 13.15 -7.26 14.66
C ILE E 20 12.74 -6.49 15.92
N SER E 21 11.68 -6.93 16.60
CA SER E 21 11.26 -6.26 17.84
C SER E 21 12.34 -6.40 18.91
N ILE E 22 12.92 -7.58 19.03
CA ILE E 22 13.95 -7.81 20.04
C ILE E 22 15.16 -6.92 19.80
N GLN E 23 15.61 -6.83 18.54
CA GLN E 23 16.76 -5.99 18.25
C GLN E 23 16.44 -4.51 18.40
N SER E 24 15.21 -4.09 18.09
CA SER E 24 14.84 -2.69 18.32
C SER E 24 14.85 -2.36 19.81
N ILE E 25 14.35 -3.27 20.64
CA ILE E 25 14.37 -3.05 22.08
C ILE E 25 15.81 -3.04 22.60
N GLY E 26 16.66 -3.90 22.04
CA GLY E 26 18.07 -3.86 22.40
C GLY E 26 18.74 -2.55 22.03
N GLN E 27 18.40 -2.01 20.85
CA GLN E 27 18.93 -0.70 20.46
C GLN E 27 18.44 0.39 21.41
N TRP E 28 17.18 0.34 21.81
CA TRP E 28 16.66 1.30 22.77
C TRP E 28 17.42 1.22 24.09
N CYS E 29 17.68 0.00 24.56
CA CYS E 29 18.47 -0.18 25.77
C CYS E 29 19.89 0.37 25.59
N LEU E 30 20.44 0.22 24.38
CA LEU E 30 21.76 0.78 24.10
C LEU E 30 21.75 2.30 24.20
N PHE E 31 20.70 2.94 23.68
CA PHE E 31 20.65 4.40 23.65
C PHE E 31 20.61 5.01 25.05
N HIS E 32 20.25 4.22 26.07
CA HIS E 32 20.10 4.75 27.42
C HIS E 32 21.03 4.01 28.38
N HIS E 33 22.28 3.82 27.98
CA HIS E 33 23.24 3.10 28.81
C HIS E 33 23.62 3.85 30.07
N ARG E 34 23.36 5.15 30.13
CA ARG E 34 23.69 5.92 31.33
C ARG E 34 22.87 5.47 32.54
N HIS E 35 21.60 5.14 32.31
CA HIS E 35 20.69 4.68 33.37
C HIS E 35 20.56 3.16 33.37
N ALA E 36 21.66 2.47 33.09
CA ALA E 36 21.64 1.01 33.00
C ALA E 36 21.11 0.31 34.24
N PRO E 37 21.43 0.72 35.48
CA PRO E 37 20.85 0.01 36.64
C PRO E 37 19.34 -0.01 36.63
N GLU E 38 18.70 1.10 36.24
CA GLU E 38 17.24 1.09 36.12
C GLU E 38 16.79 0.12 35.05
N THR E 39 17.50 0.06 33.92
CA THR E 39 17.14 -0.86 32.86
C THR E 39 17.18 -2.30 33.34
N VAL E 40 18.26 -2.68 34.03
CA VAL E 40 18.40 -4.07 34.46
C VAL E 40 17.40 -4.38 35.56
N ALA E 41 17.09 -3.40 36.42
CA ALA E 41 16.07 -3.63 37.45
C ALA E 41 14.71 -3.87 36.83
N ILE E 42 14.32 -3.05 35.85
CA ILE E 42 13.04 -3.24 35.19
C ILE E 42 13.01 -4.58 34.47
N TRP E 43 14.11 -4.94 33.80
CA TRP E 43 14.17 -6.21 33.10
C TRP E 43 14.01 -7.38 34.05
N SER E 44 14.71 -7.33 35.19
CA SER E 44 14.61 -8.42 36.17
C SER E 44 13.20 -8.53 36.70
N GLU E 45 12.57 -7.39 37.04
CA GLU E 45 11.20 -7.43 37.55
C GLU E 45 10.25 -8.03 36.52
N PHE E 46 10.35 -7.58 35.27
CA PHE E 46 9.42 -8.06 34.24
C PHE E 46 9.64 -9.54 33.96
N VAL E 47 10.90 -9.98 33.85
CA VAL E 47 11.17 -11.38 33.56
C VAL E 47 10.74 -12.27 34.73
N GLY E 48 10.88 -11.78 35.96
CA GLY E 48 10.33 -12.51 37.09
C GLY E 48 8.82 -12.51 37.13
N SER E 49 8.17 -11.53 36.51
CA SER E 49 6.73 -11.46 36.49
C SER E 49 6.10 -12.05 35.22
N THR E 50 6.87 -12.25 34.16
CA THR E 50 6.29 -12.74 32.91
C THR E 50 5.99 -14.23 33.01
N GLN E 51 5.05 -14.67 32.16
CA GLN E 51 4.58 -16.05 32.15
C GLN E 51 5.10 -16.84 30.96
N THR E 52 4.93 -16.32 29.73
CA THR E 52 5.29 -17.05 28.53
C THR E 52 6.44 -16.41 27.75
N LYS E 53 6.63 -15.09 27.87
CA LYS E 53 7.57 -14.33 27.08
C LYS E 53 9.02 -14.44 27.60
N LYS E 54 9.28 -15.47 28.40
CA LYS E 54 10.61 -15.65 29.00
C LYS E 54 11.69 -15.81 27.94
N LEU E 55 11.42 -16.60 26.90
CA LEU E 55 12.43 -16.87 25.88
C LEU E 55 12.83 -15.60 25.14
N ALA E 56 11.87 -14.73 24.86
CA ALA E 56 12.18 -13.47 24.19
C ALA E 56 13.11 -12.62 25.06
N GLY E 57 12.86 -12.58 26.36
CA GLY E 57 13.75 -11.85 27.26
C GLY E 57 15.15 -12.44 27.29
N LEU E 58 15.23 -13.78 27.27
CA LEU E 58 16.54 -14.43 27.24
C LEU E 58 17.30 -14.06 25.97
N TYR E 59 16.61 -14.11 24.82
CA TYR E 59 17.24 -13.71 23.56
C TYR E 59 17.70 -12.27 23.60
N LEU E 60 16.86 -11.38 24.15
CA LEU E 60 17.20 -9.97 24.22
C LEU E 60 18.44 -9.75 25.07
N ALA E 61 18.48 -10.38 26.25
CA ALA E 61 19.65 -10.22 27.12
C ALA E 61 20.91 -10.76 26.44
N ASN E 62 20.80 -11.92 25.79
CA ASN E 62 21.95 -12.50 25.10
C ASN E 62 22.47 -11.53 24.04
N GLU E 63 21.59 -11.04 23.18
CA GLU E 63 22.07 -10.17 22.10
C GLU E 63 22.67 -8.89 22.67
N ILE E 64 22.02 -8.30 23.68
CA ILE E 64 22.51 -7.05 24.25
C ILE E 64 23.91 -7.24 24.83
N ILE E 65 24.13 -8.36 25.53
CA ILE E 65 25.48 -8.66 26.00
C ILE E 65 26.43 -8.74 24.82
N GLN E 66 25.97 -9.32 23.70
CA GLN E 66 26.83 -9.47 22.53
C GLN E 66 27.28 -8.11 21.98
N GLN E 67 26.35 -7.19 21.72
CA GLN E 67 26.84 -5.94 21.17
C GLN E 67 27.46 -5.05 22.24
N SER E 68 27.19 -5.31 23.52
CA SER E 68 27.93 -4.63 24.57
C SER E 68 29.39 -4.99 24.51
N ARG E 69 29.70 -6.28 24.28
CA ARG E 69 31.08 -6.65 23.99
C ARG E 69 31.56 -6.04 22.69
N ALA E 70 30.68 -5.98 21.69
CA ALA E 70 31.04 -5.29 20.45
C ALA E 70 31.30 -3.81 20.70
N LYS E 71 30.53 -3.20 21.58
CA LYS E 71 30.72 -1.79 21.95
C LYS E 71 31.60 -1.62 23.18
N ARG E 72 32.17 -2.70 23.71
CA ARG E 72 33.07 -2.66 24.87
C ARG E 72 32.39 -2.04 26.09
N LYS E 73 31.14 -2.44 26.34
CA LYS E 73 30.40 -1.98 27.52
C LYS E 73 30.61 -2.99 28.62
N THR E 74 31.70 -2.82 29.38
CA THR E 74 32.09 -3.83 30.37
C THR E 74 31.07 -3.94 31.49
N THR E 75 30.56 -2.81 31.99
CA THR E 75 29.65 -2.85 33.13
C THR E 75 28.34 -3.56 32.82
N PHE E 76 27.94 -3.63 31.56
CA PHE E 76 26.70 -4.31 31.22
C PHE E 76 26.77 -5.79 31.58
N LEU E 77 27.90 -6.43 31.30
CA LEU E 77 28.05 -7.86 31.52
C LEU E 77 27.72 -8.24 32.96
N ASP E 78 28.51 -7.77 33.91
CA ASP E 78 28.20 -8.07 35.30
C ASP E 78 26.92 -7.37 35.76
N GLU E 79 26.46 -6.34 35.04
CA GLU E 79 25.21 -5.68 35.43
C GLU E 79 24.02 -6.63 35.29
N PHE E 80 23.92 -7.33 34.16
CA PHE E 80 22.94 -8.41 34.11
C PHE E 80 23.35 -9.58 35.00
N ALA E 81 24.65 -9.90 35.05
CA ALA E 81 25.08 -11.09 35.77
C ALA E 81 24.76 -11.04 37.26
N LYS E 82 24.58 -9.84 37.82
CA LYS E 82 24.25 -9.73 39.24
C LYS E 82 22.92 -10.41 39.58
N VAL E 83 22.04 -10.57 38.59
CA VAL E 83 20.70 -11.10 38.86
C VAL E 83 20.37 -12.22 37.89
N LEU E 84 21.26 -12.46 36.92
CA LEU E 84 21.00 -13.50 35.92
C LEU E 84 20.78 -14.88 36.53
N PRO E 85 21.62 -15.39 37.46
CA PRO E 85 21.39 -16.74 37.97
C PRO E 85 20.09 -16.87 38.74
N SER E 86 19.79 -15.89 39.60
CA SER E 86 18.53 -15.89 40.32
C SER E 86 17.35 -15.83 39.37
N THR E 87 17.47 -15.00 38.33
CA THR E 87 16.44 -14.94 37.30
C THR E 87 16.21 -16.29 36.67
N LEU E 88 17.30 -17.02 36.34
CA LEU E 88 17.15 -18.36 35.81
C LEU E 88 16.45 -19.28 36.81
N GLU E 89 16.74 -19.10 38.10
CA GLU E 89 16.03 -19.87 39.12
C GLU E 89 14.53 -19.64 39.03
N GLN E 90 14.10 -18.39 38.93
CA GLN E 90 12.65 -18.15 38.84
C GLN E 90 12.08 -18.55 37.49
N ILE E 91 12.91 -18.62 36.44
CA ILE E 91 12.38 -18.96 35.12
C ILE E 91 12.21 -20.46 34.94
N TYR E 92 13.10 -21.27 35.50
CA TYR E 92 13.09 -22.70 35.20
C TYR E 92 11.78 -23.42 35.52
N PRO E 93 11.14 -23.23 36.69
CA PRO E 93 10.02 -24.13 37.04
C PRO E 93 8.84 -24.10 36.08
N SER E 94 8.50 -22.94 35.52
CA SER E 94 7.30 -22.78 34.69
C SER E 94 7.63 -22.82 33.21
N MET E 95 8.59 -23.65 32.80
CA MET E 95 9.16 -23.61 31.47
C MET E 95 9.32 -25.02 30.92
N ILE E 96 8.81 -25.24 29.69
CA ILE E 96 8.51 -26.56 29.14
C ILE E 96 9.71 -27.20 28.45
N SER E 97 9.59 -28.49 28.13
CA SER E 97 10.73 -29.34 27.77
C SER E 97 11.50 -28.78 26.59
N THR E 98 10.81 -28.46 25.50
CA THR E 98 11.49 -27.87 24.34
C THR E 98 12.22 -26.60 24.73
N HIS E 99 11.68 -25.87 25.69
CA HIS E 99 12.34 -24.64 26.12
C HIS E 99 13.53 -24.89 27.04
N GLN E 100 13.54 -25.96 27.86
CA GLN E 100 14.82 -26.33 28.48
C GLN E 100 15.84 -26.73 27.42
N ALA E 101 15.40 -27.43 26.37
CA ALA E 101 16.34 -27.81 25.32
C ALA E 101 16.98 -26.58 24.68
N LYS E 102 16.15 -25.63 24.24
CA LYS E 102 16.70 -24.43 23.63
C LYS E 102 17.46 -23.57 24.63
N LEU E 103 17.04 -23.55 25.90
CA LEU E 103 17.74 -22.78 26.91
C LEU E 103 19.12 -23.32 27.17
N LYS E 104 19.27 -24.65 27.26
CA LYS E 104 20.60 -25.22 27.44
C LYS E 104 21.45 -25.07 26.19
N ARG E 105 20.83 -25.10 25.01
CA ARG E 105 21.56 -24.77 23.79
C ARG E 105 22.15 -23.38 23.88
N ILE E 106 21.31 -22.39 24.25
CA ILE E 106 21.80 -21.02 24.33
C ILE E 106 22.79 -20.87 25.48
N ILE E 107 22.64 -21.66 26.55
CA ILE E 107 23.61 -21.62 27.64
C ILE E 107 24.97 -22.06 27.16
N ASP E 108 25.03 -23.15 26.40
CA ASP E 108 26.27 -23.54 25.75
C ASP E 108 26.76 -22.45 24.81
N VAL E 109 25.82 -21.73 24.17
CA VAL E 109 26.20 -20.63 23.28
C VAL E 109 26.94 -19.54 24.06
N TRP E 110 26.42 -19.15 25.22
CA TRP E 110 27.17 -18.19 26.03
C TRP E 110 28.51 -18.77 26.47
N SER E 111 28.52 -20.05 26.88
CA SER E 111 29.72 -20.63 27.45
C SER E 111 30.86 -20.65 26.44
N GLN E 112 30.56 -20.98 25.18
CA GLN E 112 31.60 -21.16 24.18
C GLN E 112 32.01 -19.87 23.48
N ARG E 113 31.39 -18.73 23.81
CA ARG E 113 31.73 -17.47 23.18
C ARG E 113 32.56 -16.55 24.07
N LYS E 114 33.14 -17.09 25.15
CA LYS E 114 33.96 -16.31 26.08
C LYS E 114 33.19 -15.12 26.65
N ILE E 115 31.87 -15.27 26.77
CA ILE E 115 31.02 -14.17 27.23
C ILE E 115 31.24 -13.88 28.70
N PHE E 116 31.31 -14.90 29.54
CA PHE E 116 31.24 -14.69 30.98
C PHE E 116 32.44 -15.32 31.67
N ASP E 117 32.62 -14.96 32.93
CA ASP E 117 33.74 -15.47 33.71
C ASP E 117 33.42 -16.86 34.27
N SER E 118 34.48 -17.57 34.65
CA SER E 118 34.36 -19.00 34.95
C SER E 118 33.45 -19.25 36.15
N ASN E 119 33.56 -18.44 37.20
CA ASN E 119 32.64 -18.58 38.33
C ASN E 119 31.21 -18.37 37.88
N LEU E 120 30.98 -17.37 37.03
CA LEU E 120 29.65 -17.12 36.50
C LEU E 120 29.19 -18.28 35.61
N ILE E 121 30.09 -18.85 34.82
CA ILE E 121 29.74 -20.01 34.01
C ILE E 121 29.27 -21.16 34.88
N HIS E 122 30.02 -21.45 35.95
CA HIS E 122 29.67 -22.56 36.83
C HIS E 122 28.37 -22.29 37.55
N ARG E 123 28.13 -21.04 37.96
CA ARG E 123 26.86 -20.74 38.60
C ARG E 123 25.72 -20.76 37.58
N LEU E 124 26.03 -20.58 36.29
CA LEU E 124 24.98 -20.73 35.28
C LEU E 124 24.58 -22.20 35.11
N TYR E 125 25.55 -23.11 35.03
CA TYR E 125 25.18 -24.54 35.05
C TYR E 125 24.51 -24.97 36.36
N GLN E 126 24.86 -24.37 37.50
CA GLN E 126 24.08 -24.75 38.67
C GLN E 126 22.70 -24.11 38.65
N SER E 127 22.54 -22.99 37.94
CA SER E 127 21.22 -22.40 37.74
C SER E 127 20.34 -23.30 36.90
N ILE E 128 20.90 -23.89 35.84
CA ILE E 128 20.10 -24.76 34.96
C ILE E 128 19.78 -26.10 35.60
N GLN E 129 20.31 -26.38 36.79
CA GLN E 129 20.02 -27.63 37.51
C GLN E 129 20.34 -28.85 36.65
N ASP E 130 21.43 -28.78 35.90
CA ASP E 130 21.83 -29.89 35.03
C ASP E 130 23.33 -29.82 34.72
#